data_1R5P
# 
_entry.id   1R5P 
# 
_audit_conform.dict_name       mmcif_pdbx.dic 
_audit_conform.dict_version    5.386 
_audit_conform.dict_location   http://mmcif.pdb.org/dictionaries/ascii/mmcif_pdbx.dic 
# 
loop_
_database_2.database_id 
_database_2.database_code 
_database_2.pdbx_database_accession 
_database_2.pdbx_DOI 
PDB   1R5P         pdb_00001r5p 10.2210/pdb1r5p/pdb 
RCSB  RCSB020469   ?            ?                   
WWPDB D_1000020469 ?            ?                   
# 
loop_
_pdbx_audit_revision_history.ordinal 
_pdbx_audit_revision_history.data_content_type 
_pdbx_audit_revision_history.major_revision 
_pdbx_audit_revision_history.minor_revision 
_pdbx_audit_revision_history.revision_date 
1 'Structure model' 1 0 2004-05-04 
2 'Structure model' 1 1 2008-04-29 
3 'Structure model' 1 2 2011-07-13 
4 'Structure model' 1 3 2024-02-14 
# 
_pdbx_audit_revision_details.ordinal             1 
_pdbx_audit_revision_details.revision_ordinal    1 
_pdbx_audit_revision_details.data_content_type   'Structure model' 
_pdbx_audit_revision_details.provider            repository 
_pdbx_audit_revision_details.type                'Initial release' 
_pdbx_audit_revision_details.description         ? 
_pdbx_audit_revision_details.details             ? 
# 
loop_
_pdbx_audit_revision_group.ordinal 
_pdbx_audit_revision_group.revision_ordinal 
_pdbx_audit_revision_group.data_content_type 
_pdbx_audit_revision_group.group 
1 2 'Structure model' 'Version format compliance' 
2 3 'Structure model' 'Source and taxonomy'       
3 3 'Structure model' 'Version format compliance' 
4 4 'Structure model' 'Data collection'           
5 4 'Structure model' 'Database references'       
# 
loop_
_pdbx_audit_revision_category.ordinal 
_pdbx_audit_revision_category.revision_ordinal 
_pdbx_audit_revision_category.data_content_type 
_pdbx_audit_revision_category.category 
1 4 'Structure model' chem_comp_atom 
2 4 'Structure model' chem_comp_bond 
3 4 'Structure model' database_2     
# 
loop_
_pdbx_audit_revision_item.ordinal 
_pdbx_audit_revision_item.revision_ordinal 
_pdbx_audit_revision_item.data_content_type 
_pdbx_audit_revision_item.item 
1 4 'Structure model' '_database_2.pdbx_DOI'                
2 4 'Structure model' '_database_2.pdbx_database_accession' 
# 
_pdbx_database_status.status_code                     REL 
_pdbx_database_status.entry_id                        1R5P 
_pdbx_database_status.recvd_initial_deposition_date   2003-10-12 
_pdbx_database_status.deposit_site                    RCSB 
_pdbx_database_status.process_site                    RCSB 
_pdbx_database_status.status_code_sf                  REL 
_pdbx_database_status.SG_entry                        . 
_pdbx_database_status.pdb_format_compatible           Y 
_pdbx_database_status.status_code_mr                  ? 
_pdbx_database_status.status_code_cs                  ? 
_pdbx_database_status.status_code_nmr_data            ? 
_pdbx_database_status.methods_development_category    ? 
# 
_pdbx_database_related.db_name        PDB 
_pdbx_database_related.db_id          1R5Q 
_pdbx_database_related.details        'Crystal Structure Analysis of Kai A from PCC7120' 
_pdbx_database_related.content_type   unspecified 
# 
loop_
_audit_author.name 
_audit_author.pdbx_ordinal 
'Garces, R.G.' 1 
'Wu, N.'       2 
'Gillon, W.'   3 
'Pai, E.F.'    4 
# 
_citation.id                        primary 
_citation.title                     
'Anabaena circadian clock proteins KaiA and KaiB reveal a potential common binding site to their partner KaiC' 
_citation.journal_abbrev            'Embo J.' 
_citation.journal_volume            23 
_citation.page_first                1688 
_citation.page_last                 1698 
_citation.year                      2004 
_citation.journal_id_ASTM           EMJODG 
_citation.country                   UK 
_citation.journal_id_ISSN           0261-4189 
_citation.journal_id_CSD            0897 
_citation.book_publisher            ? 
_citation.pdbx_database_id_PubMed   15071498 
_citation.pdbx_database_id_DOI      10.1038/sj.emboj.7600190 
# 
loop_
_citation_author.citation_id 
_citation_author.name 
_citation_author.ordinal 
_citation_author.identifier_ORCID 
primary 'Garces, R.G.' 1 ? 
primary 'Wu, N.'       2 ? 
primary 'Gillon, W.'   3 ? 
primary 'Pai, E.F.'    4 ? 
# 
loop_
_entity.id 
_entity.type 
_entity.src_method 
_entity.pdbx_description 
_entity.formula_weight 
_entity.pdbx_number_of_molecules 
_entity.pdbx_ec 
_entity.pdbx_mutation 
_entity.pdbx_fragment 
_entity.details 
1 polymer man 'circadian oscillation regulator' 12291.241 2  ? ? ? ? 
2 water   nat water                             18.015    67 ? ? ? ? 
# 
_entity_name_com.entity_id   1 
_entity_name_com.name        KaiB 
# 
_entity_poly.entity_id                      1 
_entity_poly.type                           'polypeptide(L)' 
_entity_poly.nstd_linkage                   no 
_entity_poly.nstd_monomer                   no 
_entity_poly.pdbx_seq_one_letter_code       
;MNKARKTYVLKLYVAGNTPNSVRALKTLKNILEQEFQGIYALKVIDVLKNPQLAEEDKILATPTLSKILPPPVRKIIGDL
SDRERVLIGLDLLYEELTEEDWEAQSNL
;
_entity_poly.pdbx_seq_one_letter_code_can   
;MNKARKTYVLKLYVAGNTPNSVRALKTLKNILEQEFQGIYALKVIDVLKNPQLAEEDKILATPTLSKILPPPVRKIIGDL
SDRERVLIGLDLLYEELTEEDWEAQSNL
;
_entity_poly.pdbx_strand_id                 A,B 
_entity_poly.pdbx_target_identifier         ? 
# 
_pdbx_entity_nonpoly.entity_id   2 
_pdbx_entity_nonpoly.name        water 
_pdbx_entity_nonpoly.comp_id     HOH 
# 
loop_
_entity_poly_seq.entity_id 
_entity_poly_seq.num 
_entity_poly_seq.mon_id 
_entity_poly_seq.hetero 
1 1   MET n 
1 2   ASN n 
1 3   LYS n 
1 4   ALA n 
1 5   ARG n 
1 6   LYS n 
1 7   THR n 
1 8   TYR n 
1 9   VAL n 
1 10  LEU n 
1 11  LYS n 
1 12  LEU n 
1 13  TYR n 
1 14  VAL n 
1 15  ALA n 
1 16  GLY n 
1 17  ASN n 
1 18  THR n 
1 19  PRO n 
1 20  ASN n 
1 21  SER n 
1 22  VAL n 
1 23  ARG n 
1 24  ALA n 
1 25  LEU n 
1 26  LYS n 
1 27  THR n 
1 28  LEU n 
1 29  LYS n 
1 30  ASN n 
1 31  ILE n 
1 32  LEU n 
1 33  GLU n 
1 34  GLN n 
1 35  GLU n 
1 36  PHE n 
1 37  GLN n 
1 38  GLY n 
1 39  ILE n 
1 40  TYR n 
1 41  ALA n 
1 42  LEU n 
1 43  LYS n 
1 44  VAL n 
1 45  ILE n 
1 46  ASP n 
1 47  VAL n 
1 48  LEU n 
1 49  LYS n 
1 50  ASN n 
1 51  PRO n 
1 52  GLN n 
1 53  LEU n 
1 54  ALA n 
1 55  GLU n 
1 56  GLU n 
1 57  ASP n 
1 58  LYS n 
1 59  ILE n 
1 60  LEU n 
1 61  ALA n 
1 62  THR n 
1 63  PRO n 
1 64  THR n 
1 65  LEU n 
1 66  SER n 
1 67  LYS n 
1 68  ILE n 
1 69  LEU n 
1 70  PRO n 
1 71  PRO n 
1 72  PRO n 
1 73  VAL n 
1 74  ARG n 
1 75  LYS n 
1 76  ILE n 
1 77  ILE n 
1 78  GLY n 
1 79  ASP n 
1 80  LEU n 
1 81  SER n 
1 82  ASP n 
1 83  ARG n 
1 84  GLU n 
1 85  ARG n 
1 86  VAL n 
1 87  LEU n 
1 88  ILE n 
1 89  GLY n 
1 90  LEU n 
1 91  ASP n 
1 92  LEU n 
1 93  LEU n 
1 94  TYR n 
1 95  GLU n 
1 96  GLU n 
1 97  LEU n 
1 98  THR n 
1 99  GLU n 
1 100 GLU n 
1 101 ASP n 
1 102 TRP n 
1 103 GLU n 
1 104 ALA n 
1 105 GLN n 
1 106 SER n 
1 107 ASN n 
1 108 LEU n 
# 
_entity_src_gen.entity_id                          1 
_entity_src_gen.pdbx_src_id                        1 
_entity_src_gen.pdbx_alt_source_flag               sample 
_entity_src_gen.pdbx_seq_type                      ? 
_entity_src_gen.pdbx_beg_seq_num                   ? 
_entity_src_gen.pdbx_end_seq_num                   ? 
_entity_src_gen.gene_src_common_name               ? 
_entity_src_gen.gene_src_genus                     Nostoc 
_entity_src_gen.pdbx_gene_src_gene                 KaiB 
_entity_src_gen.gene_src_species                   ? 
_entity_src_gen.gene_src_strain                    'PCC 7120' 
_entity_src_gen.gene_src_tissue                    ? 
_entity_src_gen.gene_src_tissue_fraction           ? 
_entity_src_gen.gene_src_details                   ? 
_entity_src_gen.pdbx_gene_src_fragment             ? 
_entity_src_gen.pdbx_gene_src_scientific_name      'Nostoc sp.' 
_entity_src_gen.pdbx_gene_src_ncbi_taxonomy_id     103690 
_entity_src_gen.pdbx_gene_src_variant              ? 
_entity_src_gen.pdbx_gene_src_cell_line            ? 
_entity_src_gen.pdbx_gene_src_atcc                 ? 
_entity_src_gen.pdbx_gene_src_organ                ? 
_entity_src_gen.pdbx_gene_src_organelle            ? 
_entity_src_gen.pdbx_gene_src_cell                 ? 
_entity_src_gen.pdbx_gene_src_cellular_location    ? 
_entity_src_gen.host_org_common_name               ? 
_entity_src_gen.pdbx_host_org_scientific_name      'Escherichia coli BL21' 
_entity_src_gen.pdbx_host_org_ncbi_taxonomy_id     511693 
_entity_src_gen.host_org_genus                     Escherichia 
_entity_src_gen.pdbx_host_org_gene                 ? 
_entity_src_gen.pdbx_host_org_organ                ? 
_entity_src_gen.host_org_species                   'Escherichia coli' 
_entity_src_gen.pdbx_host_org_tissue               ? 
_entity_src_gen.pdbx_host_org_tissue_fraction      ? 
_entity_src_gen.pdbx_host_org_strain               BL21 
_entity_src_gen.pdbx_host_org_variant              ? 
_entity_src_gen.pdbx_host_org_cell_line            ? 
_entity_src_gen.pdbx_host_org_atcc                 ? 
_entity_src_gen.pdbx_host_org_culture_collection   ? 
_entity_src_gen.pdbx_host_org_cell                 ? 
_entity_src_gen.pdbx_host_org_organelle            ? 
_entity_src_gen.pdbx_host_org_cellular_location    ? 
_entity_src_gen.pdbx_host_org_vector_type          PLASMID 
_entity_src_gen.pdbx_host_org_vector               ? 
_entity_src_gen.host_org_details                   ? 
_entity_src_gen.expression_system_id               ? 
_entity_src_gen.plasmid_name                       pET32 
_entity_src_gen.plasmid_details                    ? 
_entity_src_gen.pdbx_description                   ? 
# 
loop_
_chem_comp.id 
_chem_comp.type 
_chem_comp.mon_nstd_flag 
_chem_comp.name 
_chem_comp.pdbx_synonyms 
_chem_comp.formula 
_chem_comp.formula_weight 
ALA 'L-peptide linking' y ALANINE         ? 'C3 H7 N O2'     89.093  
ARG 'L-peptide linking' y ARGININE        ? 'C6 H15 N4 O2 1' 175.209 
ASN 'L-peptide linking' y ASPARAGINE      ? 'C4 H8 N2 O3'    132.118 
ASP 'L-peptide linking' y 'ASPARTIC ACID' ? 'C4 H7 N O4'     133.103 
GLN 'L-peptide linking' y GLUTAMINE       ? 'C5 H10 N2 O3'   146.144 
GLU 'L-peptide linking' y 'GLUTAMIC ACID' ? 'C5 H9 N O4'     147.129 
GLY 'peptide linking'   y GLYCINE         ? 'C2 H5 N O2'     75.067  
HOH non-polymer         . WATER           ? 'H2 O'           18.015  
ILE 'L-peptide linking' y ISOLEUCINE      ? 'C6 H13 N O2'    131.173 
LEU 'L-peptide linking' y LEUCINE         ? 'C6 H13 N O2'    131.173 
LYS 'L-peptide linking' y LYSINE          ? 'C6 H15 N2 O2 1' 147.195 
MET 'L-peptide linking' y METHIONINE      ? 'C5 H11 N O2 S'  149.211 
PHE 'L-peptide linking' y PHENYLALANINE   ? 'C9 H11 N O2'    165.189 
PRO 'L-peptide linking' y PROLINE         ? 'C5 H9 N O2'     115.130 
SER 'L-peptide linking' y SERINE          ? 'C3 H7 N O3'     105.093 
THR 'L-peptide linking' y THREONINE       ? 'C4 H9 N O3'     119.119 
TRP 'L-peptide linking' y TRYPTOPHAN      ? 'C11 H12 N2 O2'  204.225 
TYR 'L-peptide linking' y TYROSINE        ? 'C9 H11 N O3'    181.189 
VAL 'L-peptide linking' y VALINE          ? 'C5 H11 N O2'    117.146 
# 
loop_
_pdbx_poly_seq_scheme.asym_id 
_pdbx_poly_seq_scheme.entity_id 
_pdbx_poly_seq_scheme.seq_id 
_pdbx_poly_seq_scheme.mon_id 
_pdbx_poly_seq_scheme.ndb_seq_num 
_pdbx_poly_seq_scheme.pdb_seq_num 
_pdbx_poly_seq_scheme.auth_seq_num 
_pdbx_poly_seq_scheme.pdb_mon_id 
_pdbx_poly_seq_scheme.auth_mon_id 
_pdbx_poly_seq_scheme.pdb_strand_id 
_pdbx_poly_seq_scheme.pdb_ins_code 
_pdbx_poly_seq_scheme.hetero 
A 1 1   MET 1   1    ?    ?   ?   A . n 
A 1 2   ASN 2   2    ?    ?   ?   A . n 
A 1 3   LYS 3   3    ?    ?   ?   A . n 
A 1 4   ALA 4   4    ?    ?   ?   A . n 
A 1 5   ARG 5   5    ?    ?   ?   A . n 
A 1 6   LYS 6   6    ?    ?   ?   A . n 
A 1 7   THR 7   7    7    THR THR A . n 
A 1 8   TYR 8   8    8    TYR TYR A . n 
A 1 9   VAL 9   9    9    VAL VAL A . n 
A 1 10  LEU 10  10   10   LEU LEU A . n 
A 1 11  LYS 11  11   11   LYS LYS A . n 
A 1 12  LEU 12  12   12   LEU LEU A . n 
A 1 13  TYR 13  13   13   TYR TYR A . n 
A 1 14  VAL 14  14   14   VAL VAL A . n 
A 1 15  ALA 15  15   15   ALA ALA A . n 
A 1 16  GLY 16  16   16   GLY GLY A . n 
A 1 17  ASN 17  17   17   ASN ASN A . n 
A 1 18  THR 18  18   18   THR THR A . n 
A 1 19  PRO 19  19   19   PRO PRO A . n 
A 1 20  ASN 20  20   20   ASN ASN A . n 
A 1 21  SER 21  21   21   SER SER A . n 
A 1 22  VAL 22  22   22   VAL VAL A . n 
A 1 23  ARG 23  23   23   ARG ARG A . n 
A 1 24  ALA 24  24   24   ALA ALA A . n 
A 1 25  LEU 25  25   25   LEU LEU A . n 
A 1 26  LYS 26  26   26   LYS LYS A . n 
A 1 27  THR 27  27   27   THR THR A . n 
A 1 28  LEU 28  28   28   LEU LEU A . n 
A 1 29  LYS 29  29   29   LYS LYS A . n 
A 1 30  ASN 30  30   30   ASN ASN A . n 
A 1 31  ILE 31  31   31   ILE ILE A . n 
A 1 32  LEU 32  32   32   LEU LEU A . n 
A 1 33  GLU 33  33   33   GLU GLU A . n 
A 1 34  GLN 34  34   34   GLN GLN A . n 
A 1 35  GLU 35  35   35   GLU GLU A . n 
A 1 36  PHE 36  36   36   PHE PHE A . n 
A 1 37  GLN 37  37   37   GLN GLN A . n 
A 1 38  GLY 38  38   38   GLY GLY A . n 
A 1 39  ILE 39  39   39   ILE ILE A . n 
A 1 40  TYR 40  40   40   TYR TYR A . n 
A 1 41  ALA 41  41   41   ALA ALA A . n 
A 1 42  LEU 42  42   42   LEU LEU A . n 
A 1 43  LYS 43  43   43   LYS LYS A . n 
A 1 44  VAL 44  44   44   VAL VAL A . n 
A 1 45  ILE 45  45   45   ILE ILE A . n 
A 1 46  ASP 46  46   46   ASP ASP A . n 
A 1 47  VAL 47  47   47   VAL VAL A . n 
A 1 48  LEU 48  48   48   LEU LEU A . n 
A 1 49  LYS 49  49   49   LYS LYS A . n 
A 1 50  ASN 50  50   50   ASN ASN A . n 
A 1 51  PRO 51  51   51   PRO PRO A . n 
A 1 52  GLN 52  52   52   GLN GLN A . n 
A 1 53  LEU 53  53   53   LEU LEU A . n 
A 1 54  ALA 54  54   54   ALA ALA A . n 
A 1 55  GLU 55  55   55   GLU GLU A . n 
A 1 56  GLU 56  56   56   GLU GLU A . n 
A 1 57  ASP 57  57   57   ASP ASP A . n 
A 1 58  LYS 58  58   58   LYS LYS A . n 
A 1 59  ILE 59  59   59   ILE ILE A . n 
A 1 60  LEU 60  60   60   LEU LEU A . n 
A 1 61  ALA 61  61   61   ALA ALA A . n 
A 1 62  THR 62  62   62   THR THR A . n 
A 1 63  PRO 63  63   63   PRO PRO A . n 
A 1 64  THR 64  64   64   THR THR A . n 
A 1 65  LEU 65  65   65   LEU LEU A . n 
A 1 66  SER 66  66   66   SER SER A . n 
A 1 67  LYS 67  67   67   LYS LYS A . n 
A 1 68  ILE 68  68   68   ILE ILE A . n 
A 1 69  LEU 69  69   69   LEU LEU A . n 
A 1 70  PRO 70  70   70   PRO PRO A . n 
A 1 71  PRO 71  71   71   PRO PRO A . n 
A 1 72  PRO 72  72   72   PRO PRO A . n 
A 1 73  VAL 73  73   73   VAL VAL A . n 
A 1 74  ARG 74  74   74   ARG ARG A . n 
A 1 75  LYS 75  75   75   LYS LYS A . n 
A 1 76  ILE 76  76   76   ILE ILE A . n 
A 1 77  ILE 77  77   77   ILE ILE A . n 
A 1 78  GLY 78  78   78   GLY GLY A . n 
A 1 79  ASP 79  79   79   ASP ASP A . n 
A 1 80  LEU 80  80   80   LEU LEU A . n 
A 1 81  SER 81  81   81   SER SER A . n 
A 1 82  ASP 82  82   82   ASP ASP A . n 
A 1 83  ARG 83  83   83   ARG ARG A . n 
A 1 84  GLU 84  84   84   GLU GLU A . n 
A 1 85  ARG 85  85   85   ARG ARG A . n 
A 1 86  VAL 86  86   86   VAL VAL A . n 
A 1 87  LEU 87  87   87   LEU LEU A . n 
A 1 88  ILE 88  88   88   ILE ILE A . n 
A 1 89  GLY 89  89   89   GLY GLY A . n 
A 1 90  LEU 90  90   90   LEU LEU A . n 
A 1 91  ASP 91  91   91   ASP ASP A . n 
A 1 92  LEU 92  92   92   LEU LEU A . n 
A 1 93  LEU 93  93   93   LEU LEU A . n 
A 1 94  TYR 94  94   94   TYR TYR A . n 
A 1 95  GLU 95  95   95   GLU GLU A . n 
A 1 96  GLU 96  96   96   GLU GLU A . n 
A 1 97  LEU 97  97   ?    ?   ?   A . n 
A 1 98  THR 98  98   ?    ?   ?   A . n 
A 1 99  GLU 99  99   ?    ?   ?   A . n 
A 1 100 GLU 100 100  ?    ?   ?   A . n 
A 1 101 ASP 101 101  ?    ?   ?   A . n 
A 1 102 TRP 102 102  ?    ?   ?   A . n 
A 1 103 GLU 103 103  ?    ?   ?   A . n 
A 1 104 ALA 104 104  ?    ?   ?   A . n 
A 1 105 GLN 105 105  ?    ?   ?   A . n 
A 1 106 SER 106 106  ?    ?   ?   A . n 
A 1 107 ASN 107 107  ?    ?   ?   A . n 
A 1 108 LEU 108 108  ?    ?   ?   A . n 
B 1 1   MET 1   1001 ?    ?   ?   B . n 
B 1 2   ASN 2   1002 ?    ?   ?   B . n 
B 1 3   LYS 3   1003 ?    ?   ?   B . n 
B 1 4   ALA 4   1004 ?    ?   ?   B . n 
B 1 5   ARG 5   1005 ?    ?   ?   B . n 
B 1 6   LYS 6   1006 1006 LYS LYS B . n 
B 1 7   THR 7   1007 1007 THR THR B . n 
B 1 8   TYR 8   1008 1008 TYR TYR B . n 
B 1 9   VAL 9   1009 1009 VAL VAL B . n 
B 1 10  LEU 10  1010 1010 LEU LEU B . n 
B 1 11  LYS 11  1011 1011 LYS LYS B . n 
B 1 12  LEU 12  1012 1012 LEU LEU B . n 
B 1 13  TYR 13  1013 1013 TYR TYR B . n 
B 1 14  VAL 14  1014 1014 VAL VAL B . n 
B 1 15  ALA 15  1015 1015 ALA ALA B . n 
B 1 16  GLY 16  1016 1016 GLY GLY B . n 
B 1 17  ASN 17  1017 1017 ASN ASN B . n 
B 1 18  THR 18  1018 1018 THR THR B . n 
B 1 19  PRO 19  1019 1019 PRO PRO B . n 
B 1 20  ASN 20  1020 1020 ASN ASN B . n 
B 1 21  SER 21  1021 1021 SER SER B . n 
B 1 22  VAL 22  1022 1022 VAL VAL B . n 
B 1 23  ARG 23  1023 1023 ARG ARG B . n 
B 1 24  ALA 24  1024 1024 ALA ALA B . n 
B 1 25  LEU 25  1025 1025 LEU LEU B . n 
B 1 26  LYS 26  1026 1026 LYS LYS B . n 
B 1 27  THR 27  1027 1027 THR THR B . n 
B 1 28  LEU 28  1028 1028 LEU LEU B . n 
B 1 29  LYS 29  1029 1029 LYS LYS B . n 
B 1 30  ASN 30  1030 1030 ASN ASN B . n 
B 1 31  ILE 31  1031 1031 ILE ILE B . n 
B 1 32  LEU 32  1032 1032 LEU LEU B . n 
B 1 33  GLU 33  1033 1033 GLU GLU B . n 
B 1 34  GLN 34  1034 1034 GLN GLN B . n 
B 1 35  GLU 35  1035 1035 GLU GLU B . n 
B 1 36  PHE 36  1036 1036 PHE PHE B . n 
B 1 37  GLN 37  1037 1037 GLN GLN B . n 
B 1 38  GLY 38  1038 1038 GLY GLY B . n 
B 1 39  ILE 39  1039 1039 ILE ILE B . n 
B 1 40  TYR 40  1040 1040 TYR TYR B . n 
B 1 41  ALA 41  1041 1041 ALA ALA B . n 
B 1 42  LEU 42  1042 1042 LEU LEU B . n 
B 1 43  LYS 43  1043 1043 LYS LYS B . n 
B 1 44  VAL 44  1044 1044 VAL VAL B . n 
B 1 45  ILE 45  1045 1045 ILE ILE B . n 
B 1 46  ASP 46  1046 1046 ASP ASP B . n 
B 1 47  VAL 47  1047 1047 VAL VAL B . n 
B 1 48  LEU 48  1048 1048 LEU LEU B . n 
B 1 49  LYS 49  1049 1049 LYS LYS B . n 
B 1 50  ASN 50  1050 1050 ASN ASN B . n 
B 1 51  PRO 51  1051 1051 PRO PRO B . n 
B 1 52  GLN 52  1052 1052 GLN GLN B . n 
B 1 53  LEU 53  1053 1053 LEU LEU B . n 
B 1 54  ALA 54  1054 1054 ALA ALA B . n 
B 1 55  GLU 55  1055 1055 GLU GLU B . n 
B 1 56  GLU 56  1056 1056 GLU GLU B . n 
B 1 57  ASP 57  1057 1057 ASP ASP B . n 
B 1 58  LYS 58  1058 1058 LYS LYS B . n 
B 1 59  ILE 59  1059 1059 ILE ILE B . n 
B 1 60  LEU 60  1060 1060 LEU LEU B . n 
B 1 61  ALA 61  1061 1061 ALA ALA B . n 
B 1 62  THR 62  1062 1062 THR THR B . n 
B 1 63  PRO 63  1063 1063 PRO PRO B . n 
B 1 64  THR 64  1064 1064 THR THR B . n 
B 1 65  LEU 65  1065 1065 LEU LEU B . n 
B 1 66  SER 66  1066 1066 SER SER B . n 
B 1 67  LYS 67  1067 1067 LYS LYS B . n 
B 1 68  ILE 68  1068 1068 ILE ILE B . n 
B 1 69  LEU 69  1069 1069 LEU LEU B . n 
B 1 70  PRO 70  1070 1070 PRO PRO B . n 
B 1 71  PRO 71  1071 1071 PRO PRO B . n 
B 1 72  PRO 72  1072 1072 PRO PRO B . n 
B 1 73  VAL 73  1073 1073 VAL VAL B . n 
B 1 74  ARG 74  1074 1074 ARG ARG B . n 
B 1 75  LYS 75  1075 1075 LYS LYS B . n 
B 1 76  ILE 76  1076 1076 ILE ILE B . n 
B 1 77  ILE 77  1077 1077 ILE ILE B . n 
B 1 78  GLY 78  1078 1078 GLY GLY B . n 
B 1 79  ASP 79  1079 1079 ASP ASP B . n 
B 1 80  LEU 80  1080 1080 LEU LEU B . n 
B 1 81  SER 81  1081 1081 SER SER B . n 
B 1 82  ASP 82  1082 1082 ASP ASP B . n 
B 1 83  ARG 83  1083 1083 ARG ARG B . n 
B 1 84  GLU 84  1084 1084 GLU GLU B . n 
B 1 85  ARG 85  1085 1085 ARG ARG B . n 
B 1 86  VAL 86  1086 1086 VAL VAL B . n 
B 1 87  LEU 87  1087 1087 LEU LEU B . n 
B 1 88  ILE 88  1088 1088 ILE ILE B . n 
B 1 89  GLY 89  1089 1089 GLY GLY B . n 
B 1 90  LEU 90  1090 1090 LEU LEU B . n 
B 1 91  ASP 91  1091 1091 ASP ASP B . n 
B 1 92  LEU 92  1092 1092 LEU LEU B . n 
B 1 93  LEU 93  1093 1093 LEU LEU B . n 
B 1 94  TYR 94  1094 1094 TYR TYR B . n 
B 1 95  GLU 95  1095 1095 GLU GLU B . n 
B 1 96  GLU 96  1096 1096 GLU GLU B . n 
B 1 97  LEU 97  1097 1097 LEU LEU B . n 
B 1 98  THR 98  1098 1098 THR THR B . n 
B 1 99  GLU 99  1099 ?    ?   ?   B . n 
B 1 100 GLU 100 1100 ?    ?   ?   B . n 
B 1 101 ASP 101 1101 ?    ?   ?   B . n 
B 1 102 TRP 102 1102 ?    ?   ?   B . n 
B 1 103 GLU 103 1103 ?    ?   ?   B . n 
B 1 104 ALA 104 1104 ?    ?   ?   B . n 
B 1 105 GLN 105 1105 ?    ?   ?   B . n 
B 1 106 SER 106 1106 ?    ?   ?   B . n 
B 1 107 ASN 107 1107 ?    ?   ?   B . n 
B 1 108 LEU 108 1108 ?    ?   ?   B . n 
# 
loop_
_pdbx_nonpoly_scheme.asym_id 
_pdbx_nonpoly_scheme.entity_id 
_pdbx_nonpoly_scheme.mon_id 
_pdbx_nonpoly_scheme.ndb_seq_num 
_pdbx_nonpoly_scheme.pdb_seq_num 
_pdbx_nonpoly_scheme.auth_seq_num 
_pdbx_nonpoly_scheme.pdb_mon_id 
_pdbx_nonpoly_scheme.auth_mon_id 
_pdbx_nonpoly_scheme.pdb_strand_id 
_pdbx_nonpoly_scheme.pdb_ins_code 
C 2 HOH 1  109 2  HOH TIP A . 
C 2 HOH 2  110 3  HOH TIP A . 
C 2 HOH 3  111 4  HOH TIP A . 
C 2 HOH 4  112 8  HOH TIP A . 
C 2 HOH 5  113 9  HOH TIP A . 
C 2 HOH 6  114 10 HOH TIP A . 
C 2 HOH 7  115 12 HOH TIP A . 
C 2 HOH 8  116 13 HOH TIP A . 
C 2 HOH 9  117 19 HOH TIP A . 
C 2 HOH 10 118 20 HOH TIP A . 
C 2 HOH 11 119 25 HOH TIP A . 
C 2 HOH 12 120 27 HOH TIP A . 
C 2 HOH 13 121 29 HOH TIP A . 
C 2 HOH 14 122 30 HOH TIP A . 
C 2 HOH 15 123 32 HOH TIP A . 
C 2 HOH 16 124 33 HOH TIP A . 
C 2 HOH 17 125 34 HOH TIP A . 
C 2 HOH 18 126 39 HOH TIP A . 
C 2 HOH 19 127 46 HOH TIP A . 
C 2 HOH 20 128 47 HOH TIP A . 
C 2 HOH 21 129 52 HOH TIP A . 
C 2 HOH 22 130 55 HOH TIP A . 
C 2 HOH 23 131 56 HOH TIP A . 
C 2 HOH 24 132 58 HOH TIP A . 
C 2 HOH 25 133 64 HOH TIP A . 
C 2 HOH 26 134 65 HOH TIP A . 
C 2 HOH 27 135 66 HOH TIP A . 
C 2 HOH 28 136 69 HOH TIP A . 
C 2 HOH 29 137 74 HOH TIP A . 
D 2 HOH 1  1   1  HOH TIP B . 
D 2 HOH 2  5   5  HOH TIP B . 
D 2 HOH 3  6   6  HOH TIP B . 
D 2 HOH 4  7   7  HOH TIP B . 
D 2 HOH 5  11  11 HOH TIP B . 
D 2 HOH 6  17  17 HOH TIP B . 
D 2 HOH 7  18  18 HOH TIP B . 
D 2 HOH 8  21  21 HOH TIP B . 
D 2 HOH 9  22  22 HOH TIP B . 
D 2 HOH 10 28  28 HOH TIP B . 
D 2 HOH 11 31  31 HOH TIP B . 
D 2 HOH 12 35  35 HOH TIP B . 
D 2 HOH 13 36  36 HOH TIP B . 
D 2 HOH 14 37  37 HOH TIP B . 
D 2 HOH 15 38  38 HOH TIP B . 
D 2 HOH 16 40  40 HOH TIP B . 
D 2 HOH 17 41  41 HOH TIP B . 
D 2 HOH 18 42  42 HOH TIP B . 
D 2 HOH 19 43  43 HOH TIP B . 
D 2 HOH 20 44  44 HOH TIP B . 
D 2 HOH 21 45  45 HOH TIP B . 
D 2 HOH 22 49  49 HOH TIP B . 
D 2 HOH 23 50  50 HOH TIP B . 
D 2 HOH 24 51  51 HOH TIP B . 
D 2 HOH 25 54  54 HOH TIP B . 
D 2 HOH 26 60  60 HOH TIP B . 
D 2 HOH 27 63  63 HOH TIP B . 
D 2 HOH 28 67  67 HOH TIP B . 
D 2 HOH 29 68  68 HOH TIP B . 
D 2 HOH 30 70  70 HOH TIP B . 
D 2 HOH 31 71  71 HOH TIP B . 
D 2 HOH 32 73  73 HOH TIP B . 
D 2 HOH 33 75  75 HOH TIP B . 
D 2 HOH 34 76  76 HOH TIP B . 
D 2 HOH 35 77  77 HOH TIP B . 
D 2 HOH 36 79  79 HOH TIP B . 
D 2 HOH 37 80  80 HOH TIP B . 
D 2 HOH 38 81  81 HOH TIP B . 
# 
loop_
_software.name 
_software.classification 
_software.version 
_software.citation_id 
_software.pdbx_ordinal 
CNS       refinement       1.1 ? 1 
DENZO     'data reduction' .   ? 2 
SCALEPACK 'data scaling'   .   ? 3 
SOLVE     phasing          .   ? 4 
# 
_cell.entry_id           1R5P 
_cell.length_a           104.755 
_cell.length_b           36.387 
_cell.length_c           54.140 
_cell.angle_alpha        90.00 
_cell.angle_beta         98.83 
_cell.angle_gamma        90.00 
_cell.Z_PDB              8 
_cell.pdbx_unique_axis   ? 
# 
_symmetry.entry_id                         1R5P 
_symmetry.space_group_name_H-M             'C 1 2 1' 
_symmetry.pdbx_full_space_group_name_H-M   ? 
_symmetry.cell_setting                     ? 
_symmetry.Int_Tables_number                5 
# 
_exptl.entry_id          1R5P 
_exptl.method            'X-RAY DIFFRACTION' 
_exptl.crystals_number   2 
# 
_exptl_crystal.id                    1 
_exptl_crystal.density_meas          ? 
_exptl_crystal.density_percent_sol   40.66 
_exptl_crystal.description           ? 
_exptl_crystal.density_Matthews      2.07 
# 
_exptl_crystal_grow.crystal_id      1 
_exptl_crystal_grow.method          'VAPOR DIFFUSION, HANGING DROP' 
_exptl_crystal_grow.temp            298.0 
_exptl_crystal_grow.temp_details    ? 
_exptl_crystal_grow.pH              7.0 
_exptl_crystal_grow.pdbx_details    'PEG 400, pH 7.0, VAPOR DIFFUSION, HANGING DROP, temperature 298.0K' 
_exptl_crystal_grow.pdbx_pH_range   . 
# 
loop_
_diffrn.id 
_diffrn.ambient_temp 
_diffrn.ambient_temp_details 
_diffrn.crystal_id 
1 200 ? 1 
2 200 ? 1 
# 
_diffrn_detector.diffrn_id              1 
_diffrn_detector.detector               CCD 
_diffrn_detector.type                   MARRESEARCH 
_diffrn_detector.pdbx_collection_date   2003-02-21 
_diffrn_detector.details                ? 
# 
_diffrn_radiation.diffrn_id                        2 
_diffrn_radiation.wavelength_id                    1 
_diffrn_radiation.pdbx_monochromatic_or_laue_m_l   M 
_diffrn_radiation.monochromator                    ? 
_diffrn_radiation.pdbx_diffrn_protocol             MAD 
_diffrn_radiation.pdbx_scattering_type             x-ray 
# 
loop_
_diffrn_radiation_wavelength.id 
_diffrn_radiation_wavelength.wavelength 
_diffrn_radiation_wavelength.wt 
1 1.0     1.0 
2 0.95705 1.0 
3 0.97943 1.0 
4 0.97971 1.0 
# 
loop_
_diffrn_source.diffrn_id 
_diffrn_source.source 
_diffrn_source.type 
_diffrn_source.pdbx_synchrotron_site 
_diffrn_source.pdbx_synchrotron_beamline 
_diffrn_source.pdbx_wavelength 
_diffrn_source.pdbx_wavelength_list 
1 SYNCHROTRON 'APS BEAMLINE 14-ID-B' APS 14-ID-B ? 1.0                         
2 SYNCHROTRON 'APS BEAMLINE 14-ID-B' APS 14-ID-B ? '0.95705, 0.97943, 0.97971' 
# 
_reflns.entry_id                     1R5P 
_reflns.observed_criterion_sigma_I   2.0 
_reflns.observed_criterion_sigma_F   2.0 
_reflns.d_resolution_low             60.0 
_reflns.d_resolution_high            2.2 
_reflns.number_obs                   10484 
_reflns.number_all                   ? 
_reflns.percent_possible_obs         93.4 
_reflns.pdbx_Rmerge_I_obs            ? 
_reflns.pdbx_Rsym_value              ? 
_reflns.pdbx_netI_over_sigmaI        ? 
_reflns.B_iso_Wilson_estimate        15.9 
_reflns.pdbx_redundancy              ? 
_reflns.R_free_details               ? 
_reflns.limit_h_max                  ? 
_reflns.limit_h_min                  ? 
_reflns.limit_k_max                  ? 
_reflns.limit_k_min                  ? 
_reflns.limit_l_max                  ? 
_reflns.limit_l_min                  ? 
_reflns.observed_criterion_F_max     ? 
_reflns.observed_criterion_F_min     ? 
_reflns.pdbx_ordinal                 1 
_reflns.pdbx_diffrn_id               2 
# 
_reflns_shell.d_res_high             2.2 
_reflns_shell.d_res_low              2.44 
_reflns_shell.percent_possible_all   99.8 
_reflns_shell.Rmerge_I_obs           ? 
_reflns_shell.pdbx_Rsym_value        ? 
_reflns_shell.meanI_over_sigI_obs    ? 
_reflns_shell.pdbx_redundancy        ? 
_reflns_shell.percent_possible_obs   ? 
_reflns_shell.number_unique_all      ? 
_reflns_shell.pdbx_ordinal           1 
_reflns_shell.pdbx_diffrn_id         2 
# 
_refine.entry_id                                 1R5P 
_refine.ls_number_reflns_obs                     10159 
_refine.ls_number_reflns_all                     ? 
_refine.pdbx_ls_sigma_I                          ? 
_refine.pdbx_ls_sigma_F                          0.0 
_refine.pdbx_data_cutoff_high_absF               554402.37 
_refine.pdbx_data_cutoff_low_absF                0.000000 
_refine.pdbx_data_cutoff_high_rms_absF           ? 
_refine.ls_d_res_low                             25.88 
_refine.ls_d_res_high                            2.20 
_refine.ls_percent_reflns_obs                    96.9 
_refine.ls_R_factor_obs                          ? 
_refine.ls_R_factor_all                          ? 
_refine.ls_R_factor_R_work                       0.212 
_refine.ls_R_factor_R_free                       0.251 
_refine.ls_R_factor_R_free_error                 0.010 
_refine.ls_R_factor_R_free_error_details         ? 
_refine.ls_percent_reflns_R_free                 5.9 
_refine.ls_number_reflns_R_free                  602 
_refine.ls_number_parameters                     ? 
_refine.ls_number_restraints                     ? 
_refine.occupancy_min                            ? 
_refine.occupancy_max                            ? 
_refine.correlation_coeff_Fo_to_Fc               ? 
_refine.correlation_coeff_Fo_to_Fc_free          ? 
_refine.B_iso_mean                               34.9 
_refine.aniso_B[1][1]                            -6.26 
_refine.aniso_B[2][2]                            19.25 
_refine.aniso_B[3][3]                            -12.99 
_refine.aniso_B[1][2]                            0.00 
_refine.aniso_B[1][3]                            1.08 
_refine.aniso_B[2][3]                            0.00 
_refine.solvent_model_details                    'FLAT MODEL' 
_refine.solvent_model_param_ksol                 0.415646 
_refine.solvent_model_param_bsol                 81.8366 
_refine.pdbx_solvent_vdw_probe_radii             ? 
_refine.pdbx_solvent_ion_probe_radii             ? 
_refine.pdbx_solvent_shrinkage_radii             ? 
_refine.pdbx_ls_cross_valid_method               THROUGHOUT 
_refine.details                                  ? 
_refine.pdbx_starting_model                      ? 
_refine.pdbx_method_to_determine_struct          MAD 
_refine.pdbx_isotropic_thermal_model             RESTRAINED 
_refine.pdbx_stereochemistry_target_values       'Engh & Huber' 
_refine.pdbx_stereochem_target_val_spec_case     ? 
_refine.pdbx_R_Free_selection_details            RANDOM 
_refine.pdbx_overall_ESU_R                       ? 
_refine.pdbx_overall_ESU_R_Free                  ? 
_refine.overall_SU_ML                            ? 
_refine.overall_SU_B                             ? 
_refine.ls_redundancy_reflns_obs                 ? 
_refine.B_iso_min                                ? 
_refine.B_iso_max                                ? 
_refine.overall_SU_R_Cruickshank_DPI             ? 
_refine.overall_SU_R_free                        ? 
_refine.pdbx_refine_id                           'X-RAY DIFFRACTION' 
_refine.pdbx_diffrn_id                           2 
_refine.pdbx_TLS_residual_ADP_flag               ? 
_refine.pdbx_overall_phase_error                 ? 
_refine.pdbx_overall_SU_R_free_Cruickshank_DPI   ? 
_refine.pdbx_overall_SU_R_Blow_DPI               ? 
_refine.pdbx_overall_SU_R_free_Blow_DPI          ? 
# 
_refine_analyze.entry_id                        1R5P 
_refine_analyze.Luzzati_coordinate_error_obs    0.25 
_refine_analyze.Luzzati_sigma_a_obs             0.16 
_refine_analyze.Luzzati_d_res_low_obs           5.00 
_refine_analyze.Luzzati_coordinate_error_free   0.32 
_refine_analyze.Luzzati_sigma_a_free            0.29 
_refine_analyze.Luzzati_d_res_low_free          ? 
_refine_analyze.number_disordered_residues      ? 
_refine_analyze.occupancy_sum_hydrogen          ? 
_refine_analyze.occupancy_sum_non_hydrogen      ? 
_refine_analyze.pdbx_Luzzati_d_res_high_obs     ? 
_refine_analyze.pdbx_refine_id                  'X-RAY DIFFRACTION' 
# 
_refine_hist.pdbx_refine_id                   'X-RAY DIFFRACTION' 
_refine_hist.cycle_id                         LAST 
_refine_hist.pdbx_number_atoms_protein        1452 
_refine_hist.pdbx_number_atoms_nucleic_acid   0 
_refine_hist.pdbx_number_atoms_ligand         0 
_refine_hist.number_atoms_solvent             67 
_refine_hist.number_atoms_total               1519 
_refine_hist.d_res_high                       2.20 
_refine_hist.d_res_low                        25.88 
# 
loop_
_refine_ls_restr.type 
_refine_ls_restr.dev_ideal 
_refine_ls_restr.dev_ideal_target 
_refine_ls_restr.weight 
_refine_ls_restr.number 
_refine_ls_restr.pdbx_refine_id 
_refine_ls_restr.pdbx_restraint_function 
c_bond_d                0.013 ?    ? ? 'X-RAY DIFFRACTION' ? 
c_bond_d_na             ?     ?    ? ? 'X-RAY DIFFRACTION' ? 
c_bond_d_prot           ?     ?    ? ? 'X-RAY DIFFRACTION' ? 
c_angle_d               ?     ?    ? ? 'X-RAY DIFFRACTION' ? 
c_angle_d_na            ?     ?    ? ? 'X-RAY DIFFRACTION' ? 
c_angle_d_prot          ?     ?    ? ? 'X-RAY DIFFRACTION' ? 
c_angle_deg             1.7   ?    ? ? 'X-RAY DIFFRACTION' ? 
c_angle_deg_na          ?     ?    ? ? 'X-RAY DIFFRACTION' ? 
c_angle_deg_prot        ?     ?    ? ? 'X-RAY DIFFRACTION' ? 
c_dihedral_angle_d      23.0  ?    ? ? 'X-RAY DIFFRACTION' ? 
c_dihedral_angle_d_na   ?     ?    ? ? 'X-RAY DIFFRACTION' ? 
c_dihedral_angle_d_prot ?     ?    ? ? 'X-RAY DIFFRACTION' ? 
c_improper_angle_d      1.10  ?    ? ? 'X-RAY DIFFRACTION' ? 
c_improper_angle_d_na   ?     ?    ? ? 'X-RAY DIFFRACTION' ? 
c_improper_angle_d_prot ?     ?    ? ? 'X-RAY DIFFRACTION' ? 
c_mcbond_it             1.29  1.50 ? ? 'X-RAY DIFFRACTION' ? 
c_mcangle_it            2.17  2.00 ? ? 'X-RAY DIFFRACTION' ? 
c_scbond_it             1.72  2.00 ? ? 'X-RAY DIFFRACTION' ? 
c_scangle_it            2.72  2.50 ? ? 'X-RAY DIFFRACTION' ? 
# 
_refine_ls_shell.pdbx_total_number_of_bins_used   6 
_refine_ls_shell.d_res_high                       2.20 
_refine_ls_shell.d_res_low                        2.34 
_refine_ls_shell.number_reflns_R_work             1506 
_refine_ls_shell.R_factor_R_work                  0.229 
_refine_ls_shell.percent_reflns_obs               95.2 
_refine_ls_shell.R_factor_R_free                  0.314 
_refine_ls_shell.R_factor_R_free_error            0.027 
_refine_ls_shell.percent_reflns_R_free            8.4 
_refine_ls_shell.number_reflns_R_free             138 
_refine_ls_shell.number_reflns_obs                ? 
_refine_ls_shell.redundancy_reflns_obs            ? 
_refine_ls_shell.number_reflns_all                ? 
_refine_ls_shell.pdbx_refine_id                   'X-RAY DIFFRACTION' 
_refine_ls_shell.R_factor_all                     ? 
# 
loop_
_pdbx_xplor_file.serial_no 
_pdbx_xplor_file.param_file 
_pdbx_xplor_file.topol_file 
_pdbx_xplor_file.pdbx_refine_id 
1 PROTEIN_REP.PARAM PROTEIN.TOP 'X-RAY DIFFRACTION' 
2 WATER.PARAM       ?           'X-RAY DIFFRACTION' 
# 
_struct.entry_id                  1R5P 
_struct.title                     'Crystal Structure Analysis of KaiB from PCC7120' 
_struct.pdbx_model_details        ? 
_struct.pdbx_CASP_flag            ? 
_struct.pdbx_model_type_details   ? 
# 
_struct_keywords.entry_id        1R5P 
_struct_keywords.pdbx_keywords   'GENE REGULATION' 
_struct_keywords.text            'ALPHA-BETA MEANDER, PROTEIN DIMER, GENE REGULATION' 
# 
loop_
_struct_asym.id 
_struct_asym.pdbx_blank_PDB_chainid_flag 
_struct_asym.pdbx_modified 
_struct_asym.entity_id 
_struct_asym.details 
A N N 1 ? 
B N N 1 ? 
C N N 2 ? 
D N N 2 ? 
# 
_struct_ref.id                         1 
_struct_ref.db_name                    UNP 
_struct_ref.db_code                    KAIB_ANASP 
_struct_ref.pdbx_db_accession          Q8YT41 
_struct_ref.entity_id                  1 
_struct_ref.pdbx_seq_one_letter_code   
;MNKARKTYVLKLYVAGNTPNSVRALKTLKNILEQEFQGIYALKVIDVLKNPQLAEEDKILATPTLSKILPPPVRKIIGDL
SDRERVLIGLDLLYEELTEEDWEAQSNL
;
_struct_ref.pdbx_align_begin           1 
_struct_ref.pdbx_db_isoform            ? 
# 
loop_
_struct_ref_seq.align_id 
_struct_ref_seq.ref_id 
_struct_ref_seq.pdbx_PDB_id_code 
_struct_ref_seq.pdbx_strand_id 
_struct_ref_seq.seq_align_beg 
_struct_ref_seq.pdbx_seq_align_beg_ins_code 
_struct_ref_seq.seq_align_end 
_struct_ref_seq.pdbx_seq_align_end_ins_code 
_struct_ref_seq.pdbx_db_accession 
_struct_ref_seq.db_align_beg 
_struct_ref_seq.pdbx_db_align_beg_ins_code 
_struct_ref_seq.db_align_end 
_struct_ref_seq.pdbx_db_align_end_ins_code 
_struct_ref_seq.pdbx_auth_seq_align_beg 
_struct_ref_seq.pdbx_auth_seq_align_end 
1 1 1R5P A 1 ? 108 ? Q8YT41 1 ? 108 ? 1    108  
2 1 1R5P B 1 ? 108 ? Q8YT41 1 ? 108 ? 1001 1108 
# 
loop_
_pdbx_struct_assembly.id 
_pdbx_struct_assembly.details 
_pdbx_struct_assembly.method_details 
_pdbx_struct_assembly.oligomeric_details 
_pdbx_struct_assembly.oligomeric_count 
1 author_and_software_defined_assembly PISA dimeric    2 
2 software_defined_assembly            PISA tetrameric 4 
# 
loop_
_pdbx_struct_assembly_prop.biol_id 
_pdbx_struct_assembly_prop.type 
_pdbx_struct_assembly_prop.value 
_pdbx_struct_assembly_prop.details 
1 'ABSA (A^2)' 1540  ? 
1 MORE         -9    ? 
1 'SSA (A^2)'  9870  ? 
2 'ABSA (A^2)' 6520  ? 
2 MORE         -41   ? 
2 'SSA (A^2)'  16290 ? 
# 
loop_
_pdbx_struct_assembly_gen.assembly_id 
_pdbx_struct_assembly_gen.oper_expression 
_pdbx_struct_assembly_gen.asym_id_list 
1 1   A,B,C,D 
2 1,2 A,B,C,D 
# 
loop_
_pdbx_struct_oper_list.id 
_pdbx_struct_oper_list.type 
_pdbx_struct_oper_list.name 
_pdbx_struct_oper_list.symmetry_operation 
_pdbx_struct_oper_list.matrix[1][1] 
_pdbx_struct_oper_list.matrix[1][2] 
_pdbx_struct_oper_list.matrix[1][3] 
_pdbx_struct_oper_list.vector[1] 
_pdbx_struct_oper_list.matrix[2][1] 
_pdbx_struct_oper_list.matrix[2][2] 
_pdbx_struct_oper_list.matrix[2][3] 
_pdbx_struct_oper_list.vector[2] 
_pdbx_struct_oper_list.matrix[3][1] 
_pdbx_struct_oper_list.matrix[3][2] 
_pdbx_struct_oper_list.matrix[3][3] 
_pdbx_struct_oper_list.vector[3] 
1 'identity operation'         1_555 x,y,z       1.0000000000  0.0000000000  0.0000000000 0.0000000000   0.0000000000  1.0000000000 0.0000000000  0.0000000000   0.0000000000 0.0000000000  1.0000000000  0.0000000000  
2 'crystal symmetry operation' 2_656 -x+1,y,-z+1 -0.2085734853 -0.8982299016 0.3868851833 -20.2201772628 -0.8982299016 0.0194464567 -0.4390955240 -17.9406693736 0.3868851833 -0.4390955240 -0.8108729714 -0.2896499357 
# 
_struct_biol.id                    1 
_struct_biol.pdbx_parent_biol_id   ? 
_struct_biol.details               ? 
# 
loop_
_struct_conf.conf_type_id 
_struct_conf.id 
_struct_conf.pdbx_PDB_helix_id 
_struct_conf.beg_label_comp_id 
_struct_conf.beg_label_asym_id 
_struct_conf.beg_label_seq_id 
_struct_conf.pdbx_beg_PDB_ins_code 
_struct_conf.end_label_comp_id 
_struct_conf.end_label_asym_id 
_struct_conf.end_label_seq_id 
_struct_conf.pdbx_end_PDB_ins_code 
_struct_conf.beg_auth_comp_id 
_struct_conf.beg_auth_asym_id 
_struct_conf.beg_auth_seq_id 
_struct_conf.end_auth_comp_id 
_struct_conf.end_auth_asym_id 
_struct_conf.end_auth_seq_id 
_struct_conf.pdbx_PDB_helix_class 
_struct_conf.details 
_struct_conf.pdbx_PDB_helix_length 
HELX_P HELX_P1 1 THR A 18 ? GLN A 37 ? THR A 18   GLN A 37   1 ? 20 
HELX_P HELX_P2 2 ALA A 61 ? SER A 66 ? ALA A 61   SER A 66   1 ? 6  
HELX_P HELX_P3 3 LYS A 67 ? LEU A 69 ? LYS A 67   LEU A 69   5 ? 3  
HELX_P HELX_P4 4 PRO A 70 ? ARG A 83 ? PRO A 70   ARG A 83   1 ? 14 
HELX_P HELX_P5 5 THR B 18 ? PHE B 36 ? THR B 1018 PHE B 1036 1 ? 19 
HELX_P HELX_P6 6 ALA B 61 ? LYS B 67 ? ALA B 1061 LYS B 1067 1 ? 7  
HELX_P HELX_P7 7 PRO B 70 ? ARG B 83 ? PRO B 1070 ARG B 1083 1 ? 14 
# 
_struct_conf_type.id          HELX_P 
_struct_conf_type.criteria    ? 
_struct_conf_type.reference   ? 
# 
loop_
_struct_sheet.id 
_struct_sheet.type 
_struct_sheet.number_strands 
_struct_sheet.details 
A ? 3 ? 
B ? 2 ? 
C ? 3 ? 
# 
loop_
_struct_sheet_order.sheet_id 
_struct_sheet_order.range_id_1 
_struct_sheet_order.range_id_2 
_struct_sheet_order.offset 
_struct_sheet_order.sense 
A 1 2 ? parallel      
A 2 3 ? anti-parallel 
B 1 2 ? anti-parallel 
C 1 2 ? parallel      
C 2 3 ? anti-parallel 
# 
loop_
_struct_sheet_range.sheet_id 
_struct_sheet_range.id 
_struct_sheet_range.beg_label_comp_id 
_struct_sheet_range.beg_label_asym_id 
_struct_sheet_range.beg_label_seq_id 
_struct_sheet_range.pdbx_beg_PDB_ins_code 
_struct_sheet_range.end_label_comp_id 
_struct_sheet_range.end_label_asym_id 
_struct_sheet_range.end_label_seq_id 
_struct_sheet_range.pdbx_end_PDB_ins_code 
_struct_sheet_range.beg_auth_comp_id 
_struct_sheet_range.beg_auth_asym_id 
_struct_sheet_range.beg_auth_seq_id 
_struct_sheet_range.end_auth_comp_id 
_struct_sheet_range.end_auth_asym_id 
_struct_sheet_range.end_auth_seq_id 
A 1 TYR A 40 ? ASP A 46 ? TYR A 40   ASP A 46   
A 2 TYR A 8  ? VAL A 14 ? TYR A 8    VAL A 14   
A 3 LEU A 87 ? TYR A 94 ? LEU A 87   TYR A 94   
B 1 ILE A 59 ? LEU A 60 ? ILE A 59   LEU A 60   
B 2 LYS B 58 ? ILE B 59 ? LYS B 1058 ILE B 1059 
C 1 TYR B 40 ? ASP B 46 ? TYR B 1040 ASP B 1046 
C 2 THR B 7  ? VAL B 14 ? THR B 1007 VAL B 1014 
C 3 LEU B 87 ? GLU B 95 ? LEU B 1087 GLU B 1095 
# 
loop_
_pdbx_struct_sheet_hbond.sheet_id 
_pdbx_struct_sheet_hbond.range_id_1 
_pdbx_struct_sheet_hbond.range_id_2 
_pdbx_struct_sheet_hbond.range_1_label_atom_id 
_pdbx_struct_sheet_hbond.range_1_label_comp_id 
_pdbx_struct_sheet_hbond.range_1_label_asym_id 
_pdbx_struct_sheet_hbond.range_1_label_seq_id 
_pdbx_struct_sheet_hbond.range_1_PDB_ins_code 
_pdbx_struct_sheet_hbond.range_1_auth_atom_id 
_pdbx_struct_sheet_hbond.range_1_auth_comp_id 
_pdbx_struct_sheet_hbond.range_1_auth_asym_id 
_pdbx_struct_sheet_hbond.range_1_auth_seq_id 
_pdbx_struct_sheet_hbond.range_2_label_atom_id 
_pdbx_struct_sheet_hbond.range_2_label_comp_id 
_pdbx_struct_sheet_hbond.range_2_label_asym_id 
_pdbx_struct_sheet_hbond.range_2_label_seq_id 
_pdbx_struct_sheet_hbond.range_2_PDB_ins_code 
_pdbx_struct_sheet_hbond.range_2_auth_atom_id 
_pdbx_struct_sheet_hbond.range_2_auth_comp_id 
_pdbx_struct_sheet_hbond.range_2_auth_asym_id 
_pdbx_struct_sheet_hbond.range_2_auth_seq_id 
A 1 2 O ILE A 45 ? O ILE A 45   N LEU A 12 ? N LEU A 12   
A 2 3 N VAL A 9  ? N VAL A 9    O LEU A 93 ? O LEU A 93   
B 1 2 N ILE A 59 ? N ILE A 59   O ILE B 59 ? O ILE B 1059 
C 1 2 O ALA B 41 ? O ALA B 1041 N LEU B 10 ? N LEU B 1010 
C 2 3 N THR B 7  ? N THR B 1007 O GLU B 95 ? O GLU B 1095 
# 
loop_
_pdbx_validate_torsion.id 
_pdbx_validate_torsion.PDB_model_num 
_pdbx_validate_torsion.auth_comp_id 
_pdbx_validate_torsion.auth_asym_id 
_pdbx_validate_torsion.auth_seq_id 
_pdbx_validate_torsion.PDB_ins_code 
_pdbx_validate_torsion.label_alt_id 
_pdbx_validate_torsion.phi 
_pdbx_validate_torsion.psi 
1 1 GLN A 37   ? ? 38.70   44.66  
2 1 GLU A 55   ? ? -29.97  -61.49 
3 1 THR A 64   ? ? -68.54  -74.18 
4 1 ALA B 1015 ? ? -103.12 79.92  
5 1 ARG B 1083 ? ? -99.51  -64.31 
# 
loop_
_pdbx_struct_special_symmetry.id 
_pdbx_struct_special_symmetry.PDB_model_num 
_pdbx_struct_special_symmetry.auth_asym_id 
_pdbx_struct_special_symmetry.auth_comp_id 
_pdbx_struct_special_symmetry.auth_seq_id 
_pdbx_struct_special_symmetry.PDB_ins_code 
_pdbx_struct_special_symmetry.label_asym_id 
_pdbx_struct_special_symmetry.label_comp_id 
_pdbx_struct_special_symmetry.label_seq_id 
1 1 A HOH 123 ? C HOH . 
2 1 A HOH 135 ? C HOH . 
# 
loop_
_pdbx_unobs_or_zero_occ_residues.id 
_pdbx_unobs_or_zero_occ_residues.PDB_model_num 
_pdbx_unobs_or_zero_occ_residues.polymer_flag 
_pdbx_unobs_or_zero_occ_residues.occupancy_flag 
_pdbx_unobs_or_zero_occ_residues.auth_asym_id 
_pdbx_unobs_or_zero_occ_residues.auth_comp_id 
_pdbx_unobs_or_zero_occ_residues.auth_seq_id 
_pdbx_unobs_or_zero_occ_residues.PDB_ins_code 
_pdbx_unobs_or_zero_occ_residues.label_asym_id 
_pdbx_unobs_or_zero_occ_residues.label_comp_id 
_pdbx_unobs_or_zero_occ_residues.label_seq_id 
1  1 Y 1 A MET 1    ? A MET 1   
2  1 Y 1 A ASN 2    ? A ASN 2   
3  1 Y 1 A LYS 3    ? A LYS 3   
4  1 Y 1 A ALA 4    ? A ALA 4   
5  1 Y 1 A ARG 5    ? A ARG 5   
6  1 Y 1 A LYS 6    ? A LYS 6   
7  1 Y 1 A LEU 97   ? A LEU 97  
8  1 Y 1 A THR 98   ? A THR 98  
9  1 Y 1 A GLU 99   ? A GLU 99  
10 1 Y 1 A GLU 100  ? A GLU 100 
11 1 Y 1 A ASP 101  ? A ASP 101 
12 1 Y 1 A TRP 102  ? A TRP 102 
13 1 Y 1 A GLU 103  ? A GLU 103 
14 1 Y 1 A ALA 104  ? A ALA 104 
15 1 Y 1 A GLN 105  ? A GLN 105 
16 1 Y 1 A SER 106  ? A SER 106 
17 1 Y 1 A ASN 107  ? A ASN 107 
18 1 Y 1 A LEU 108  ? A LEU 108 
19 1 Y 1 B MET 1001 ? B MET 1   
20 1 Y 1 B ASN 1002 ? B ASN 2   
21 1 Y 1 B LYS 1003 ? B LYS 3   
22 1 Y 1 B ALA 1004 ? B ALA 4   
23 1 Y 1 B ARG 1005 ? B ARG 5   
24 1 Y 1 B GLU 1099 ? B GLU 99  
25 1 Y 1 B GLU 1100 ? B GLU 100 
26 1 Y 1 B ASP 1101 ? B ASP 101 
27 1 Y 1 B TRP 1102 ? B TRP 102 
28 1 Y 1 B GLU 1103 ? B GLU 103 
29 1 Y 1 B ALA 1104 ? B ALA 104 
30 1 Y 1 B GLN 1105 ? B GLN 105 
31 1 Y 1 B SER 1106 ? B SER 106 
32 1 Y 1 B ASN 1107 ? B ASN 107 
33 1 Y 1 B LEU 1108 ? B LEU 108 
# 
loop_
_chem_comp_atom.comp_id 
_chem_comp_atom.atom_id 
_chem_comp_atom.type_symbol 
_chem_comp_atom.pdbx_aromatic_flag 
_chem_comp_atom.pdbx_stereo_config 
_chem_comp_atom.pdbx_ordinal 
ALA N    N N N 1   
ALA CA   C N S 2   
ALA C    C N N 3   
ALA O    O N N 4   
ALA CB   C N N 5   
ALA OXT  O N N 6   
ALA H    H N N 7   
ALA H2   H N N 8   
ALA HA   H N N 9   
ALA HB1  H N N 10  
ALA HB2  H N N 11  
ALA HB3  H N N 12  
ALA HXT  H N N 13  
ARG N    N N N 14  
ARG CA   C N S 15  
ARG C    C N N 16  
ARG O    O N N 17  
ARG CB   C N N 18  
ARG CG   C N N 19  
ARG CD   C N N 20  
ARG NE   N N N 21  
ARG CZ   C N N 22  
ARG NH1  N N N 23  
ARG NH2  N N N 24  
ARG OXT  O N N 25  
ARG H    H N N 26  
ARG H2   H N N 27  
ARG HA   H N N 28  
ARG HB2  H N N 29  
ARG HB3  H N N 30  
ARG HG2  H N N 31  
ARG HG3  H N N 32  
ARG HD2  H N N 33  
ARG HD3  H N N 34  
ARG HE   H N N 35  
ARG HH11 H N N 36  
ARG HH12 H N N 37  
ARG HH21 H N N 38  
ARG HH22 H N N 39  
ARG HXT  H N N 40  
ASN N    N N N 41  
ASN CA   C N S 42  
ASN C    C N N 43  
ASN O    O N N 44  
ASN CB   C N N 45  
ASN CG   C N N 46  
ASN OD1  O N N 47  
ASN ND2  N N N 48  
ASN OXT  O N N 49  
ASN H    H N N 50  
ASN H2   H N N 51  
ASN HA   H N N 52  
ASN HB2  H N N 53  
ASN HB3  H N N 54  
ASN HD21 H N N 55  
ASN HD22 H N N 56  
ASN HXT  H N N 57  
ASP N    N N N 58  
ASP CA   C N S 59  
ASP C    C N N 60  
ASP O    O N N 61  
ASP CB   C N N 62  
ASP CG   C N N 63  
ASP OD1  O N N 64  
ASP OD2  O N N 65  
ASP OXT  O N N 66  
ASP H    H N N 67  
ASP H2   H N N 68  
ASP HA   H N N 69  
ASP HB2  H N N 70  
ASP HB3  H N N 71  
ASP HD2  H N N 72  
ASP HXT  H N N 73  
GLN N    N N N 74  
GLN CA   C N S 75  
GLN C    C N N 76  
GLN O    O N N 77  
GLN CB   C N N 78  
GLN CG   C N N 79  
GLN CD   C N N 80  
GLN OE1  O N N 81  
GLN NE2  N N N 82  
GLN OXT  O N N 83  
GLN H    H N N 84  
GLN H2   H N N 85  
GLN HA   H N N 86  
GLN HB2  H N N 87  
GLN HB3  H N N 88  
GLN HG2  H N N 89  
GLN HG3  H N N 90  
GLN HE21 H N N 91  
GLN HE22 H N N 92  
GLN HXT  H N N 93  
GLU N    N N N 94  
GLU CA   C N S 95  
GLU C    C N N 96  
GLU O    O N N 97  
GLU CB   C N N 98  
GLU CG   C N N 99  
GLU CD   C N N 100 
GLU OE1  O N N 101 
GLU OE2  O N N 102 
GLU OXT  O N N 103 
GLU H    H N N 104 
GLU H2   H N N 105 
GLU HA   H N N 106 
GLU HB2  H N N 107 
GLU HB3  H N N 108 
GLU HG2  H N N 109 
GLU HG3  H N N 110 
GLU HE2  H N N 111 
GLU HXT  H N N 112 
GLY N    N N N 113 
GLY CA   C N N 114 
GLY C    C N N 115 
GLY O    O N N 116 
GLY OXT  O N N 117 
GLY H    H N N 118 
GLY H2   H N N 119 
GLY HA2  H N N 120 
GLY HA3  H N N 121 
GLY HXT  H N N 122 
HOH O    O N N 123 
HOH H1   H N N 124 
HOH H2   H N N 125 
ILE N    N N N 126 
ILE CA   C N S 127 
ILE C    C N N 128 
ILE O    O N N 129 
ILE CB   C N S 130 
ILE CG1  C N N 131 
ILE CG2  C N N 132 
ILE CD1  C N N 133 
ILE OXT  O N N 134 
ILE H    H N N 135 
ILE H2   H N N 136 
ILE HA   H N N 137 
ILE HB   H N N 138 
ILE HG12 H N N 139 
ILE HG13 H N N 140 
ILE HG21 H N N 141 
ILE HG22 H N N 142 
ILE HG23 H N N 143 
ILE HD11 H N N 144 
ILE HD12 H N N 145 
ILE HD13 H N N 146 
ILE HXT  H N N 147 
LEU N    N N N 148 
LEU CA   C N S 149 
LEU C    C N N 150 
LEU O    O N N 151 
LEU CB   C N N 152 
LEU CG   C N N 153 
LEU CD1  C N N 154 
LEU CD2  C N N 155 
LEU OXT  O N N 156 
LEU H    H N N 157 
LEU H2   H N N 158 
LEU HA   H N N 159 
LEU HB2  H N N 160 
LEU HB3  H N N 161 
LEU HG   H N N 162 
LEU HD11 H N N 163 
LEU HD12 H N N 164 
LEU HD13 H N N 165 
LEU HD21 H N N 166 
LEU HD22 H N N 167 
LEU HD23 H N N 168 
LEU HXT  H N N 169 
LYS N    N N N 170 
LYS CA   C N S 171 
LYS C    C N N 172 
LYS O    O N N 173 
LYS CB   C N N 174 
LYS CG   C N N 175 
LYS CD   C N N 176 
LYS CE   C N N 177 
LYS NZ   N N N 178 
LYS OXT  O N N 179 
LYS H    H N N 180 
LYS H2   H N N 181 
LYS HA   H N N 182 
LYS HB2  H N N 183 
LYS HB3  H N N 184 
LYS HG2  H N N 185 
LYS HG3  H N N 186 
LYS HD2  H N N 187 
LYS HD3  H N N 188 
LYS HE2  H N N 189 
LYS HE3  H N N 190 
LYS HZ1  H N N 191 
LYS HZ2  H N N 192 
LYS HZ3  H N N 193 
LYS HXT  H N N 194 
MET N    N N N 195 
MET CA   C N S 196 
MET C    C N N 197 
MET O    O N N 198 
MET CB   C N N 199 
MET CG   C N N 200 
MET SD   S N N 201 
MET CE   C N N 202 
MET OXT  O N N 203 
MET H    H N N 204 
MET H2   H N N 205 
MET HA   H N N 206 
MET HB2  H N N 207 
MET HB3  H N N 208 
MET HG2  H N N 209 
MET HG3  H N N 210 
MET HE1  H N N 211 
MET HE2  H N N 212 
MET HE3  H N N 213 
MET HXT  H N N 214 
PHE N    N N N 215 
PHE CA   C N S 216 
PHE C    C N N 217 
PHE O    O N N 218 
PHE CB   C N N 219 
PHE CG   C Y N 220 
PHE CD1  C Y N 221 
PHE CD2  C Y N 222 
PHE CE1  C Y N 223 
PHE CE2  C Y N 224 
PHE CZ   C Y N 225 
PHE OXT  O N N 226 
PHE H    H N N 227 
PHE H2   H N N 228 
PHE HA   H N N 229 
PHE HB2  H N N 230 
PHE HB3  H N N 231 
PHE HD1  H N N 232 
PHE HD2  H N N 233 
PHE HE1  H N N 234 
PHE HE2  H N N 235 
PHE HZ   H N N 236 
PHE HXT  H N N 237 
PRO N    N N N 238 
PRO CA   C N S 239 
PRO C    C N N 240 
PRO O    O N N 241 
PRO CB   C N N 242 
PRO CG   C N N 243 
PRO CD   C N N 244 
PRO OXT  O N N 245 
PRO H    H N N 246 
PRO HA   H N N 247 
PRO HB2  H N N 248 
PRO HB3  H N N 249 
PRO HG2  H N N 250 
PRO HG3  H N N 251 
PRO HD2  H N N 252 
PRO HD3  H N N 253 
PRO HXT  H N N 254 
SER N    N N N 255 
SER CA   C N S 256 
SER C    C N N 257 
SER O    O N N 258 
SER CB   C N N 259 
SER OG   O N N 260 
SER OXT  O N N 261 
SER H    H N N 262 
SER H2   H N N 263 
SER HA   H N N 264 
SER HB2  H N N 265 
SER HB3  H N N 266 
SER HG   H N N 267 
SER HXT  H N N 268 
THR N    N N N 269 
THR CA   C N S 270 
THR C    C N N 271 
THR O    O N N 272 
THR CB   C N R 273 
THR OG1  O N N 274 
THR CG2  C N N 275 
THR OXT  O N N 276 
THR H    H N N 277 
THR H2   H N N 278 
THR HA   H N N 279 
THR HB   H N N 280 
THR HG1  H N N 281 
THR HG21 H N N 282 
THR HG22 H N N 283 
THR HG23 H N N 284 
THR HXT  H N N 285 
TRP N    N N N 286 
TRP CA   C N S 287 
TRP C    C N N 288 
TRP O    O N N 289 
TRP CB   C N N 290 
TRP CG   C Y N 291 
TRP CD1  C Y N 292 
TRP CD2  C Y N 293 
TRP NE1  N Y N 294 
TRP CE2  C Y N 295 
TRP CE3  C Y N 296 
TRP CZ2  C Y N 297 
TRP CZ3  C Y N 298 
TRP CH2  C Y N 299 
TRP OXT  O N N 300 
TRP H    H N N 301 
TRP H2   H N N 302 
TRP HA   H N N 303 
TRP HB2  H N N 304 
TRP HB3  H N N 305 
TRP HD1  H N N 306 
TRP HE1  H N N 307 
TRP HE3  H N N 308 
TRP HZ2  H N N 309 
TRP HZ3  H N N 310 
TRP HH2  H N N 311 
TRP HXT  H N N 312 
TYR N    N N N 313 
TYR CA   C N S 314 
TYR C    C N N 315 
TYR O    O N N 316 
TYR CB   C N N 317 
TYR CG   C Y N 318 
TYR CD1  C Y N 319 
TYR CD2  C Y N 320 
TYR CE1  C Y N 321 
TYR CE2  C Y N 322 
TYR CZ   C Y N 323 
TYR OH   O N N 324 
TYR OXT  O N N 325 
TYR H    H N N 326 
TYR H2   H N N 327 
TYR HA   H N N 328 
TYR HB2  H N N 329 
TYR HB3  H N N 330 
TYR HD1  H N N 331 
TYR HD2  H N N 332 
TYR HE1  H N N 333 
TYR HE2  H N N 334 
TYR HH   H N N 335 
TYR HXT  H N N 336 
VAL N    N N N 337 
VAL CA   C N S 338 
VAL C    C N N 339 
VAL O    O N N 340 
VAL CB   C N N 341 
VAL CG1  C N N 342 
VAL CG2  C N N 343 
VAL OXT  O N N 344 
VAL H    H N N 345 
VAL H2   H N N 346 
VAL HA   H N N 347 
VAL HB   H N N 348 
VAL HG11 H N N 349 
VAL HG12 H N N 350 
VAL HG13 H N N 351 
VAL HG21 H N N 352 
VAL HG22 H N N 353 
VAL HG23 H N N 354 
VAL HXT  H N N 355 
# 
loop_
_chem_comp_bond.comp_id 
_chem_comp_bond.atom_id_1 
_chem_comp_bond.atom_id_2 
_chem_comp_bond.value_order 
_chem_comp_bond.pdbx_aromatic_flag 
_chem_comp_bond.pdbx_stereo_config 
_chem_comp_bond.pdbx_ordinal 
ALA N   CA   sing N N 1   
ALA N   H    sing N N 2   
ALA N   H2   sing N N 3   
ALA CA  C    sing N N 4   
ALA CA  CB   sing N N 5   
ALA CA  HA   sing N N 6   
ALA C   O    doub N N 7   
ALA C   OXT  sing N N 8   
ALA CB  HB1  sing N N 9   
ALA CB  HB2  sing N N 10  
ALA CB  HB3  sing N N 11  
ALA OXT HXT  sing N N 12  
ARG N   CA   sing N N 13  
ARG N   H    sing N N 14  
ARG N   H2   sing N N 15  
ARG CA  C    sing N N 16  
ARG CA  CB   sing N N 17  
ARG CA  HA   sing N N 18  
ARG C   O    doub N N 19  
ARG C   OXT  sing N N 20  
ARG CB  CG   sing N N 21  
ARG CB  HB2  sing N N 22  
ARG CB  HB3  sing N N 23  
ARG CG  CD   sing N N 24  
ARG CG  HG2  sing N N 25  
ARG CG  HG3  sing N N 26  
ARG CD  NE   sing N N 27  
ARG CD  HD2  sing N N 28  
ARG CD  HD3  sing N N 29  
ARG NE  CZ   sing N N 30  
ARG NE  HE   sing N N 31  
ARG CZ  NH1  sing N N 32  
ARG CZ  NH2  doub N N 33  
ARG NH1 HH11 sing N N 34  
ARG NH1 HH12 sing N N 35  
ARG NH2 HH21 sing N N 36  
ARG NH2 HH22 sing N N 37  
ARG OXT HXT  sing N N 38  
ASN N   CA   sing N N 39  
ASN N   H    sing N N 40  
ASN N   H2   sing N N 41  
ASN CA  C    sing N N 42  
ASN CA  CB   sing N N 43  
ASN CA  HA   sing N N 44  
ASN C   O    doub N N 45  
ASN C   OXT  sing N N 46  
ASN CB  CG   sing N N 47  
ASN CB  HB2  sing N N 48  
ASN CB  HB3  sing N N 49  
ASN CG  OD1  doub N N 50  
ASN CG  ND2  sing N N 51  
ASN ND2 HD21 sing N N 52  
ASN ND2 HD22 sing N N 53  
ASN OXT HXT  sing N N 54  
ASP N   CA   sing N N 55  
ASP N   H    sing N N 56  
ASP N   H2   sing N N 57  
ASP CA  C    sing N N 58  
ASP CA  CB   sing N N 59  
ASP CA  HA   sing N N 60  
ASP C   O    doub N N 61  
ASP C   OXT  sing N N 62  
ASP CB  CG   sing N N 63  
ASP CB  HB2  sing N N 64  
ASP CB  HB3  sing N N 65  
ASP CG  OD1  doub N N 66  
ASP CG  OD2  sing N N 67  
ASP OD2 HD2  sing N N 68  
ASP OXT HXT  sing N N 69  
GLN N   CA   sing N N 70  
GLN N   H    sing N N 71  
GLN N   H2   sing N N 72  
GLN CA  C    sing N N 73  
GLN CA  CB   sing N N 74  
GLN CA  HA   sing N N 75  
GLN C   O    doub N N 76  
GLN C   OXT  sing N N 77  
GLN CB  CG   sing N N 78  
GLN CB  HB2  sing N N 79  
GLN CB  HB3  sing N N 80  
GLN CG  CD   sing N N 81  
GLN CG  HG2  sing N N 82  
GLN CG  HG3  sing N N 83  
GLN CD  OE1  doub N N 84  
GLN CD  NE2  sing N N 85  
GLN NE2 HE21 sing N N 86  
GLN NE2 HE22 sing N N 87  
GLN OXT HXT  sing N N 88  
GLU N   CA   sing N N 89  
GLU N   H    sing N N 90  
GLU N   H2   sing N N 91  
GLU CA  C    sing N N 92  
GLU CA  CB   sing N N 93  
GLU CA  HA   sing N N 94  
GLU C   O    doub N N 95  
GLU C   OXT  sing N N 96  
GLU CB  CG   sing N N 97  
GLU CB  HB2  sing N N 98  
GLU CB  HB3  sing N N 99  
GLU CG  CD   sing N N 100 
GLU CG  HG2  sing N N 101 
GLU CG  HG3  sing N N 102 
GLU CD  OE1  doub N N 103 
GLU CD  OE2  sing N N 104 
GLU OE2 HE2  sing N N 105 
GLU OXT HXT  sing N N 106 
GLY N   CA   sing N N 107 
GLY N   H    sing N N 108 
GLY N   H2   sing N N 109 
GLY CA  C    sing N N 110 
GLY CA  HA2  sing N N 111 
GLY CA  HA3  sing N N 112 
GLY C   O    doub N N 113 
GLY C   OXT  sing N N 114 
GLY OXT HXT  sing N N 115 
HOH O   H1   sing N N 116 
HOH O   H2   sing N N 117 
ILE N   CA   sing N N 118 
ILE N   H    sing N N 119 
ILE N   H2   sing N N 120 
ILE CA  C    sing N N 121 
ILE CA  CB   sing N N 122 
ILE CA  HA   sing N N 123 
ILE C   O    doub N N 124 
ILE C   OXT  sing N N 125 
ILE CB  CG1  sing N N 126 
ILE CB  CG2  sing N N 127 
ILE CB  HB   sing N N 128 
ILE CG1 CD1  sing N N 129 
ILE CG1 HG12 sing N N 130 
ILE CG1 HG13 sing N N 131 
ILE CG2 HG21 sing N N 132 
ILE CG2 HG22 sing N N 133 
ILE CG2 HG23 sing N N 134 
ILE CD1 HD11 sing N N 135 
ILE CD1 HD12 sing N N 136 
ILE CD1 HD13 sing N N 137 
ILE OXT HXT  sing N N 138 
LEU N   CA   sing N N 139 
LEU N   H    sing N N 140 
LEU N   H2   sing N N 141 
LEU CA  C    sing N N 142 
LEU CA  CB   sing N N 143 
LEU CA  HA   sing N N 144 
LEU C   O    doub N N 145 
LEU C   OXT  sing N N 146 
LEU CB  CG   sing N N 147 
LEU CB  HB2  sing N N 148 
LEU CB  HB3  sing N N 149 
LEU CG  CD1  sing N N 150 
LEU CG  CD2  sing N N 151 
LEU CG  HG   sing N N 152 
LEU CD1 HD11 sing N N 153 
LEU CD1 HD12 sing N N 154 
LEU CD1 HD13 sing N N 155 
LEU CD2 HD21 sing N N 156 
LEU CD2 HD22 sing N N 157 
LEU CD2 HD23 sing N N 158 
LEU OXT HXT  sing N N 159 
LYS N   CA   sing N N 160 
LYS N   H    sing N N 161 
LYS N   H2   sing N N 162 
LYS CA  C    sing N N 163 
LYS CA  CB   sing N N 164 
LYS CA  HA   sing N N 165 
LYS C   O    doub N N 166 
LYS C   OXT  sing N N 167 
LYS CB  CG   sing N N 168 
LYS CB  HB2  sing N N 169 
LYS CB  HB3  sing N N 170 
LYS CG  CD   sing N N 171 
LYS CG  HG2  sing N N 172 
LYS CG  HG3  sing N N 173 
LYS CD  CE   sing N N 174 
LYS CD  HD2  sing N N 175 
LYS CD  HD3  sing N N 176 
LYS CE  NZ   sing N N 177 
LYS CE  HE2  sing N N 178 
LYS CE  HE3  sing N N 179 
LYS NZ  HZ1  sing N N 180 
LYS NZ  HZ2  sing N N 181 
LYS NZ  HZ3  sing N N 182 
LYS OXT HXT  sing N N 183 
MET N   CA   sing N N 184 
MET N   H    sing N N 185 
MET N   H2   sing N N 186 
MET CA  C    sing N N 187 
MET CA  CB   sing N N 188 
MET CA  HA   sing N N 189 
MET C   O    doub N N 190 
MET C   OXT  sing N N 191 
MET CB  CG   sing N N 192 
MET CB  HB2  sing N N 193 
MET CB  HB3  sing N N 194 
MET CG  SD   sing N N 195 
MET CG  HG2  sing N N 196 
MET CG  HG3  sing N N 197 
MET SD  CE   sing N N 198 
MET CE  HE1  sing N N 199 
MET CE  HE2  sing N N 200 
MET CE  HE3  sing N N 201 
MET OXT HXT  sing N N 202 
PHE N   CA   sing N N 203 
PHE N   H    sing N N 204 
PHE N   H2   sing N N 205 
PHE CA  C    sing N N 206 
PHE CA  CB   sing N N 207 
PHE CA  HA   sing N N 208 
PHE C   O    doub N N 209 
PHE C   OXT  sing N N 210 
PHE CB  CG   sing N N 211 
PHE CB  HB2  sing N N 212 
PHE CB  HB3  sing N N 213 
PHE CG  CD1  doub Y N 214 
PHE CG  CD2  sing Y N 215 
PHE CD1 CE1  sing Y N 216 
PHE CD1 HD1  sing N N 217 
PHE CD2 CE2  doub Y N 218 
PHE CD2 HD2  sing N N 219 
PHE CE1 CZ   doub Y N 220 
PHE CE1 HE1  sing N N 221 
PHE CE2 CZ   sing Y N 222 
PHE CE2 HE2  sing N N 223 
PHE CZ  HZ   sing N N 224 
PHE OXT HXT  sing N N 225 
PRO N   CA   sing N N 226 
PRO N   CD   sing N N 227 
PRO N   H    sing N N 228 
PRO CA  C    sing N N 229 
PRO CA  CB   sing N N 230 
PRO CA  HA   sing N N 231 
PRO C   O    doub N N 232 
PRO C   OXT  sing N N 233 
PRO CB  CG   sing N N 234 
PRO CB  HB2  sing N N 235 
PRO CB  HB3  sing N N 236 
PRO CG  CD   sing N N 237 
PRO CG  HG2  sing N N 238 
PRO CG  HG3  sing N N 239 
PRO CD  HD2  sing N N 240 
PRO CD  HD3  sing N N 241 
PRO OXT HXT  sing N N 242 
SER N   CA   sing N N 243 
SER N   H    sing N N 244 
SER N   H2   sing N N 245 
SER CA  C    sing N N 246 
SER CA  CB   sing N N 247 
SER CA  HA   sing N N 248 
SER C   O    doub N N 249 
SER C   OXT  sing N N 250 
SER CB  OG   sing N N 251 
SER CB  HB2  sing N N 252 
SER CB  HB3  sing N N 253 
SER OG  HG   sing N N 254 
SER OXT HXT  sing N N 255 
THR N   CA   sing N N 256 
THR N   H    sing N N 257 
THR N   H2   sing N N 258 
THR CA  C    sing N N 259 
THR CA  CB   sing N N 260 
THR CA  HA   sing N N 261 
THR C   O    doub N N 262 
THR C   OXT  sing N N 263 
THR CB  OG1  sing N N 264 
THR CB  CG2  sing N N 265 
THR CB  HB   sing N N 266 
THR OG1 HG1  sing N N 267 
THR CG2 HG21 sing N N 268 
THR CG2 HG22 sing N N 269 
THR CG2 HG23 sing N N 270 
THR OXT HXT  sing N N 271 
TRP N   CA   sing N N 272 
TRP N   H    sing N N 273 
TRP N   H2   sing N N 274 
TRP CA  C    sing N N 275 
TRP CA  CB   sing N N 276 
TRP CA  HA   sing N N 277 
TRP C   O    doub N N 278 
TRP C   OXT  sing N N 279 
TRP CB  CG   sing N N 280 
TRP CB  HB2  sing N N 281 
TRP CB  HB3  sing N N 282 
TRP CG  CD1  doub Y N 283 
TRP CG  CD2  sing Y N 284 
TRP CD1 NE1  sing Y N 285 
TRP CD1 HD1  sing N N 286 
TRP CD2 CE2  doub Y N 287 
TRP CD2 CE3  sing Y N 288 
TRP NE1 CE2  sing Y N 289 
TRP NE1 HE1  sing N N 290 
TRP CE2 CZ2  sing Y N 291 
TRP CE3 CZ3  doub Y N 292 
TRP CE3 HE3  sing N N 293 
TRP CZ2 CH2  doub Y N 294 
TRP CZ2 HZ2  sing N N 295 
TRP CZ3 CH2  sing Y N 296 
TRP CZ3 HZ3  sing N N 297 
TRP CH2 HH2  sing N N 298 
TRP OXT HXT  sing N N 299 
TYR N   CA   sing N N 300 
TYR N   H    sing N N 301 
TYR N   H2   sing N N 302 
TYR CA  C    sing N N 303 
TYR CA  CB   sing N N 304 
TYR CA  HA   sing N N 305 
TYR C   O    doub N N 306 
TYR C   OXT  sing N N 307 
TYR CB  CG   sing N N 308 
TYR CB  HB2  sing N N 309 
TYR CB  HB3  sing N N 310 
TYR CG  CD1  doub Y N 311 
TYR CG  CD2  sing Y N 312 
TYR CD1 CE1  sing Y N 313 
TYR CD1 HD1  sing N N 314 
TYR CD2 CE2  doub Y N 315 
TYR CD2 HD2  sing N N 316 
TYR CE1 CZ   doub Y N 317 
TYR CE1 HE1  sing N N 318 
TYR CE2 CZ   sing Y N 319 
TYR CE2 HE2  sing N N 320 
TYR CZ  OH   sing N N 321 
TYR OH  HH   sing N N 322 
TYR OXT HXT  sing N N 323 
VAL N   CA   sing N N 324 
VAL N   H    sing N N 325 
VAL N   H2   sing N N 326 
VAL CA  C    sing N N 327 
VAL CA  CB   sing N N 328 
VAL CA  HA   sing N N 329 
VAL C   O    doub N N 330 
VAL C   OXT  sing N N 331 
VAL CB  CG1  sing N N 332 
VAL CB  CG2  sing N N 333 
VAL CB  HB   sing N N 334 
VAL CG1 HG11 sing N N 335 
VAL CG1 HG12 sing N N 336 
VAL CG1 HG13 sing N N 337 
VAL CG2 HG21 sing N N 338 
VAL CG2 HG22 sing N N 339 
VAL CG2 HG23 sing N N 340 
VAL OXT HXT  sing N N 341 
# 
_atom_sites.entry_id                    1R5P 
_atom_sites.fract_transf_matrix[1][1]   0.00647525 
_atom_sites.fract_transf_matrix[1][2]   0.00674803 
_atom_sites.fract_transf_matrix[1][3]   0.00242086 
_atom_sites.fract_transf_matrix[2][1]   0.01728776 
_atom_sites.fract_transf_matrix[2][2]   -0.01962075 
_atom_sites.fract_transf_matrix[2][3]   0.00845104 
_atom_sites.fract_transf_matrix[3][1]   0.00919539 
_atom_sites.fract_transf_matrix[3][2]   0.00110888 
_atom_sites.fract_transf_matrix[3][3]   -0.01623595 
_atom_sites.fract_transf_vector[1]      0.626346 
_atom_sites.fract_transf_vector[2]      0.438805 
_atom_sites.fract_transf_vector[3]      0.600557 
# 
loop_
_atom_type.symbol 
C 
N 
O 
# 
loop_
_atom_site.group_PDB 
_atom_site.id 
_atom_site.type_symbol 
_atom_site.label_atom_id 
_atom_site.label_alt_id 
_atom_site.label_comp_id 
_atom_site.label_asym_id 
_atom_site.label_entity_id 
_atom_site.label_seq_id 
_atom_site.pdbx_PDB_ins_code 
_atom_site.Cartn_x 
_atom_site.Cartn_y 
_atom_site.Cartn_z 
_atom_site.occupancy 
_atom_site.B_iso_or_equiv 
_atom_site.pdbx_formal_charge 
_atom_site.auth_seq_id 
_atom_site.auth_comp_id 
_atom_site.auth_asym_id 
_atom_site.auth_atom_id 
_atom_site.pdbx_PDB_model_num 
ATOM   1    N N   . THR A 1 7  ? -8.428  -17.042 12.937  1.00 36.32 ? 7    THR A N   1 
ATOM   2    C CA  . THR A 1 7  ? -9.087  -15.715 13.084  1.00 34.12 ? 7    THR A CA  1 
ATOM   3    C C   . THR A 1 7  ? -8.856  -14.893 11.828  1.00 32.22 ? 7    THR A C   1 
ATOM   4    O O   . THR A 1 7  ? -7.823  -15.052 11.168  1.00 31.69 ? 7    THR A O   1 
ATOM   5    C CB  . THR A 1 7  ? -8.518  -14.959 14.285  1.00 35.74 ? 7    THR A CB  1 
ATOM   6    O OG1 . THR A 1 7  ? -9.327  -13.809 14.552  1.00 38.23 ? 7    THR A OG1 1 
ATOM   7    C CG2 . THR A 1 7  ? -7.132  -14.515 14.012  1.00 35.54 ? 7    THR A CG2 1 
ATOM   8    N N   . TYR A 1 8  ? -9.852  -14.077 11.469  1.00 29.20 ? 8    TYR A N   1 
ATOM   9    C CA  . TYR A 1 8  ? -9.736  -13.190 10.329  1.00 27.30 ? 8    TYR A CA  1 
ATOM   10   C C   . TYR A 1 8  ? -9.080  -11.924 10.859  1.00 26.69 ? 8    TYR A C   1 
ATOM   11   O O   . TYR A 1 8  ? -9.590  -11.269 11.776  1.00 27.17 ? 8    TYR A O   1 
ATOM   12   C CB  . TYR A 1 8  ? -11.096 -12.851 9.735   1.00 26.08 ? 8    TYR A CB  1 
ATOM   13   C CG  . TYR A 1 8  ? -11.708 -14.018 9.004   1.00 25.24 ? 8    TYR A CG  1 
ATOM   14   C CD1 . TYR A 1 8  ? -12.548 -14.896 9.665   1.00 26.00 ? 8    TYR A CD1 1 
ATOM   15   C CD2 . TYR A 1 8  ? -11.412 -14.263 7.662   1.00 24.57 ? 8    TYR A CD2 1 
ATOM   16   C CE1 . TYR A 1 8  ? -13.095 -15.992 9.017   1.00 25.91 ? 8    TYR A CE1 1 
ATOM   17   C CE2 . TYR A 1 8  ? -11.950 -15.369 6.996   1.00 23.71 ? 8    TYR A CE2 1 
ATOM   18   C CZ  . TYR A 1 8  ? -12.798 -16.219 7.710   1.00 25.37 ? 8    TYR A CZ  1 
ATOM   19   O OH  . TYR A 1 8  ? -13.372 -17.330 7.133   1.00 30.76 ? 8    TYR A OH  1 
ATOM   20   N N   . VAL A 1 9  ? -7.927  -11.604 10.301  1.00 24.52 ? 9    VAL A N   1 
ATOM   21   C CA  . VAL A 1 9  ? -7.204  -10.418 10.724  1.00 23.33 ? 9    VAL A CA  1 
ATOM   22   C C   . VAL A 1 9  ? -7.542  -9.222  9.842   1.00 22.74 ? 9    VAL A C   1 
ATOM   23   O O   . VAL A 1 9  ? -7.322  -9.251  8.634   1.00 21.61 ? 9    VAL A O   1 
ATOM   24   C CB  . VAL A 1 9  ? -5.656  -10.651 10.666  1.00 22.85 ? 9    VAL A CB  1 
ATOM   25   C CG1 . VAL A 1 9  ? -4.918  -9.400  11.117  1.00 22.98 ? 9    VAL A CG1 1 
ATOM   26   C CG2 . VAL A 1 9  ? -5.267  -11.864 11.557  1.00 21.47 ? 9    VAL A CG2 1 
ATOM   27   N N   . LEU A 1 10 ? -8.072  -8.176  10.461  1.00 21.13 ? 10   LEU A N   1 
ATOM   28   C CA  . LEU A 1 10 ? -8.373  -6.946  9.742   1.00 21.00 ? 10   LEU A CA  1 
ATOM   29   C C   . LEU A 1 10 ? -7.055  -6.186  9.817   1.00 20.63 ? 10   LEU A C   1 
ATOM   30   O O   . LEU A 1 10 ? -6.622  -5.797  10.896  1.00 19.22 ? 10   LEU A O   1 
ATOM   31   C CB  . LEU A 1 10 ? -9.471  -6.153  10.451  1.00 20.39 ? 10   LEU A CB  1 
ATOM   32   C CG  . LEU A 1 10 ? -9.567  -4.693  9.996   1.00 21.75 ? 10   LEU A CG  1 
ATOM   33   C CD1 . LEU A 1 10 ? -10.006 -4.662  8.525   1.00 21.74 ? 10   LEU A CD1 1 
ATOM   34   C CD2 . LEU A 1 10 ? -10.570 -3.945  10.882  1.00 21.85 ? 10   LEU A CD2 1 
ATOM   35   N N   . LYS A 1 11 ? -6.418  -6.001  8.667   1.00 20.07 ? 11   LYS A N   1 
ATOM   36   C CA  . LYS A 1 11 ? -5.146  -5.309  8.602   1.00 21.38 ? 11   LYS A CA  1 
ATOM   37   C C   . LYS A 1 11 ? -5.324  -3.867  8.103   1.00 22.10 ? 11   LYS A C   1 
ATOM   38   O O   . LYS A 1 11 ? -5.866  -3.632  7.010   1.00 21.88 ? 11   LYS A O   1 
ATOM   39   C CB  . LYS A 1 11 ? -4.216  -6.083  7.662   1.00 21.95 ? 11   LYS A CB  1 
ATOM   40   C CG  . LYS A 1 11 ? -3.930  -7.497  8.175   1.00 24.78 ? 11   LYS A CG  1 
ATOM   41   C CD  . LYS A 1 11 ? -3.378  -8.440  7.102   1.00 28.60 ? 11   LYS A CD  1 
ATOM   42   C CE  . LYS A 1 11 ? -2.018  -8.028  6.608   1.00 29.03 ? 11   LYS A CE  1 
ATOM   43   N NZ  . LYS A 1 11 ? -1.544  -9.008  5.532   1.00 33.05 ? 11   LYS A NZ  1 
ATOM   44   N N   . LEU A 1 12 ? -4.860  -2.919  8.901   1.00 21.17 ? 12   LEU A N   1 
ATOM   45   C CA  . LEU A 1 12 ? -4.961  -1.497  8.541   1.00 22.91 ? 12   LEU A CA  1 
ATOM   46   C C   . LEU A 1 12 ? -3.559  -0.992  8.256   1.00 21.86 ? 12   LEU A C   1 
ATOM   47   O O   . LEU A 1 12 ? -2.667  -1.102  9.113   1.00 22.76 ? 12   LEU A O   1 
ATOM   48   C CB  . LEU A 1 12 ? -5.607  -0.683  9.691   1.00 21.70 ? 12   LEU A CB  1 
ATOM   49   C CG  . LEU A 1 12 ? -7.051  -1.028  10.098  1.00 24.18 ? 12   LEU A CG  1 
ATOM   50   C CD1 . LEU A 1 12 ? -7.750  0.160   10.801  1.00 24.44 ? 12   LEU A CD1 1 
ATOM   51   C CD2 . LEU A 1 12 ? -7.827  -1.384  8.863   1.00 23.50 ? 12   LEU A CD2 1 
ATOM   52   N N   . TYR A 1 13 ? -3.351  -0.489  7.042   1.00 20.88 ? 13   TYR A N   1 
ATOM   53   C CA  . TYR A 1 13 ? -2.050  0.037   6.637   1.00 21.09 ? 13   TYR A CA  1 
ATOM   54   C C   . TYR A 1 13 ? -2.097  1.565   6.791   1.00 22.07 ? 13   TYR A C   1 
ATOM   55   O O   . TYR A 1 13 ? -2.949  2.247   6.198   1.00 21.08 ? 13   TYR A O   1 
ATOM   56   C CB  . TYR A 1 13 ? -1.731  -0.404  5.188   1.00 20.88 ? 13   TYR A CB  1 
ATOM   57   C CG  . TYR A 1 13 ? -1.618  -1.927  5.027   1.00 23.49 ? 13   TYR A CG  1 
ATOM   58   C CD1 . TYR A 1 13 ? -2.761  -2.738  4.864   1.00 22.03 ? 13   TYR A CD1 1 
ATOM   59   C CD2 . TYR A 1 13 ? -0.355  -2.551  5.022   1.00 23.11 ? 13   TYR A CD2 1 
ATOM   60   C CE1 . TYR A 1 13 ? -2.644  -4.129  4.691   1.00 25.41 ? 13   TYR A CE1 1 
ATOM   61   C CE2 . TYR A 1 13 ? -0.228  -3.945  4.852   1.00 25.05 ? 13   TYR A CE2 1 
ATOM   62   C CZ  . TYR A 1 13 ? -1.366  -4.723  4.684   1.00 26.33 ? 13   TYR A CZ  1 
ATOM   63   O OH  . TYR A 1 13 ? -1.213  -6.081  4.490   1.00 30.97 ? 13   TYR A OH  1 
ATOM   64   N N   . VAL A 1 14 ? -1.197  2.097   7.611   1.00 22.39 ? 14   VAL A N   1 
ATOM   65   C CA  . VAL A 1 14 ? -1.200  3.535   7.868   1.00 24.48 ? 14   VAL A CA  1 
ATOM   66   C C   . VAL A 1 14 ? 0.105   4.224   7.532   1.00 25.48 ? 14   VAL A C   1 
ATOM   67   O O   . VAL A 1 14 ? 1.179   3.621   7.579   1.00 26.51 ? 14   VAL A O   1 
ATOM   68   C CB  . VAL A 1 14 ? -1.555  3.851   9.378   1.00 23.75 ? 14   VAL A CB  1 
ATOM   69   C CG1 . VAL A 1 14 ? -2.923  3.269   9.729   1.00 24.09 ? 14   VAL A CG1 1 
ATOM   70   C CG2 . VAL A 1 14 ? -0.515  3.266   10.315  1.00 23.98 ? 14   VAL A CG2 1 
ATOM   71   N N   . ALA A 1 15 ? 0.002   5.491   7.156   1.00 26.92 ? 15   ALA A N   1 
ATOM   72   C CA  . ALA A 1 15 ? 1.184   6.279   6.849   1.00 28.10 ? 15   ALA A CA  1 
ATOM   73   C C   . ALA A 1 15 ? 1.450   7.031   8.167   1.00 28.52 ? 15   ALA A C   1 
ATOM   74   O O   . ALA A 1 15 ? 1.115   8.210   8.319   1.00 28.01 ? 15   ALA A O   1 
ATOM   75   C CB  . ALA A 1 15 ? 0.884   7.244   5.707   1.00 27.92 ? 15   ALA A CB  1 
ATOM   76   N N   . GLY A 1 16 ? 2.005   6.312   9.134   1.00 28.08 ? 16   GLY A N   1 
ATOM   77   C CA  . GLY A 1 16 ? 2.275   6.922   10.420  1.00 29.09 ? 16   GLY A CA  1 
ATOM   78   C C   . GLY A 1 16 ? 1.040   7.006   11.315  1.00 30.04 ? 16   GLY A C   1 
ATOM   79   O O   . GLY A 1 16 ? -0.082  6.664   10.918  1.00 28.91 ? 16   GLY A O   1 
ATOM   80   N N   . ASN A 1 17 ? 1.258   7.509   12.524  1.00 31.53 ? 17   ASN A N   1 
ATOM   81   C CA  . ASN A 1 17 ? 0.206   7.615   13.520  1.00 34.03 ? 17   ASN A CA  1 
ATOM   82   C C   . ASN A 1 17 ? 0.125   9.015   14.100  1.00 34.78 ? 17   ASN A C   1 
ATOM   83   O O   . ASN A 1 17 ? 1.048   9.825   13.958  1.00 35.88 ? 17   ASN A O   1 
ATOM   84   C CB  . ASN A 1 17 ? 0.505   6.674   14.696  1.00 35.89 ? 17   ASN A CB  1 
ATOM   85   C CG  . ASN A 1 17 ? 0.852   5.251   14.256  1.00 39.02 ? 17   ASN A CG  1 
ATOM   86   O OD1 . ASN A 1 17 ? -0.025  4.433   13.908  1.00 39.10 ? 17   ASN A OD1 1 
ATOM   87   N ND2 . ASN A 1 17 ? 2.145   4.947   14.268  1.00 41.69 ? 17   ASN A ND2 1 
ATOM   88   N N   . THR A 1 18 ? -0.999  9.288   14.751  1.00 33.59 ? 18   THR A N   1 
ATOM   89   C CA  . THR A 1 18 ? -1.181  10.527  15.477  1.00 32.32 ? 18   THR A CA  1 
ATOM   90   C C   . THR A 1 18 ? -1.831  10.047  16.774  1.00 32.54 ? 18   THR A C   1 
ATOM   91   O O   . THR A 1 18 ? -2.362  8.925   16.832  1.00 31.74 ? 18   THR A O   1 
ATOM   92   C CB  . THR A 1 18 ? -2.131  11.494  14.774  1.00 31.31 ? 18   THR A CB  1 
ATOM   93   O OG1 . THR A 1 18 ? -3.444  10.950  14.762  1.00 28.47 ? 18   THR A OG1 1 
ATOM   94   C CG2 . THR A 1 18 ? -1.660  11.753  13.334  1.00 32.62 ? 18   THR A CG2 1 
ATOM   95   N N   . PRO A 1 19 ? -1.736  10.852  17.849  1.00 32.20 ? 19   PRO A N   1 
ATOM   96   C CA  . PRO A 1 19 ? -2.345  10.485  19.131  1.00 30.91 ? 19   PRO A CA  1 
ATOM   97   C C   . PRO A 1 19 ? -3.823  10.112  18.934  1.00 30.27 ? 19   PRO A C   1 
ATOM   98   O O   . PRO A 1 19 ? -4.333  9.182   19.562  1.00 30.19 ? 19   PRO A O   1 
ATOM   99   C CB  . PRO A 1 19 ? -2.153  11.748  19.959  1.00 31.13 ? 19   PRO A CB  1 
ATOM   100  C CG  . PRO A 1 19 ? -0.757  12.163  19.550  1.00 31.55 ? 19   PRO A CG  1 
ATOM   101  C CD  . PRO A 1 19 ? -0.801  11.984  18.016  1.00 31.97 ? 19   PRO A CD  1 
ATOM   102  N N   . ASN A 1 20 ? -4.508  10.818  18.044  1.00 29.61 ? 20   ASN A N   1 
ATOM   103  C CA  . ASN A 1 20 ? -5.902  10.510  17.770  1.00 30.06 ? 20   ASN A CA  1 
ATOM   104  C C   . ASN A 1 20 ? -6.079  9.178   17.023  1.00 29.17 ? 20   ASN A C   1 
ATOM   105  O O   . ASN A 1 20 ? -7.008  8.433   17.324  1.00 29.81 ? 20   ASN A O   1 
ATOM   106  C CB  . ASN A 1 20 ? -6.536  11.597  16.935  1.00 32.83 ? 20   ASN A CB  1 
ATOM   107  C CG  . ASN A 1 20 ? -6.657  12.905  17.680  1.00 38.09 ? 20   ASN A CG  1 
ATOM   108  O OD1 . ASN A 1 20 ? -7.412  13.014  18.671  1.00 39.95 ? 20   ASN A OD1 1 
ATOM   109  N ND2 . ASN A 1 20 ? -5.910  13.913  17.217  1.00 38.34 ? 20   ASN A ND2 1 
ATOM   110  N N   . SER A 1 21 ? -5.228  8.902   16.031  1.00 26.67 ? 21   SER A N   1 
ATOM   111  C CA  . SER A 1 21 ? -5.334  7.647   15.287  1.00 25.96 ? 21   SER A CA  1 
ATOM   112  C C   . SER A 1 21 ? -4.995  6.489   16.251  1.00 25.46 ? 21   SER A C   1 
ATOM   113  O O   . SER A 1 21 ? -5.652  5.459   16.244  1.00 25.09 ? 21   SER A O   1 
ATOM   114  C CB  . SER A 1 21 ? -4.380  7.644   14.071  1.00 25.86 ? 21   SER A CB  1 
ATOM   115  O OG  . SER A 1 21 ? -3.010  7.486   14.453  1.00 24.48 ? 21   SER A OG  1 
ATOM   116  N N   . VAL A 1 22 ? -3.979  6.677   17.093  1.00 25.44 ? 22   VAL A N   1 
ATOM   117  C CA  . VAL A 1 22 ? -3.616  5.643   18.063  1.00 26.27 ? 22   VAL A CA  1 
ATOM   118  C C   . VAL A 1 22 ? -4.771  5.389   19.045  1.00 27.25 ? 22   VAL A C   1 
ATOM   119  O O   . VAL A 1 22 ? -5.062  4.253   19.387  1.00 27.50 ? 22   VAL A O   1 
ATOM   120  C CB  . VAL A 1 22 ? -2.336  6.029   18.835  1.00 26.00 ? 22   VAL A CB  1 
ATOM   121  C CG1 . VAL A 1 22 ? -2.047  5.025   19.947  1.00 24.09 ? 22   VAL A CG1 1 
ATOM   122  C CG2 . VAL A 1 22 ? -1.147  6.096   17.844  1.00 24.85 ? 22   VAL A CG2 1 
ATOM   123  N N   . ARG A 1 23 ? -5.464  6.441   19.459  1.00 28.57 ? 23   ARG A N   1 
ATOM   124  C CA  . ARG A 1 23 ? -6.580  6.283   20.383  1.00 29.85 ? 23   ARG A CA  1 
ATOM   125  C C   . ARG A 1 23 ? -7.676  5.518   19.687  1.00 29.91 ? 23   ARG A C   1 
ATOM   126  O O   . ARG A 1 23 ? -8.260  4.599   20.258  1.00 29.92 ? 23   ARG A O   1 
ATOM   127  C CB  . ARG A 1 23 ? -7.123  7.647   20.833  1.00 32.47 ? 23   ARG A CB  1 
ATOM   128  C CG  . ARG A 1 23 ? -7.077  7.841   22.337  1.00 37.27 ? 23   ARG A CG  1 
ATOM   129  C CD  . ARG A 1 23 ? -7.520  9.243   22.762  1.00 39.54 ? 23   ARG A CD  1 
ATOM   130  N NE  . ARG A 1 23 ? -6.601  10.270  22.268  1.00 43.54 ? 23   ARG A NE  1 
ATOM   131  C CZ  . ARG A 1 23 ? -6.934  11.230  21.404  1.00 44.06 ? 23   ARG A CZ  1 
ATOM   132  N NH1 . ARG A 1 23 ? -8.180  11.305  20.928  1.00 44.10 ? 23   ARG A NH1 1 
ATOM   133  N NH2 . ARG A 1 23 ? -6.014  12.114  21.014  1.00 44.33 ? 23   ARG A NH2 1 
ATOM   134  N N   . ALA A 1 24 ? -7.960  5.916   18.449  1.00 29.06 ? 24   ALA A N   1 
ATOM   135  C CA  . ALA A 1 24 ? -9.000  5.285   17.650  1.00 28.63 ? 24   ALA A CA  1 
ATOM   136  C C   . ALA A 1 24 ? -8.705  3.816   17.351  1.00 27.77 ? 24   ALA A C   1 
ATOM   137  O O   . ALA A 1 24 ? -9.605  2.977   17.350  1.00 28.79 ? 24   ALA A O   1 
ATOM   138  C CB  . ALA A 1 24 ? -9.187  6.049   16.341  1.00 28.32 ? 24   ALA A CB  1 
ATOM   139  N N   . LEU A 1 25 ? -7.450  3.502   17.073  1.00 27.56 ? 25   LEU A N   1 
ATOM   140  C CA  . LEU A 1 25 ? -7.110  2.129   16.761  1.00 26.52 ? 25   LEU A CA  1 
ATOM   141  C C   . LEU A 1 25 ? -7.313  1.217   18.004  1.00 26.61 ? 25   LEU A C   1 
ATOM   142  O O   . LEU A 1 25 ? -7.721  0.050   17.873  1.00 26.73 ? 25   LEU A O   1 
ATOM   143  C CB  . LEU A 1 25 ? -5.685  2.073   16.177  1.00 24.84 ? 25   LEU A CB  1 
ATOM   144  C CG  . LEU A 1 25 ? -5.616  2.650   14.738  1.00 24.81 ? 25   LEU A CG  1 
ATOM   145  C CD1 . LEU A 1 25 ? -4.203  2.983   14.394  1.00 23.78 ? 25   LEU A CD1 1 
ATOM   146  C CD2 . LEU A 1 25 ? -6.186  1.680   13.693  1.00 23.54 ? 25   LEU A CD2 1 
ATOM   147  N N   . LYS A 1 26 ? -7.077  1.754   19.200  1.00 27.02 ? 26   LYS A N   1 
ATOM   148  C CA  . LYS A 1 26 ? -7.259  0.979   20.432  1.00 27.89 ? 26   LYS A CA  1 
ATOM   149  C C   . LYS A 1 26 ? -8.753  0.697   20.634  1.00 28.70 ? 26   LYS A C   1 
ATOM   150  O O   . LYS A 1 26 ? -9.158  -0.418  20.996  1.00 28.05 ? 26   LYS A O   1 
ATOM   151  C CB  . LYS A 1 26 ? -6.648  1.748   21.619  1.00 27.67 ? 26   LYS A CB  1 
ATOM   152  C CG  . LYS A 1 26 ? -5.116  1.748   21.583  1.00 26.86 ? 26   LYS A CG  1 
ATOM   153  C CD  . LYS A 1 26 ? -4.438  2.587   22.690  1.00 27.08 ? 26   LYS A CD  1 
ATOM   154  C CE  . LYS A 1 26 ? -2.906  2.560   22.487  1.00 29.10 ? 26   LYS A CE  1 
ATOM   155  N NZ  . LYS A 1 26 ? -2.116  3.293   23.532  1.00 31.36 ? 26   LYS A NZ  1 
ATOM   156  N N   . THR A 1 27 ? -9.574  1.707   20.347  1.00 29.06 ? 27   THR A N   1 
ATOM   157  C CA  . THR A 1 27 ? -11.017 1.577   20.475  1.00 29.88 ? 27   THR A CA  1 
ATOM   158  C C   . THR A 1 27 ? -11.508 0.513   19.505  1.00 29.70 ? 27   THR A C   1 
ATOM   159  O O   . THR A 1 27 ? -12.273 -0.393  19.869  1.00 29.09 ? 27   THR A O   1 
ATOM   160  C CB  . THR A 1 27 ? -11.691 2.942   20.184  1.00 31.45 ? 27   THR A CB  1 
ATOM   161  O OG1 . THR A 1 27 ? -11.268 3.867   21.190  1.00 31.52 ? 27   THR A OG1 1 
ATOM   162  C CG2 . THR A 1 27 ? -13.233 2.835   20.199  1.00 31.48 ? 27   THR A CG2 1 
ATOM   163  N N   . LEU A 1 28 ? -11.051 0.619   18.262  1.00 29.24 ? 28   LEU A N   1 
ATOM   164  C CA  . LEU A 1 28 ? -11.416 -0.338  17.233  1.00 29.49 ? 28   LEU A CA  1 
ATOM   165  C C   . LEU A 1 28 ? -11.054 -1.767  17.692  1.00 29.79 ? 28   LEU A C   1 
ATOM   166  O O   . LEU A 1 28 ? -11.835 -2.694  17.522  1.00 28.80 ? 28   LEU A O   1 
ATOM   167  C CB  . LEU A 1 28 ? -10.688 -0.008  15.915  1.00 29.16 ? 28   LEU A CB  1 
ATOM   168  C CG  . LEU A 1 28 ? -11.206 -0.643  14.611  1.00 29.45 ? 28   LEU A CG  1 
ATOM   169  C CD1 . LEU A 1 28 ? -10.390 -0.180  13.430  1.00 30.87 ? 28   LEU A CD1 1 
ATOM   170  C CD2 . LEU A 1 28 ? -11.101 -2.113  14.693  1.00 30.34 ? 28   LEU A CD2 1 
ATOM   171  N N   . LYS A 1 29 ? -9.865  -1.928  18.257  1.00 30.87 ? 29   LYS A N   1 
ATOM   172  C CA  . LYS A 1 29 ? -9.417  -3.232  18.720  1.00 33.97 ? 29   LYS A CA  1 
ATOM   173  C C   . LYS A 1 29 ? -10.379 -3.764  19.794  1.00 35.22 ? 29   LYS A C   1 
ATOM   174  O O   . LYS A 1 29 ? -10.806 -4.925  19.734  1.00 34.69 ? 29   LYS A O   1 
ATOM   175  C CB  . LYS A 1 29 ? -7.998  -3.117  19.290  1.00 34.87 ? 29   LYS A CB  1 
ATOM   176  C CG  . LYS A 1 29 ? -7.357  -4.444  19.646  1.00 37.26 ? 29   LYS A CG  1 
ATOM   177  C CD  . LYS A 1 29 ? -5.918  -4.221  20.093  1.00 40.52 ? 29   LYS A CD  1 
ATOM   178  C CE  . LYS A 1 29 ? -5.095  -5.525  20.148  1.00 43.43 ? 29   LYS A CE  1 
ATOM   179  N NZ  . LYS A 1 29 ? -5.586  -6.475  21.194  1.00 44.52 ? 29   LYS A NZ  1 
ATOM   180  N N   . ASN A 1 30 ? -10.722 -2.905  20.759  1.00 35.50 ? 30   ASN A N   1 
ATOM   181  C CA  . ASN A 1 30 ? -11.627 -3.294  21.831  1.00 37.12 ? 30   ASN A CA  1 
ATOM   182  C C   . ASN A 1 30 ? -13.056 -3.603  21.374  1.00 36.91 ? 30   ASN A C   1 
ATOM   183  O O   . ASN A 1 30 ? -13.670 -4.549  21.857  1.00 36.17 ? 30   ASN A O   1 
ATOM   184  C CB  . ASN A 1 30 ? -11.685 -2.216  22.910  1.00 38.62 ? 30   ASN A CB  1 
ATOM   185  C CG  . ASN A 1 30 ? -10.407 -2.114  23.683  1.00 39.99 ? 30   ASN A CG  1 
ATOM   186  O OD1 . ASN A 1 30 ? -9.881  -3.117  24.154  1.00 41.21 ? 30   ASN A OD1 1 
ATOM   187  N ND2 . ASN A 1 30 ? -9.896  -0.901  23.823  1.00 39.46 ? 30   ASN A ND2 1 
ATOM   188  N N   . ILE A 1 31 ? -13.598 -2.789  20.474  1.00 36.95 ? 31   ILE A N   1 
ATOM   189  C CA  . ILE A 1 31 ? -14.940 -3.036  19.975  1.00 36.20 ? 31   ILE A CA  1 
ATOM   190  C C   . ILE A 1 31 ? -14.972 -4.376  19.240  1.00 36.63 ? 31   ILE A C   1 
ATOM   191  O O   . ILE A 1 31 ? -15.910 -5.155  19.435  1.00 36.53 ? 31   ILE A O   1 
ATOM   192  C CB  . ILE A 1 31 ? -15.408 -1.922  19.031  1.00 36.65 ? 31   ILE A CB  1 
ATOM   193  C CG1 . ILE A 1 31 ? -15.640 -0.642  19.841  1.00 37.85 ? 31   ILE A CG1 1 
ATOM   194  C CG2 . ILE A 1 31 ? -16.693 -2.359  18.302  1.00 37.82 ? 31   ILE A CG2 1 
ATOM   195  C CD1 . ILE A 1 31 ? -16.005 0.598   19.014  1.00 38.81 ? 31   ILE A CD1 1 
ATOM   196  N N   . LEU A 1 32 ? -13.965 -4.647  18.402  1.00 36.08 ? 32   LEU A N   1 
ATOM   197  C CA  . LEU A 1 32 ? -13.916 -5.923  17.681  1.00 38.03 ? 32   LEU A CA  1 
ATOM   198  C C   . LEU A 1 32 ? -13.884 -7.091  18.664  1.00 39.33 ? 32   LEU A C   1 
ATOM   199  O O   . LEU A 1 32 ? -14.642 -8.044  18.520  1.00 39.12 ? 32   LEU A O   1 
ATOM   200  C CB  . LEU A 1 32 ? -12.674 -6.043  16.774  1.00 36.23 ? 32   LEU A CB  1 
ATOM   201  C CG  . LEU A 1 32 ? -12.650 -5.384  15.407  1.00 35.50 ? 32   LEU A CG  1 
ATOM   202  C CD1 . LEU A 1 32 ? -11.338 -5.727  14.695  1.00 35.00 ? 32   LEU A CD1 1 
ATOM   203  C CD2 . LEU A 1 32 ? -13.838 -5.879  14.606  1.00 36.31 ? 32   LEU A CD2 1 
ATOM   204  N N   . GLU A 1 33 ? -12.978 -7.028  19.634  1.00 40.96 ? 33   GLU A N   1 
ATOM   205  C CA  . GLU A 1 33 ? -12.871 -8.093  20.626  1.00 43.74 ? 33   GLU A CA  1 
ATOM   206  C C   . GLU A 1 33 ? -14.164 -8.227  21.439  1.00 43.91 ? 33   GLU A C   1 
ATOM   207  O O   . GLU A 1 33 ? -14.593 -9.329  21.786  1.00 44.17 ? 33   GLU A O   1 
ATOM   208  C CB  . GLU A 1 33 ? -11.676 -7.824  21.537  1.00 45.04 ? 33   GLU A CB  1 
ATOM   209  C CG  . GLU A 1 33 ? -10.362 -8.022  20.799  1.00 48.21 ? 33   GLU A CG  1 
ATOM   210  C CD  . GLU A 1 33 ? -9.146  -7.505  21.568  1.00 50.42 ? 33   GLU A CD  1 
ATOM   211  O OE1 . GLU A 1 33 ? -8.009  -7.642  21.038  1.00 51.07 ? 33   GLU A OE1 1 
ATOM   212  O OE2 . GLU A 1 33 ? -9.327  -6.966  22.690  1.00 51.47 ? 33   GLU A OE2 1 
ATOM   213  N N   . GLN A 1 34 ? -14.795 -7.092  21.702  1.00 44.35 ? 34   GLN A N   1 
ATOM   214  C CA  . GLN A 1 34 ? -16.041 -7.023  22.472  1.00 44.30 ? 34   GLN A CA  1 
ATOM   215  C C   . GLN A 1 34 ? -17.218 -7.665  21.731  1.00 42.70 ? 34   GLN A C   1 
ATOM   216  O O   . GLN A 1 34 ? -17.890 -8.547  22.261  1.00 41.85 ? 34   GLN A O   1 
ATOM   217  C CB  . GLN A 1 34 ? -16.347 -5.547  22.768  1.00 47.19 ? 34   GLN A CB  1 
ATOM   218  C CG  . GLN A 1 34 ? -17.482 -5.255  23.743  1.00 51.01 ? 34   GLN A CG  1 
ATOM   219  C CD  . GLN A 1 34 ? -17.551 -3.763  24.127  1.00 53.30 ? 34   GLN A CD  1 
ATOM   220  O OE1 . GLN A 1 34 ? -17.906 -2.892  23.308  1.00 54.86 ? 34   GLN A OE1 1 
ATOM   221  N NE2 . GLN A 1 34 ? -17.202 -3.468  25.374  1.00 54.65 ? 34   GLN A NE2 1 
ATOM   222  N N   . GLU A 1 35 ? -17.463 -7.224  20.504  1.00 40.14 ? 35   GLU A N   1 
ATOM   223  C CA  . GLU A 1 35 ? -18.583 -7.751  19.735  1.00 39.27 ? 35   GLU A CA  1 
ATOM   224  C C   . GLU A 1 35 ? -18.346 -9.108  19.058  1.00 38.11 ? 35   GLU A C   1 
ATOM   225  O O   . GLU A 1 35 ? -19.288 -9.900  18.913  1.00 37.65 ? 35   GLU A O   1 
ATOM   226  C CB  . GLU A 1 35 ? -19.043 -6.723  18.689  1.00 38.36 ? 35   GLU A CB  1 
ATOM   227  C CG  . GLU A 1 35 ? -19.141 -5.315  19.258  1.00 39.27 ? 35   GLU A CG  1 
ATOM   228  C CD  . GLU A 1 35 ? -19.864 -4.343  18.341  1.00 40.84 ? 35   GLU A CD  1 
ATOM   229  O OE1 . GLU A 1 35 ? -19.738 -4.464  17.106  1.00 41.41 ? 35   GLU A OE1 1 
ATOM   230  O OE2 . GLU A 1 35 ? -20.560 -3.438  18.858  1.00 42.10 ? 35   GLU A OE2 1 
ATOM   231  N N   . PHE A 1 36 ? -17.111 -9.409  18.680  1.00 35.71 ? 36   PHE A N   1 
ATOM   232  C CA  . PHE A 1 36 ? -16.891 -10.657 17.984  1.00 35.81 ? 36   PHE A CA  1 
ATOM   233  C C   . PHE A 1 36 ? -16.018 -11.708 18.661  1.00 37.01 ? 36   PHE A C   1 
ATOM   234  O O   . PHE A 1 36 ? -15.638 -12.696 18.044  1.00 37.03 ? 36   PHE A O   1 
ATOM   235  C CB  . PHE A 1 36 ? -16.457 -10.353 16.537  1.00 32.52 ? 36   PHE A CB  1 
ATOM   236  C CG  . PHE A 1 36 ? -17.528 -9.638  15.742  1.00 32.58 ? 36   PHE A CG  1 
ATOM   237  C CD1 . PHE A 1 36 ? -17.672 -8.248  15.821  1.00 32.30 ? 36   PHE A CD1 1 
ATOM   238  C CD2 . PHE A 1 36 ? -18.447 -10.357 14.964  1.00 32.08 ? 36   PHE A CD2 1 
ATOM   239  C CE1 . PHE A 1 36 ? -18.723 -7.572  15.137  1.00 31.38 ? 36   PHE A CE1 1 
ATOM   240  C CE2 . PHE A 1 36 ? -19.500 -9.695  14.277  1.00 32.23 ? 36   PHE A CE2 1 
ATOM   241  C CZ  . PHE A 1 36 ? -19.634 -8.295  14.367  1.00 31.67 ? 36   PHE A CZ  1 
ATOM   242  N N   . GLN A 1 37 ? -15.707 -11.479 19.931  1.00 38.86 ? 37   GLN A N   1 
ATOM   243  C CA  . GLN A 1 37 ? -14.987 -12.457 20.751  1.00 41.41 ? 37   GLN A CA  1 
ATOM   244  C C   . GLN A 1 37 ? -13.876 -13.247 20.095  1.00 41.06 ? 37   GLN A C   1 
ATOM   245  O O   . GLN A 1 37 ? -13.824 -14.461 20.293  1.00 42.70 ? 37   GLN A O   1 
ATOM   246  C CB  . GLN A 1 37 ? -15.978 -13.503 21.289  1.00 42.63 ? 37   GLN A CB  1 
ATOM   247  C CG  . GLN A 1 37 ? -17.105 -12.969 22.128  1.00 46.16 ? 37   GLN A CG  1 
ATOM   248  C CD  . GLN A 1 37 ? -16.624 -12.493 23.485  1.00 48.38 ? 37   GLN A CD  1 
ATOM   249  O OE1 . GLN A 1 37 ? -16.216 -11.335 23.651  1.00 49.77 ? 37   GLN A OE1 1 
ATOM   250  N NE2 . GLN A 1 37 ? -16.655 -13.392 24.466  1.00 48.95 ? 37   GLN A NE2 1 
ATOM   251  N N   . GLY A 1 38 ? -13.003 -12.618 19.319  1.00 39.95 ? 38   GLY A N   1 
ATOM   252  C CA  . GLY A 1 38 ? -11.939 -13.405 18.711  1.00 38.33 ? 38   GLY A CA  1 
ATOM   253  C C   . GLY A 1 38 ? -12.082 -13.789 17.255  1.00 37.08 ? 38   GLY A C   1 
ATOM   254  O O   . GLY A 1 38 ? -11.119 -14.246 16.649  1.00 38.03 ? 38   GLY A O   1 
ATOM   255  N N   . ILE A 1 39 ? -13.277 -13.656 16.690  1.00 36.14 ? 39   ILE A N   1 
ATOM   256  C CA  . ILE A 1 39 ? -13.475 -13.947 15.265  1.00 33.88 ? 39   ILE A CA  1 
ATOM   257  C C   . ILE A 1 39 ? -12.595 -12.982 14.427  1.00 32.35 ? 39   ILE A C   1 
ATOM   258  O O   . ILE A 1 39 ? -12.115 -13.328 13.348  1.00 32.02 ? 39   ILE A O   1 
ATOM   259  C CB  . ILE A 1 39 ? -14.968 -13.722 14.858  1.00 35.28 ? 39   ILE A CB  1 
ATOM   260  C CG1 . ILE A 1 39 ? -15.827 -14.880 15.339  1.00 35.10 ? 39   ILE A CG1 1 
ATOM   261  C CG2 . ILE A 1 39 ? -15.098 -13.545 13.336  1.00 35.16 ? 39   ILE A CG2 1 
ATOM   262  C CD1 . ILE A 1 39 ? -17.321 -14.662 15.008  1.00 36.50 ? 39   ILE A CD1 1 
ATOM   263  N N   . TYR A 1 40 ? -12.404 -11.765 14.921  1.00 31.17 ? 40   TYR A N   1 
ATOM   264  C CA  . TYR A 1 40 ? -11.596 -10.769 14.206  1.00 31.56 ? 40   TYR A CA  1 
ATOM   265  C C   . TYR A 1 40 ? -10.462 -10.281 15.073  1.00 30.31 ? 40   TYR A C   1 
ATOM   266  O O   . TYR A 1 40 ? -10.627 -10.115 16.280  1.00 30.09 ? 40   TYR A O   1 
ATOM   267  C CB  . TYR A 1 40 ? -12.418 -9.529  13.855  1.00 31.71 ? 40   TYR A CB  1 
ATOM   268  C CG  . TYR A 1 40 ? -13.507 -9.761  12.857  1.00 33.86 ? 40   TYR A CG  1 
ATOM   269  C CD1 . TYR A 1 40 ? -14.850 -9.814  13.255  1.00 34.58 ? 40   TYR A CD1 1 
ATOM   270  C CD2 . TYR A 1 40 ? -13.206 -9.888  11.502  1.00 34.28 ? 40   TYR A CD2 1 
ATOM   271  C CE1 . TYR A 1 40 ? -15.877 -9.982  12.317  1.00 35.60 ? 40   TYR A CE1 1 
ATOM   272  C CE2 . TYR A 1 40 ? -14.213 -10.058 10.559  1.00 36.31 ? 40   TYR A CE2 1 
ATOM   273  C CZ  . TYR A 1 40 ? -15.547 -10.106 10.965  1.00 36.74 ? 40   TYR A CZ  1 
ATOM   274  O OH  . TYR A 1 40 ? -16.529 -10.291 10.010  1.00 38.02 ? 40   TYR A OH  1 
ATOM   275  N N   . ALA A 1 41 ? -9.322  -10.037 14.453  1.00 28.84 ? 41   ALA A N   1 
ATOM   276  C CA  . ALA A 1 41 ? -8.182  -9.502  15.188  1.00 28.80 ? 41   ALA A CA  1 
ATOM   277  C C   . ALA A 1 41 ? -7.723  -8.277  14.385  1.00 27.84 ? 41   ALA A C   1 
ATOM   278  O O   . ALA A 1 41 ? -7.902  -8.236  13.182  1.00 28.48 ? 41   ALA A O   1 
ATOM   279  C CB  . ALA A 1 41 ? -7.072  -10.546 15.283  1.00 26.20 ? 41   ALA A CB  1 
ATOM   280  N N   . LEU A 1 42 ? -7.164  -7.277  15.059  1.00 29.17 ? 42   LEU A N   1 
ATOM   281  C CA  . LEU A 1 42 ? -6.682  -6.059  14.411  1.00 28.83 ? 42   LEU A CA  1 
ATOM   282  C C   . LEU A 1 42 ? -5.162  -6.072  14.312  1.00 29.14 ? 42   LEU A C   1 
ATOM   283  O O   . LEU A 1 42 ? -4.470  -6.367  15.288  1.00 30.01 ? 42   LEU A O   1 
ATOM   284  C CB  . LEU A 1 42 ? -7.075  -4.818  15.218  1.00 28.65 ? 42   LEU A CB  1 
ATOM   285  C CG  . LEU A 1 42 ? -6.577  -3.484  14.614  1.00 28.40 ? 42   LEU A CG  1 
ATOM   286  C CD1 . LEU A 1 42 ? -7.296  -3.229  13.285  1.00 28.11 ? 42   LEU A CD1 1 
ATOM   287  C CD2 . LEU A 1 42 ? -6.815  -2.332  15.581  1.00 28.09 ? 42   LEU A CD2 1 
ATOM   288  N N   . LYS A 1 43 ? -4.641  -5.802  13.128  1.00 28.01 ? 43   LYS A N   1 
ATOM   289  C CA  . LYS A 1 43 ? -3.191  -5.704  12.955  1.00 27.07 ? 43   LYS A CA  1 
ATOM   290  C C   . LYS A 1 43 ? -2.950  -4.373  12.255  1.00 25.34 ? 43   LYS A C   1 
ATOM   291  O O   . LYS A 1 43 ? -3.531  -4.104  11.215  1.00 23.33 ? 43   LYS A O   1 
ATOM   292  C CB  . LYS A 1 43 ? -2.662  -6.840  12.100  1.00 28.46 ? 43   LYS A CB  1 
ATOM   293  C CG  . LYS A 1 43 ? -1.222  -6.710  11.692  1.00 31.34 ? 43   LYS A CG  1 
ATOM   294  C CD  . LYS A 1 43 ? -0.739  -8.089  11.180  1.00 34.99 ? 43   LYS A CD  1 
ATOM   295  C CE  . LYS A 1 43 ? 0.638   -8.019  10.499  1.00 37.40 ? 43   LYS A CE  1 
ATOM   296  N NZ  . LYS A 1 43 ? 1.750   -7.537  11.385  1.00 39.29 ? 43   LYS A NZ  1 
ATOM   297  N N   . VAL A 1 44 ? -2.126  -3.530  12.854  1.00 25.92 ? 44   VAL A N   1 
ATOM   298  C CA  . VAL A 1 44 ? -1.818  -2.226  12.281  1.00 26.35 ? 44   VAL A CA  1 
ATOM   299  C C   . VAL A 1 44 ? -0.442  -2.216  11.657  1.00 25.91 ? 44   VAL A C   1 
ATOM   300  O O   . VAL A 1 44 ? 0.546   -2.476  12.330  1.00 27.71 ? 44   VAL A O   1 
ATOM   301  C CB  . VAL A 1 44 ? -1.866  -1.116  13.347  1.00 26.68 ? 44   VAL A CB  1 
ATOM   302  C CG1 . VAL A 1 44 ? -1.407  0.237   12.716  1.00 26.73 ? 44   VAL A CG1 1 
ATOM   303  C CG2 . VAL A 1 44 ? -3.295  -1.004  13.909  1.00 26.45 ? 44   VAL A CG2 1 
ATOM   304  N N   . ILE A 1 45 ? -0.366  -1.917  10.376  1.00 25.30 ? 45   ILE A N   1 
ATOM   305  C CA  . ILE A 1 45 ? 0.924   -1.861  9.731   1.00 26.38 ? 45   ILE A CA  1 
ATOM   306  C C   . ILE A 1 45 ? 1.256   -0.414  9.389   1.00 26.98 ? 45   ILE A C   1 
ATOM   307  O O   . ILE A 1 45 ? 0.620   0.172   8.522   1.00 27.98 ? 45   ILE A O   1 
ATOM   308  C CB  . ILE A 1 45 ? 0.993   -2.679  8.405   1.00 24.59 ? 45   ILE A CB  1 
ATOM   309  C CG1 . ILE A 1 45 ? 0.747   -4.177  8.660   1.00 27.24 ? 45   ILE A CG1 1 
ATOM   310  C CG2 . ILE A 1 45 ? 2.376   -2.524  7.790   1.00 23.81 ? 45   ILE A CG2 1 
ATOM   311  C CD1 . ILE A 1 45 ? -0.691  -4.618  8.542   1.00 27.02 ? 45   ILE A CD1 1 
ATOM   312  N N   . ASP A 1 46 ? 2.273   0.130   10.064  1.00 27.66 ? 46   ASP A N   1 
ATOM   313  C CA  . ASP A 1 46 ? 2.744   1.493   9.828   1.00 28.92 ? 46   ASP A CA  1 
ATOM   314  C C   . ASP A 1 46 ? 3.851   1.435   8.754   1.00 29.04 ? 46   ASP A C   1 
ATOM   315  O O   . ASP A 1 46 ? 4.979   1.030   9.044   1.00 28.93 ? 46   ASP A O   1 
ATOM   316  C CB  . ASP A 1 46 ? 3.277   2.075   11.138  1.00 28.52 ? 46   ASP A CB  1 
ATOM   317  C CG  . ASP A 1 46 ? 3.806   3.477   10.979  1.00 31.12 ? 46   ASP A CG  1 
ATOM   318  O OD1 . ASP A 1 46 ? 3.712   4.058   9.871   1.00 30.30 ? 46   ASP A OD1 1 
ATOM   319  O OD2 . ASP A 1 46 ? 4.324   4.011   11.985  1.00 34.28 ? 46   ASP A OD2 1 
ATOM   320  N N   . VAL A 1 47 ? 3.535   1.826   7.511   1.00 29.28 ? 47   VAL A N   1 
ATOM   321  C CA  . VAL A 1 47 ? 4.526   1.736   6.440   1.00 29.50 ? 47   VAL A CA  1 
ATOM   322  C C   . VAL A 1 47 ? 5.716   2.665   6.626   1.00 31.35 ? 47   VAL A C   1 
ATOM   323  O O   . VAL A 1 47 ? 6.712   2.555   5.912   1.00 31.09 ? 47   VAL A O   1 
ATOM   324  C CB  . VAL A 1 47 ? 3.898   1.970   5.042   1.00 28.65 ? 47   VAL A CB  1 
ATOM   325  C CG1 . VAL A 1 47 ? 2.704   1.047   4.870   1.00 27.73 ? 47   VAL A CG1 1 
ATOM   326  C CG2 . VAL A 1 47 ? 3.491   3.427   4.870   1.00 26.00 ? 47   VAL A CG2 1 
ATOM   327  N N   . LEU A 1 48 ? 5.623   3.580   7.586   1.00 32.61 ? 48   LEU A N   1 
ATOM   328  C CA  . LEU A 1 48 ? 6.744   4.463   7.845   1.00 34.23 ? 48   LEU A CA  1 
ATOM   329  C C   . LEU A 1 48 ? 7.726   3.668   8.698   1.00 35.57 ? 48   LEU A C   1 
ATOM   330  O O   . LEU A 1 48 ? 8.899   4.016   8.782   1.00 36.43 ? 48   LEU A O   1 
ATOM   331  C CB  . LEU A 1 48 ? 6.281   5.719   8.576   1.00 34.60 ? 48   LEU A CB  1 
ATOM   332  C CG  . LEU A 1 48 ? 5.996   6.970   7.731   1.00 35.64 ? 48   LEU A CG  1 
ATOM   333  C CD1 . LEU A 1 48 ? 5.242   6.621   6.425   1.00 36.67 ? 48   LEU A CD1 1 
ATOM   334  C CD2 . LEU A 1 48 ? 5.200   7.948   8.581   1.00 35.56 ? 48   LEU A CD2 1 
ATOM   335  N N   . LYS A 1 49 ? 7.244   2.592   9.319   1.00 35.65 ? 49   LYS A N   1 
ATOM   336  C CA  . LYS A 1 49 ? 8.082   1.739   10.151  1.00 36.58 ? 49   LYS A CA  1 
ATOM   337  C C   . LYS A 1 49 ? 8.474   0.492   9.380   1.00 36.91 ? 49   LYS A C   1 
ATOM   338  O O   . LYS A 1 49 ? 9.640   0.133   9.323   1.00 37.76 ? 49   LYS A O   1 
ATOM   339  C CB  . LYS A 1 49 ? 7.348   1.285   11.415  1.00 37.89 ? 49   LYS A CB  1 
ATOM   340  C CG  . LYS A 1 49 ? 6.910   2.385   12.364  1.00 40.88 ? 49   LYS A CG  1 
ATOM   341  C CD  . LYS A 1 49 ? 6.677   1.819   13.790  1.00 43.11 ? 49   LYS A CD  1 
ATOM   342  C CE  . LYS A 1 49 ? 5.349   2.270   14.420  1.00 43.70 ? 49   LYS A CE  1 
ATOM   343  N NZ  . LYS A 1 49 ? 4.173   1.516   13.884  1.00 45.07 ? 49   LYS A NZ  1 
ATOM   344  N N   . ASN A 1 50 ? 7.477   -0.181  8.809   1.00 36.39 ? 50   ASN A N   1 
ATOM   345  C CA  . ASN A 1 50 ? 7.687   -1.400  8.034   1.00 35.75 ? 50   ASN A CA  1 
ATOM   346  C C   . ASN A 1 50 ? 7.057   -1.216  6.648   1.00 34.27 ? 50   ASN A C   1 
ATOM   347  O O   . ASN A 1 50 ? 5.982   -1.735  6.392   1.00 32.45 ? 50   ASN A O   1 
ATOM   348  C CB  . ASN A 1 50 ? 7.009   -2.585  8.719   1.00 37.29 ? 50   ASN A CB  1 
ATOM   349  C CG  . ASN A 1 50 ? 7.613   -2.919  10.081  1.00 39.23 ? 50   ASN A CG  1 
ATOM   350  O OD1 . ASN A 1 50 ? 7.397   -2.220  11.081  1.00 39.86 ? 50   ASN A OD1 1 
ATOM   351  N ND2 . ASN A 1 50 ? 8.368   -4.003  10.123  1.00 41.22 ? 50   ASN A ND2 1 
ATOM   352  N N   . PRO A 1 51 ? 7.718   -0.475  5.749   1.00 33.28 ? 51   PRO A N   1 
ATOM   353  C CA  . PRO A 1 51 ? 7.189   -0.241  4.402   1.00 32.92 ? 51   PRO A CA  1 
ATOM   354  C C   . PRO A 1 51 ? 7.007   -1.411  3.450   1.00 32.77 ? 51   PRO A C   1 
ATOM   355  O O   . PRO A 1 51 ? 5.971   -1.495  2.782   1.00 30.81 ? 51   PRO A O   1 
ATOM   356  C CB  . PRO A 1 51 ? 8.130   0.828   3.822   1.00 33.89 ? 51   PRO A CB  1 
ATOM   357  C CG  . PRO A 1 51 ? 9.404   0.653   4.605   1.00 33.52 ? 51   PRO A CG  1 
ATOM   358  C CD  . PRO A 1 51 ? 8.901   0.365   6.002   1.00 34.03 ? 51   PRO A CD  1 
ATOM   359  N N   . GLN A 1 52 ? 7.985   -2.312  3.370   1.00 32.06 ? 52   GLN A N   1 
ATOM   360  C CA  . GLN A 1 52 ? 7.874   -3.417  2.439   1.00 33.35 ? 52   GLN A CA  1 
ATOM   361  C C   . GLN A 1 52 ? 6.795   -4.427  2.747   1.00 33.57 ? 52   GLN A C   1 
ATOM   362  O O   . GLN A 1 52 ? 6.797   -5.076  3.795   1.00 31.88 ? 52   GLN A O   1 
ATOM   363  C CB  . GLN A 1 52 ? 9.206   -4.172  2.295   1.00 35.81 ? 52   GLN A CB  1 
ATOM   364  C CG  . GLN A 1 52 ? 10.337  -3.332  1.765   1.00 40.38 ? 52   GLN A CG  1 
ATOM   365  C CD  . GLN A 1 52 ? 11.238  -2.823  2.875   1.00 42.91 ? 52   GLN A CD  1 
ATOM   366  O OE1 . GLN A 1 52 ? 10.774  -2.373  3.926   1.00 44.96 ? 52   GLN A OE1 1 
ATOM   367  N NE2 . GLN A 1 52 ? 12.538  -2.892  2.644   1.00 44.73 ? 52   GLN A NE2 1 
ATOM   368  N N   . LEU A 1 53 ? 5.864   -4.565  1.820   1.00 33.69 ? 53   LEU A N   1 
ATOM   369  C CA  . LEU A 1 53 ? 4.808   -5.553  1.995   1.00 33.99 ? 53   LEU A CA  1 
ATOM   370  C C   . LEU A 1 53 ? 5.446   -6.931  1.868   1.00 36.03 ? 53   LEU A C   1 
ATOM   371  O O   . LEU A 1 53 ? 6.285   -7.159  0.993   1.00 34.85 ? 53   LEU A O   1 
ATOM   372  C CB  . LEU A 1 53 ? 3.755   -5.426  0.895   1.00 31.69 ? 53   LEU A CB  1 
ATOM   373  C CG  . LEU A 1 53 ? 2.789   -4.242  0.986   1.00 29.21 ? 53   LEU A CG  1 
ATOM   374  C CD1 . LEU A 1 53 ? 1.886   -4.208  -0.247  1.00 27.02 ? 53   LEU A CD1 1 
ATOM   375  C CD2 . LEU A 1 53 ? 1.981   -4.381  2.268   1.00 27.86 ? 53   LEU A CD2 1 
ATOM   376  N N   . ALA A 1 54 ? 5.051   -7.848  2.744   1.00 38.68 ? 54   ALA A N   1 
ATOM   377  C CA  . ALA A 1 54 ? 5.552   -9.208  2.671   1.00 40.71 ? 54   ALA A CA  1 
ATOM   378  C C   . ALA A 1 54 ? 4.643   -9.949  1.700   1.00 41.92 ? 54   ALA A C   1 
ATOM   379  O O   . ALA A 1 54 ? 3.602   -9.429  1.296   1.00 42.77 ? 54   ALA A O   1 
ATOM   380  C CB  . ALA A 1 54 ? 5.491   -9.864  4.037   1.00 41.80 ? 54   ALA A CB  1 
ATOM   381  N N   . GLU A 1 55 ? 5.052   -11.163 1.357   1.00 43.82 ? 55   GLU A N   1 
ATOM   382  C CA  . GLU A 1 55 ? 4.362   -12.076 0.443   1.00 45.00 ? 55   GLU A CA  1 
ATOM   383  C C   . GLU A 1 55 ? 2.844   -12.036 0.322   1.00 44.63 ? 55   GLU A C   1 
ATOM   384  O O   . GLU A 1 55 ? 2.325   -11.805 -0.769  1.00 44.91 ? 55   GLU A O   1 
ATOM   385  C CB  . GLU A 1 55 ? 4.767   -13.514 0.770   1.00 46.94 ? 55   GLU A CB  1 
ATOM   386  C CG  . GLU A 1 55 ? 6.250   -13.660 0.977   1.00 50.45 ? 55   GLU A CG  1 
ATOM   387  C CD  . GLU A 1 55 ? 7.037   -12.882 -0.061  1.00 51.52 ? 55   GLU A CD  1 
ATOM   388  O OE1 . GLU A 1 55 ? 6.948   -13.241 -1.260  1.00 52.52 ? 55   GLU A OE1 1 
ATOM   389  O OE2 . GLU A 1 55 ? 7.730   -11.911 0.328   1.00 52.01 ? 55   GLU A OE2 1 
ATOM   390  N N   . GLU A 1 56 ? 2.133   -12.306 1.417   1.00 43.79 ? 56   GLU A N   1 
ATOM   391  C CA  . GLU A 1 56 ? 0.674   -12.316 1.371   1.00 42.94 ? 56   GLU A CA  1 
ATOM   392  C C   . GLU A 1 56 ? 0.048   -10.938 1.606   1.00 40.60 ? 56   GLU A C   1 
ATOM   393  O O   . GLU A 1 56 ? -1.157  -10.740 1.369   1.00 40.44 ? 56   GLU A O   1 
ATOM   394  C CB  . GLU A 1 56 ? 0.122   -13.299 2.406   1.00 46.07 ? 56   GLU A CB  1 
ATOM   395  C CG  . GLU A 1 56 ? -0.477  -12.610 3.621   1.00 50.60 ? 56   GLU A CG  1 
ATOM   396  C CD  . GLU A 1 56 ? -0.575  -13.512 4.846   1.00 54.49 ? 56   GLU A CD  1 
ATOM   397  O OE1 . GLU A 1 56 ? -1.375  -14.489 4.832   1.00 55.91 ? 56   GLU A OE1 1 
ATOM   398  O OE2 . GLU A 1 56 ? 0.158   -13.229 5.828   1.00 55.55 ? 56   GLU A OE2 1 
ATOM   399  N N   . ASP A 1 57 ? 0.858   -9.996  2.084   1.00 37.10 ? 57   ASP A N   1 
ATOM   400  C CA  . ASP A 1 57 ? 0.386   -8.651  2.377   1.00 33.57 ? 57   ASP A CA  1 
ATOM   401  C C   . ASP A 1 57 ? -0.036  -7.955  1.099   1.00 31.72 ? 57   ASP A C   1 
ATOM   402  O O   . ASP A 1 57 ? 0.676   -8.006  0.102   1.00 30.79 ? 57   ASP A O   1 
ATOM   403  C CB  . ASP A 1 57 ? 1.498   -7.799  2.994   1.00 35.54 ? 57   ASP A CB  1 
ATOM   404  C CG  . ASP A 1 57 ? 2.053   -8.375  4.270   1.00 36.10 ? 57   ASP A CG  1 
ATOM   405  O OD1 . ASP A 1 57 ? 3.169   -7.930  4.671   1.00 34.66 ? 57   ASP A OD1 1 
ATOM   406  O OD2 . ASP A 1 57 ? 1.372   -9.252  4.857   1.00 35.85 ? 57   ASP A OD2 1 
ATOM   407  N N   . LYS A 1 58 ? -1.190  -7.306  1.131   1.00 28.44 ? 58   LYS A N   1 
ATOM   408  C CA  . LYS A 1 58 ? -1.657  -6.528  -0.007  1.00 25.68 ? 58   LYS A CA  1 
ATOM   409  C C   . LYS A 1 58 ? -2.533  -5.442  0.611   1.00 25.33 ? 58   LYS A C   1 
ATOM   410  O O   . LYS A 1 58 ? -3.089  -5.613  1.710   1.00 23.71 ? 58   LYS A O   1 
ATOM   411  C CB  . LYS A 1 58 ? -2.443  -7.371  -1.013  1.00 23.51 ? 58   LYS A CB  1 
ATOM   412  C CG  . LYS A 1 58 ? -3.774  -7.912  -0.520  1.00 22.77 ? 58   LYS A CG  1 
ATOM   413  C CD  . LYS A 1 58 ? -4.321  -8.918  -1.528  1.00 21.41 ? 58   LYS A CD  1 
ATOM   414  C CE  . LYS A 1 58 ? -5.701  -9.499  -1.154  1.00 21.19 ? 58   LYS A CE  1 
ATOM   415  N NZ  . LYS A 1 58 ? -5.649  -10.325 0.101   1.00 22.13 ? 58   LYS A NZ  1 
ATOM   416  N N   . ILE A 1 59 ? -2.617  -4.300  -0.065  1.00 24.48 ? 59   ILE A N   1 
ATOM   417  C CA  . ILE A 1 59 ? -3.419  -3.223  0.472   1.00 23.02 ? 59   ILE A CA  1 
ATOM   418  C C   . ILE A 1 59 ? -4.522  -2.876  -0.511  1.00 22.62 ? 59   ILE A C   1 
ATOM   419  O O   . ILE A 1 59 ? -4.255  -2.555  -1.658  1.00 21.56 ? 59   ILE A O   1 
ATOM   420  C CB  . ILE A 1 59 ? -2.563  -1.976  0.729   1.00 24.08 ? 59   ILE A CB  1 
ATOM   421  C CG1 . ILE A 1 59 ? -1.241  -2.365  1.435   1.00 24.42 ? 59   ILE A CG1 1 
ATOM   422  C CG2 . ILE A 1 59 ? -3.389  -0.989  1.546   1.00 21.73 ? 59   ILE A CG2 1 
ATOM   423  C CD1 . ILE A 1 59 ? -0.333  -1.172  1.838   1.00 24.60 ? 59   ILE A CD1 1 
ATOM   424  N N   . LEU A 1 60 ? -5.764  -2.972  -0.057  1.00 24.00 ? 60   LEU A N   1 
ATOM   425  C CA  . LEU A 1 60 ? -6.920  -2.660  -0.885  1.00 24.55 ? 60   LEU A CA  1 
ATOM   426  C C   . LEU A 1 60 ? -7.489  -1.331  -0.410  1.00 26.47 ? 60   LEU A C   1 
ATOM   427  O O   . LEU A 1 60 ? -7.334  -0.976  0.747   1.00 25.61 ? 60   LEU A O   1 
ATOM   428  C CB  . LEU A 1 60 ? -8.003  -3.750  -0.750  1.00 23.95 ? 60   LEU A CB  1 
ATOM   429  C CG  . LEU A 1 60 ? -7.542  -5.167  -1.092  1.00 23.83 ? 60   LEU A CG  1 
ATOM   430  C CD1 . LEU A 1 60 ? -8.661  -6.155  -0.892  1.00 22.64 ? 60   LEU A CD1 1 
ATOM   431  C CD2 . LEU A 1 60 ? -7.056  -5.203  -2.530  1.00 24.00 ? 60   LEU A CD2 1 
ATOM   432  N N   . ALA A 1 61 ? -8.153  -0.613  -1.317  1.00 28.35 ? 61   ALA A N   1 
ATOM   433  C CA  . ALA A 1 61 ? -8.769  0.675   -1.022  1.00 29.73 ? 61   ALA A CA  1 
ATOM   434  C C   . ALA A 1 61 ? -9.748  0.487   0.116   1.00 31.10 ? 61   ALA A C   1 
ATOM   435  O O   . ALA A 1 61 ? -10.457 -0.500  0.161   1.00 31.46 ? 61   ALA A O   1 
ATOM   436  C CB  . ALA A 1 61 ? -9.529  1.222   -2.275  1.00 29.20 ? 61   ALA A CB  1 
ATOM   437  N N   . THR A 1 62 ? -9.789  1.434   1.038   1.00 31.86 ? 62   THR A N   1 
ATOM   438  C CA  . THR A 1 62 ? -10.710 1.333   2.145   1.00 33.92 ? 62   THR A CA  1 
ATOM   439  C C   . THR A 1 62 ? -12.154 1.219   1.635   1.00 37.17 ? 62   THR A C   1 
ATOM   440  O O   . THR A 1 62 ? -12.930 0.416   2.147   1.00 37.24 ? 62   THR A O   1 
ATOM   441  C CB  . THR A 1 62 ? -10.563 2.560   3.069   1.00 33.36 ? 62   THR A CB  1 
ATOM   442  O OG1 . THR A 1 62 ? -9.286  2.507   3.716   1.00 31.02 ? 62   THR A OG1 1 
ATOM   443  C CG2 . THR A 1 62 ? -11.664 2.608   4.110   1.00 32.40 ? 62   THR A CG2 1 
ATOM   444  N N   . PRO A 1 63 ? -12.529 2.018   0.615   1.00 39.74 ? 63   PRO A N   1 
ATOM   445  C CA  . PRO A 1 63 ? -13.904 1.946   0.095   1.00 41.87 ? 63   PRO A CA  1 
ATOM   446  C C   . PRO A 1 63 ? -14.323 0.579   -0.420  1.00 43.94 ? 63   PRO A C   1 
ATOM   447  O O   . PRO A 1 63 ? -15.502 0.242   -0.397  1.00 45.03 ? 63   PRO A O   1 
ATOM   448  C CB  . PRO A 1 63 ? -13.935 3.034   -0.985  1.00 41.67 ? 63   PRO A CB  1 
ATOM   449  C CG  . PRO A 1 63 ? -12.466 3.244   -1.331  1.00 41.36 ? 63   PRO A CG  1 
ATOM   450  C CD  . PRO A 1 63 ? -11.802 3.143   0.004   1.00 40.01 ? 63   PRO A CD  1 
ATOM   451  N N   . THR A 1 64 ? -13.370 -0.233  -0.867  1.00 45.83 ? 64   THR A N   1 
ATOM   452  C CA  . THR A 1 64 ? -13.744 -1.556  -1.331  1.00 46.33 ? 64   THR A CA  1 
ATOM   453  C C   . THR A 1 64 ? -14.222 -2.446  -0.162  1.00 45.88 ? 64   THR A C   1 
ATOM   454  O O   . THR A 1 64 ? -15.425 -2.647  0.005   1.00 46.38 ? 64   THR A O   1 
ATOM   455  C CB  . THR A 1 64 ? -12.573 -2.235  -2.147  1.00 48.34 ? 64   THR A CB  1 
ATOM   456  O OG1 . THR A 1 64 ? -13.076 -3.415  -2.800  1.00 52.45 ? 64   THR A OG1 1 
ATOM   457  C CG2 . THR A 1 64 ? -11.396 -2.635  -1.262  1.00 48.05 ? 64   THR A CG2 1 
ATOM   458  N N   . LEU A 1 65 ? -13.293 -2.917  0.677   1.00 45.01 ? 65   LEU A N   1 
ATOM   459  C CA  . LEU A 1 65 ? -13.580 -3.809  1.807   1.00 42.89 ? 65   LEU A CA  1 
ATOM   460  C C   . LEU A 1 65 ? -14.329 -3.284  3.013   1.00 42.47 ? 65   LEU A C   1 
ATOM   461  O O   . LEU A 1 65 ? -14.915 -4.079  3.755   1.00 41.24 ? 65   LEU A O   1 
ATOM   462  C CB  . LEU A 1 65 ? -12.287 -4.398  2.362   1.00 42.66 ? 65   LEU A CB  1 
ATOM   463  C CG  . LEU A 1 65 ? -11.577 -5.566  1.706   1.00 42.24 ? 65   LEU A CG  1 
ATOM   464  C CD1 . LEU A 1 65 ? -10.453 -6.021  2.627   1.00 40.55 ? 65   LEU A CD1 1 
ATOM   465  C CD2 . LEU A 1 65 ? -12.565 -6.697  1.454   1.00 42.71 ? 65   LEU A CD2 1 
ATOM   466  N N   . SER A 1 66 ? -14.295 -1.975  3.246   1.00 41.54 ? 66   SER A N   1 
ATOM   467  C CA  . SER A 1 66 ? -14.938 -1.446  4.439   1.00 41.89 ? 66   SER A CA  1 
ATOM   468  C C   . SER A 1 66 ? -16.420 -1.770  4.568   1.00 41.65 ? 66   SER A C   1 
ATOM   469  O O   . SER A 1 66 ? -16.916 -1.964  5.680   1.00 42.72 ? 66   SER A O   1 
ATOM   470  C CB  . SER A 1 66 ? -14.727 0.069   4.547   1.00 42.01 ? 66   SER A CB  1 
ATOM   471  O OG  . SER A 1 66 ? -15.574 0.767   3.650   1.00 43.25 ? 66   SER A OG  1 
ATOM   472  N N   . LYS A 1 67 ? -17.128 -1.846  3.449   1.00 41.56 ? 67   LYS A N   1 
ATOM   473  C CA  . LYS A 1 67 ? -18.565 -2.136  3.466   1.00 40.72 ? 67   LYS A CA  1 
ATOM   474  C C   . LYS A 1 67 ? -18.968 -3.476  4.107   1.00 39.74 ? 67   LYS A C   1 
ATOM   475  O O   . LYS A 1 67 ? -20.105 -3.632  4.557   1.00 39.59 ? 67   LYS A O   1 
ATOM   476  C CB  . LYS A 1 67 ? -19.109 -2.066  2.038   1.00 43.48 ? 67   LYS A CB  1 
ATOM   477  C CG  . LYS A 1 67 ? -20.574 -1.567  1.936   1.00 46.85 ? 67   LYS A CG  1 
ATOM   478  C CD  . LYS A 1 67 ? -20.950 -1.132  0.493   1.00 48.97 ? 67   LYS A CD  1 
ATOM   479  C CE  . LYS A 1 67 ? -22.435 -0.678  0.355   1.00 49.26 ? 67   LYS A CE  1 
ATOM   480  N NZ  . LYS A 1 67 ? -22.799 0.493   1.215   1.00 50.24 ? 67   LYS A NZ  1 
ATOM   481  N N   . ILE A 1 68 ? -18.045 -4.437  4.190   1.00 37.55 ? 68   ILE A N   1 
ATOM   482  C CA  . ILE A 1 68 ? -18.399 -5.738  4.759   1.00 35.66 ? 68   ILE A CA  1 
ATOM   483  C C   . ILE A 1 68 ? -18.094 -5.824  6.213   1.00 35.15 ? 68   ILE A C   1 
ATOM   484  O O   . ILE A 1 68 ? -18.277 -6.881  6.818   1.00 35.47 ? 68   ILE A O   1 
ATOM   485  C CB  . ILE A 1 68 ? -17.646 -6.880  4.087   1.00 35.61 ? 68   ILE A CB  1 
ATOM   486  C CG1 . ILE A 1 68 ? -16.125 -6.708  4.342   1.00 34.57 ? 68   ILE A CG1 1 
ATOM   487  C CG2 . ILE A 1 68 ? -18.031 -6.934  2.617   1.00 34.32 ? 68   ILE A CG2 1 
ATOM   488  C CD1 . ILE A 1 68 ? -15.264 -7.855  3.877   1.00 35.98 ? 68   ILE A CD1 1 
ATOM   489  N N   . LEU A 1 69 ? -17.641 -4.718  6.783   1.00 34.26 ? 69   LEU A N   1 
ATOM   490  C CA  . LEU A 1 69 ? -17.269 -4.681  8.190   1.00 33.85 ? 69   LEU A CA  1 
ATOM   491  C C   . LEU A 1 69 ? -18.318 -4.150  9.167   1.00 35.23 ? 69   LEU A C   1 
ATOM   492  O O   . LEU A 1 69 ? -19.310 -3.524  8.780   1.00 35.38 ? 69   LEU A O   1 
ATOM   493  C CB  . LEU A 1 69 ? -15.990 -3.859  8.361   1.00 31.70 ? 69   LEU A CB  1 
ATOM   494  C CG  . LEU A 1 69 ? -14.741 -4.331  7.610   1.00 30.96 ? 69   LEU A CG  1 
ATOM   495  C CD1 . LEU A 1 69 ? -13.604 -3.330  7.793   1.00 26.89 ? 69   LEU A CD1 1 
ATOM   496  C CD2 . LEU A 1 69 ? -14.359 -5.736  8.131   1.00 30.29 ? 69   LEU A CD2 1 
ATOM   497  N N   . PRO A 1 70 ? -18.097 -4.399  10.466  1.00 35.85 ? 70   PRO A N   1 
ATOM   498  C CA  . PRO A 1 70 ? -19.000 -3.953  11.528  1.00 36.75 ? 70   PRO A CA  1 
ATOM   499  C C   . PRO A 1 70 ? -19.182 -2.431  11.539  1.00 37.79 ? 70   PRO A C   1 
ATOM   500  O O   . PRO A 1 70 ? -18.208 -1.677  11.431  1.00 37.73 ? 70   PRO A O   1 
ATOM   501  C CB  . PRO A 1 70 ? -18.297 -4.447  12.792  1.00 36.36 ? 70   PRO A CB  1 
ATOM   502  C CG  . PRO A 1 70 ? -17.698 -5.748  12.339  1.00 35.63 ? 70   PRO A CG  1 
ATOM   503  C CD  . PRO A 1 70 ? -17.109 -5.361  10.992  1.00 35.37 ? 70   PRO A CD  1 
ATOM   504  N N   . PRO A 1 71 ? -20.439 -1.962  11.683  1.00 38.34 ? 71   PRO A N   1 
ATOM   505  C CA  . PRO A 1 71 ? -20.784 -0.532  11.722  1.00 37.70 ? 71   PRO A CA  1 
ATOM   506  C C   . PRO A 1 71 ? -19.864 0.380   12.559  1.00 37.62 ? 71   PRO A C   1 
ATOM   507  O O   . PRO A 1 71 ? -19.395 1.399   12.065  1.00 37.45 ? 71   PRO A O   1 
ATOM   508  C CB  . PRO A 1 71 ? -22.218 -0.550  12.239  1.00 38.15 ? 71   PRO A CB  1 
ATOM   509  C CG  . PRO A 1 71 ? -22.782 -1.769  11.536  1.00 37.81 ? 71   PRO A CG  1 
ATOM   510  C CD  . PRO A 1 71 ? -21.662 -2.796  11.699  1.00 37.97 ? 71   PRO A CD  1 
ATOM   511  N N   . PRO A 1 72 ? -19.606 0.043   13.839  1.00 37.88 ? 72   PRO A N   1 
ATOM   512  C CA  . PRO A 1 72 ? -18.713 0.982   14.544  1.00 38.02 ? 72   PRO A CA  1 
ATOM   513  C C   . PRO A 1 72 ? -17.298 1.008   13.934  1.00 37.22 ? 72   PRO A C   1 
ATOM   514  O O   . PRO A 1 72 ? -16.599 2.034   13.972  1.00 37.53 ? 72   PRO A O   1 
ATOM   515  C CB  . PRO A 1 72 ? -18.743 0.477   16.007  1.00 37.96 ? 72   PRO A CB  1 
ATOM   516  C CG  . PRO A 1 72 ? -19.007 -1.013  15.870  1.00 37.94 ? 72   PRO A CG  1 
ATOM   517  C CD  . PRO A 1 72 ? -20.040 -1.064  14.724  1.00 37.75 ? 72   PRO A CD  1 
ATOM   518  N N   . VAL A 1 73 ? -16.900 -0.121  13.354  1.00 35.68 ? 73   VAL A N   1 
ATOM   519  C CA  . VAL A 1 73 ? -15.596 -0.255  12.719  1.00 34.03 ? 73   VAL A CA  1 
ATOM   520  C C   . VAL A 1 73 ? -15.507 0.615   11.440  1.00 34.13 ? 73   VAL A C   1 
ATOM   521  O O   . VAL A 1 73 ? -14.511 1.314   11.214  1.00 32.82 ? 73   VAL A O   1 
ATOM   522  C CB  . VAL A 1 73 ? -15.334 -1.734  12.384  1.00 33.96 ? 73   VAL A CB  1 
ATOM   523  C CG1 . VAL A 1 73 ? -14.015 -1.882  11.631  1.00 33.67 ? 73   VAL A CG1 1 
ATOM   524  C CG2 . VAL A 1 73 ? -15.345 -2.577  13.681  1.00 32.46 ? 73   VAL A CG2 1 
ATOM   525  N N   . ARG A 1 74 ? -16.554 0.580   10.614  1.00 34.41 ? 74   ARG A N   1 
ATOM   526  C CA  . ARG A 1 74 ? -16.589 1.397   9.397   1.00 35.63 ? 74   ARG A CA  1 
ATOM   527  C C   . ARG A 1 74 ? -16.446 2.879   9.794   1.00 34.69 ? 74   ARG A C   1 
ATOM   528  O O   . ARG A 1 74 ? -15.745 3.639   9.145   1.00 34.61 ? 74   ARG A O   1 
ATOM   529  C CB  . ARG A 1 74 ? -17.923 1.227   8.642   1.00 37.88 ? 74   ARG A CB  1 
ATOM   530  C CG  . ARG A 1 74 ? -18.322 -0.199  8.249   1.00 40.41 ? 74   ARG A CG  1 
ATOM   531  C CD  . ARG A 1 74 ? -19.649 -0.159  7.456   1.00 42.97 ? 74   ARG A CD  1 
ATOM   532  N NE  . ARG A 1 74 ? -19.493 0.587   6.203   1.00 46.75 ? 74   ARG A NE  1 
ATOM   533  C CZ  . ARG A 1 74 ? -20.493 1.051   5.441   1.00 49.00 ? 74   ARG A CZ  1 
ATOM   534  N NH1 . ARG A 1 74 ? -21.761 0.860   5.792   1.00 50.13 ? 74   ARG A NH1 1 
ATOM   535  N NH2 . ARG A 1 74 ? -20.222 1.711   4.319   1.00 49.20 ? 74   ARG A NH2 1 
ATOM   536  N N   . LYS A 1 75 ? -17.108 3.284   10.872  1.00 34.93 ? 75   LYS A N   1 
ATOM   537  C CA  . LYS A 1 75 ? -17.038 4.677   11.309  1.00 35.49 ? 75   LYS A CA  1 
ATOM   538  C C   . LYS A 1 75 ? -15.613 5.074   11.687  1.00 34.22 ? 75   LYS A C   1 
ATOM   539  O O   . LYS A 1 75 ? -15.090 6.092   11.200  1.00 33.37 ? 75   LYS A O   1 
ATOM   540  C CB  . LYS A 1 75 ? -17.993 4.926   12.485  1.00 37.02 ? 75   LYS A CB  1 
ATOM   541  C CG  . LYS A 1 75 ? -18.073 6.402   12.912  1.00 41.14 ? 75   LYS A CG  1 
ATOM   542  C CD  . LYS A 1 75 ? -16.992 6.810   13.941  1.00 42.62 ? 75   LYS A CD  1 
ATOM   543  C CE  . LYS A 1 75 ? -17.400 6.386   15.356  1.00 45.33 ? 75   LYS A CE  1 
ATOM   544  N NZ  . LYS A 1 75 ? -16.385 6.707   16.433  1.00 46.39 ? 75   LYS A NZ  1 
ATOM   545  N N   . ILE A 1 76 ? -14.967 4.267   12.532  1.00 32.16 ? 76   ILE A N   1 
ATOM   546  C CA  . ILE A 1 76 ? -13.613 4.599   12.930  1.00 31.86 ? 76   ILE A CA  1 
ATOM   547  C C   . ILE A 1 76 ? -12.706 4.654   11.707  1.00 31.60 ? 76   ILE A C   1 
ATOM   548  O O   . ILE A 1 76 ? -11.914 5.582   11.558  1.00 30.78 ? 76   ILE A O   1 
ATOM   549  C CB  . ILE A 1 76 ? -13.068 3.595   13.990  1.00 32.45 ? 76   ILE A CB  1 
ATOM   550  C CG1 . ILE A 1 76 ? -13.769 3.840   15.330  1.00 33.05 ? 76   ILE A CG1 1 
ATOM   551  C CG2 . ILE A 1 76 ? -11.589 3.810   14.205  1.00 31.95 ? 76   ILE A CG2 1 
ATOM   552  C CD1 . ILE A 1 76 ? -13.519 2.752   16.374  1.00 35.52 ? 76   ILE A CD1 1 
ATOM   553  N N   . ILE A 1 77 ? -12.856 3.674   10.820  1.00 31.70 ? 77   ILE A N   1 
ATOM   554  C CA  . ILE A 1 77 ? -12.062 3.611   9.607   1.00 32.85 ? 77   ILE A CA  1 
ATOM   555  C C   . ILE A 1 77 ? -12.326 4.845   8.746   1.00 33.57 ? 77   ILE A C   1 
ATOM   556  O O   . ILE A 1 77 ? -11.416 5.344   8.083   1.00 32.98 ? 77   ILE A O   1 
ATOM   557  C CB  . ILE A 1 77 ? -12.357 2.295   8.829   1.00 32.66 ? 77   ILE A CB  1 
ATOM   558  C CG1 . ILE A 1 77 ? -11.673 1.118   9.545   1.00 33.35 ? 77   ILE A CG1 1 
ATOM   559  C CG2 . ILE A 1 77 ? -11.885 2.393   7.410   1.00 32.33 ? 77   ILE A CG2 1 
ATOM   560  C CD1 . ILE A 1 77 ? -11.812 -0.184  8.832   1.00 32.95 ? 77   ILE A CD1 1 
ATOM   561  N N   . GLY A 1 78 ? -13.565 5.333   8.772   1.00 33.99 ? 78   GLY A N   1 
ATOM   562  C CA  . GLY A 1 78 ? -13.909 6.533   8.026   1.00 34.50 ? 78   GLY A CA  1 
ATOM   563  C C   . GLY A 1 78 ? -13.135 7.684   8.636   1.00 35.43 ? 78   GLY A C   1 
ATOM   564  O O   . GLY A 1 78 ? -12.607 8.532   7.934   1.00 36.33 ? 78   GLY A O   1 
ATOM   565  N N   . ASP A 1 79 ? -13.036 7.704   9.961   1.00 36.42 ? 79   ASP A N   1 
ATOM   566  C CA  . ASP A 1 79 ? -12.285 8.744   10.643  1.00 36.36 ? 79   ASP A CA  1 
ATOM   567  C C   . ASP A 1 79 ? -10.796 8.672   10.321  1.00 36.21 ? 79   ASP A C   1 
ATOM   568  O O   . ASP A 1 79 ? -10.165 9.693   10.000  1.00 35.75 ? 79   ASP A O   1 
ATOM   569  C CB  . ASP A 1 79 ? -12.459 8.628   12.156  1.00 38.44 ? 79   ASP A CB  1 
ATOM   570  C CG  . ASP A 1 79 ? -13.851 8.991   12.603  1.00 41.56 ? 79   ASP A CG  1 
ATOM   571  O OD1 . ASP A 1 79 ? -14.568 9.667   11.817  1.00 42.95 ? 79   ASP A OD1 1 
ATOM   572  O OD2 . ASP A 1 79 ? -14.223 8.617   13.741  1.00 43.32 ? 79   ASP A OD2 1 
ATOM   573  N N   . LEU A 1 80 ? -10.232 7.470   10.435  1.00 34.09 ? 80   LEU A N   1 
ATOM   574  C CA  . LEU A 1 80 ? -8.805  7.259   10.161  1.00 33.44 ? 80   LEU A CA  1 
ATOM   575  C C   . LEU A 1 80 ? -8.455  7.650   8.730   1.00 32.99 ? 80   LEU A C   1 
ATOM   576  O O   . LEU A 1 80 ? -7.346  8.085   8.421   1.00 31.94 ? 80   LEU A O   1 
ATOM   577  C CB  . LEU A 1 80 ? -8.435  5.782   10.382  1.00 32.62 ? 80   LEU A CB  1 
ATOM   578  C CG  . LEU A 1 80 ? -8.539  5.225   11.806  1.00 32.96 ? 80   LEU A CG  1 
ATOM   579  C CD1 . LEU A 1 80 ? -8.186  3.749   11.807  1.00 32.95 ? 80   LEU A CD1 1 
ATOM   580  C CD2 . LEU A 1 80 ? -7.573  5.974   12.718  1.00 31.23 ? 80   LEU A CD2 1 
ATOM   581  N N   . SER A 1 81 ? -9.428  7.490   7.858   1.00 34.01 ? 81   SER A N   1 
ATOM   582  C CA  . SER A 1 81 ? -9.233  7.781   6.459   1.00 36.87 ? 81   SER A CA  1 
ATOM   583  C C   . SER A 1 81 ? -9.405  9.249   6.076   1.00 38.29 ? 81   SER A C   1 
ATOM   584  O O   . SER A 1 81 ? -8.541  9.825   5.428   1.00 38.07 ? 81   SER A O   1 
ATOM   585  C CB  . SER A 1 81 ? -10.195 6.937   5.639   1.00 36.01 ? 81   SER A CB  1 
ATOM   586  O OG  . SER A 1 81 ? -9.975  7.181   4.277   1.00 38.98 ? 81   SER A OG  1 
ATOM   587  N N   . ASP A 1 82 ? -10.516 9.848   6.492   1.00 40.59 ? 82   ASP A N   1 
ATOM   588  C CA  . ASP A 1 82 ? -10.817 11.232  6.141   1.00 42.10 ? 82   ASP A CA  1 
ATOM   589  C C   . ASP A 1 82 ? -10.399 12.286  7.146   1.00 42.52 ? 82   ASP A C   1 
ATOM   590  O O   . ASP A 1 82 ? -10.092 13.410  6.762   1.00 43.52 ? 82   ASP A O   1 
ATOM   591  C CB  . ASP A 1 82 ? -12.309 11.377  5.863   1.00 43.68 ? 82   ASP A CB  1 
ATOM   592  C CG  . ASP A 1 82 ? -12.814 10.383  4.832   1.00 45.66 ? 82   ASP A CG  1 
ATOM   593  O OD1 . ASP A 1 82 ? -12.034 9.999   3.922   1.00 47.61 ? 82   ASP A OD1 1 
ATOM   594  O OD2 . ASP A 1 82 ? -14.000 9.996   4.920   1.00 46.66 ? 82   ASP A OD2 1 
ATOM   595  N N   . ARG A 1 83 ? -10.404 11.941  8.426   1.00 42.57 ? 83   ARG A N   1 
ATOM   596  C CA  . ARG A 1 83 ? -10.022 12.884  9.474   1.00 42.44 ? 83   ARG A CA  1 
ATOM   597  C C   . ARG A 1 83 ? -8.515  12.880  9.728   1.00 40.83 ? 83   ARG A C   1 
ATOM   598  O O   . ARG A 1 83 ? -7.844  13.911  9.582   1.00 39.72 ? 83   ARG A O   1 
ATOM   599  C CB  . ARG A 1 83 ? -10.712 12.541  10.801  1.00 45.05 ? 83   ARG A CB  1 
ATOM   600  C CG  . ARG A 1 83 ? -12.073 13.154  11.043  1.00 49.22 ? 83   ARG A CG  1 
ATOM   601  C CD  . ARG A 1 83 ? -12.407 13.069  12.563  1.00 52.28 ? 83   ARG A CD  1 
ATOM   602  N NE  . ARG A 1 83 ? -13.792 13.436  12.872  1.00 54.72 ? 83   ARG A NE  1 
ATOM   603  C CZ  . ARG A 1 83 ? -14.280 14.678  12.833  1.00 55.97 ? 83   ARG A CZ  1 
ATOM   604  N NH1 . ARG A 1 83 ? -13.495 15.702  12.507  1.00 56.10 ? 83   ARG A NH1 1 
ATOM   605  N NH2 . ARG A 1 83 ? -15.567 14.895  13.095  1.00 56.42 ? 83   ARG A NH2 1 
ATOM   606  N N   . GLU A 1 84 ? -7.990  11.728  10.141  1.00 38.03 ? 84   GLU A N   1 
ATOM   607  C CA  . GLU A 1 84 ? -6.566  11.634  10.432  1.00 36.24 ? 84   GLU A CA  1 
ATOM   608  C C   . GLU A 1 84 ? -5.733  11.561  9.166   1.00 34.81 ? 84   GLU A C   1 
ATOM   609  O O   . GLU A 1 84 ? -4.565  11.948  9.159   1.00 33.44 ? 84   GLU A O   1 
ATOM   610  C CB  . GLU A 1 84 ? -6.281  10.431  11.343  1.00 36.49 ? 84   GLU A CB  1 
ATOM   611  C CG  . GLU A 1 84 ? -6.864  10.583  12.746  1.00 37.82 ? 84   GLU A CG  1 
ATOM   612  C CD  . GLU A 1 84 ? -6.400  11.868  13.442  1.00 39.03 ? 84   GLU A CD  1 
ATOM   613  O OE1 . GLU A 1 84 ? -5.185  12.034  13.662  1.00 39.58 ? 84   GLU A OE1 1 
ATOM   614  O OE2 . GLU A 1 84 ? -7.256  12.722  13.766  1.00 39.01 ? 84   GLU A OE2 1 
ATOM   615  N N   . ARG A 1 85 ? -6.343  11.072  8.093   1.00 34.56 ? 85   ARG A N   1 
ATOM   616  C CA  . ARG A 1 85 ? -5.652  10.949  6.817   1.00 34.19 ? 85   ARG A CA  1 
ATOM   617  C C   . ARG A 1 85 ? -4.458  9.980   6.929   1.00 33.22 ? 85   ARG A C   1 
ATOM   618  O O   . ARG A 1 85 ? -3.516  10.074  6.150   1.00 34.32 ? 85   ARG A O   1 
ATOM   619  C CB  . ARG A 1 85 ? -5.138  12.331  6.355   1.00 35.60 ? 85   ARG A CB  1 
ATOM   620  C CG  . ARG A 1 85 ? -6.202  13.425  6.131   1.00 38.85 ? 85   ARG A CG  1 
ATOM   621  C CD  . ARG A 1 85 ? -7.214  13.041  5.063   1.00 41.12 ? 85   ARG A CD  1 
ATOM   622  N NE  . ARG A 1 85 ? -6.553  12.634  3.826   1.00 45.17 ? 85   ARG A NE  1 
ATOM   623  C CZ  . ARG A 1 85 ? -6.050  13.469  2.910   1.00 47.61 ? 85   ARG A CZ  1 
ATOM   624  N NH1 . ARG A 1 85 ? -6.135  14.792  3.070   1.00 47.57 ? 85   ARG A NH1 1 
ATOM   625  N NH2 . ARG A 1 85 ? -5.430  12.977  1.837   1.00 48.42 ? 85   ARG A NH2 1 
ATOM   626  N N   . VAL A 1 86 ? -4.472  9.060   7.886   1.00 31.11 ? 86   VAL A N   1 
ATOM   627  C CA  . VAL A 1 86 ? -3.340  8.130   8.011   1.00 29.87 ? 86   VAL A CA  1 
ATOM   628  C C   . VAL A 1 86 ? -3.597  6.803   7.321   1.00 28.04 ? 86   VAL A C   1 
ATOM   629  O O   . VAL A 1 86 ? -2.645  6.080   6.996   1.00 27.31 ? 86   VAL A O   1 
ATOM   630  C CB  . VAL A 1 86 ? -3.022  7.738   9.490   1.00 30.64 ? 86   VAL A CB  1 
ATOM   631  C CG1 . VAL A 1 86 ? -2.591  8.961   10.297  1.00 31.22 ? 86   VAL A CG1 1 
ATOM   632  C CG2 . VAL A 1 86 ? -4.247  7.058   10.106  1.00 29.35 ? 86   VAL A CG2 1 
ATOM   633  N N   . LEU A 1 87 ? -4.873  6.477   7.123   1.00 25.65 ? 87   LEU A N   1 
ATOM   634  C CA  . LEU A 1 87 ? -5.227  5.195   6.542   1.00 24.38 ? 87   LEU A CA  1 
ATOM   635  C C   . LEU A 1 87 ? -5.087  5.131   5.045   1.00 23.00 ? 87   LEU A C   1 
ATOM   636  O O   . LEU A 1 87 ? -5.792  5.820   4.307   1.00 23.43 ? 87   LEU A O   1 
ATOM   637  C CB  . LEU A 1 87 ? -6.657  4.767   6.943   1.00 23.18 ? 87   LEU A CB  1 
ATOM   638  C CG  . LEU A 1 87 ? -6.998  3.271   6.645   1.00 23.38 ? 87   LEU A CG  1 
ATOM   639  C CD1 . LEU A 1 87 ? -6.057  2.336   7.490   1.00 23.50 ? 87   LEU A CD1 1 
ATOM   640  C CD2 . LEU A 1 87 ? -8.454  2.946   7.019   1.00 22.03 ? 87   LEU A CD2 1 
ATOM   641  N N   . ILE A 1 88 ? -4.207  4.239   4.607   1.00 21.73 ? 88   ILE A N   1 
ATOM   642  C CA  . ILE A 1 88 ? -3.919  4.002   3.193   1.00 20.56 ? 88   ILE A CA  1 
ATOM   643  C C   . ILE A 1 88 ? -4.935  3.047   2.583   1.00 21.47 ? 88   ILE A C   1 
ATOM   644  O O   . ILE A 1 88 ? -5.563  3.327   1.544   1.00 23.29 ? 88   ILE A O   1 
ATOM   645  C CB  . ILE A 1 88 ? -2.477  3.412   3.041   1.00 21.00 ? 88   ILE A CB  1 
ATOM   646  C CG1 . ILE A 1 88 ? -1.446  4.431   3.556   1.00 19.33 ? 88   ILE A CG1 1 
ATOM   647  C CG2 . ILE A 1 88 ? -2.188  3.048   1.565   1.00 20.17 ? 88   ILE A CG2 1 
ATOM   648  C CD1 . ILE A 1 88 ? 0.012   3.843   3.707   1.00 19.70 ? 88   ILE A CD1 1 
ATOM   649  N N   . GLY A 1 89 ? -5.100  1.903   3.240   1.00 21.71 ? 89   GLY A N   1 
ATOM   650  C CA  . GLY A 1 89 ? -6.014  0.901   2.769   1.00 21.06 ? 89   GLY A CA  1 
ATOM   651  C C   . GLY A 1 89 ? -6.111  -0.197  3.800   1.00 21.97 ? 89   GLY A C   1 
ATOM   652  O O   . GLY A 1 89 ? -5.695  -0.038  4.943   1.00 23.41 ? 89   GLY A O   1 
ATOM   653  N N   . LEU A 1 90 ? -6.635  -1.334  3.402   1.00 21.62 ? 90   LEU A N   1 
ATOM   654  C CA  . LEU A 1 90 ? -6.809  -2.397  4.358   1.00 23.20 ? 90   LEU A CA  1 
ATOM   655  C C   . LEU A 1 90 ? -6.883  -3.771  3.695   1.00 22.60 ? 90   LEU A C   1 
ATOM   656  O O   . LEU A 1 90 ? -6.789  -3.906  2.467   1.00 21.43 ? 90   LEU A O   1 
ATOM   657  C CB  . LEU A 1 90 ? -8.082  -2.121  5.170   1.00 25.20 ? 90   LEU A CB  1 
ATOM   658  C CG  . LEU A 1 90 ? -9.256  -1.624  4.313   1.00 26.84 ? 90   LEU A CG  1 
ATOM   659  C CD1 . LEU A 1 90 ? -9.515  -2.598  3.174   1.00 29.34 ? 90   LEU A CD1 1 
ATOM   660  C CD2 . LEU A 1 90 ? -10.501 -1.464  5.154   1.00 26.93 ? 90   LEU A CD2 1 
ATOM   661  N N   . ASP A 1 91 ? -6.985  -4.793  4.531   1.00 22.17 ? 91   ASP A N   1 
ATOM   662  C CA  . ASP A 1 91 ? -7.129  -6.142  4.037   1.00 23.08 ? 91   ASP A CA  1 
ATOM   663  C C   . ASP A 1 91 ? -7.776  -6.925  5.143   1.00 22.24 ? 91   ASP A C   1 
ATOM   664  O O   . ASP A 1 91 ? -7.834  -6.476  6.273   1.00 20.85 ? 91   ASP A O   1 
ATOM   665  C CB  . ASP A 1 91 ? -5.799  -6.768  3.635   1.00 22.46 ? 91   ASP A CB  1 
ATOM   666  C CG  . ASP A 1 91 ? -5.991  -8.007  2.729   1.00 23.39 ? 91   ASP A CG  1 
ATOM   667  O OD1 . ASP A 1 91 ? -7.088  -8.176  2.132   1.00 20.60 ? 91   ASP A OD1 1 
ATOM   668  O OD2 . ASP A 1 91 ? -5.032  -8.791  2.594   1.00 22.83 ? 91   ASP A OD2 1 
ATOM   669  N N   . LEU A 1 92 ? -8.331  -8.074  4.789   1.00 23.85 ? 92   LEU A N   1 
ATOM   670  C CA  . LEU A 1 92 ? -8.985  -8.938  5.768   1.00 24.26 ? 92   LEU A CA  1 
ATOM   671  C C   . LEU A 1 92 ? -8.533  -10.314 5.333   1.00 25.29 ? 92   LEU A C   1 
ATOM   672  O O   . LEU A 1 92 ? -8.872  -10.748 4.252   1.00 23.80 ? 92   LEU A O   1 
ATOM   673  C CB  . LEU A 1 92 ? -10.517 -8.826  5.648   1.00 24.13 ? 92   LEU A CB  1 
ATOM   674  C CG  . LEU A 1 92 ? -11.310 -9.801  6.535   1.00 22.48 ? 92   LEU A CG  1 
ATOM   675  C CD1 . LEU A 1 92 ? -11.188 -9.347  7.986   1.00 22.04 ? 92   LEU A CD1 1 
ATOM   676  C CD2 . LEU A 1 92 ? -12.773 -9.820  6.104   1.00 24.41 ? 92   LEU A CD2 1 
ATOM   677  N N   . LEU A 1 93 ? -7.740  -10.971 6.163   1.00 26.92 ? 93   LEU A N   1 
ATOM   678  C CA  . LEU A 1 93 ? -7.208  -12.287 5.829   1.00 29.39 ? 93   LEU A CA  1 
ATOM   679  C C   . LEU A 1 93 ? -7.344  -13.239 6.993   1.00 30.18 ? 93   LEU A C   1 
ATOM   680  O O   . LEU A 1 93 ? -7.130  -12.884 8.142   1.00 28.19 ? 93   LEU A O   1 
ATOM   681  C CB  . LEU A 1 93 ? -5.715  -12.228 5.490   1.00 29.00 ? 93   LEU A CB  1 
ATOM   682  C CG  . LEU A 1 93 ? -5.097  -11.622 4.247   1.00 29.13 ? 93   LEU A CG  1 
ATOM   683  C CD1 . LEU A 1 93 ? -3.596  -11.862 4.330   1.00 29.09 ? 93   LEU A CD1 1 
ATOM   684  C CD2 . LEU A 1 93 ? -5.641  -12.244 3.007   1.00 28.55 ? 93   LEU A CD2 1 
ATOM   685  N N   . TYR A 1 94 ? -7.703  -14.465 6.679   1.00 33.99 ? 94   TYR A N   1 
ATOM   686  C CA  . TYR A 1 94 ? -7.827  -15.454 7.708   1.00 38.39 ? 94   TYR A CA  1 
ATOM   687  C C   . TYR A 1 94 ? -6.395  -15.867 8.023   1.00 40.63 ? 94   TYR A C   1 
ATOM   688  O O   . TYR A 1 94 ? -5.551  -16.007 7.130   1.00 40.25 ? 94   TYR A O   1 
ATOM   689  C CB  . TYR A 1 94 ? -8.612  -16.634 7.191   1.00 40.16 ? 94   TYR A CB  1 
ATOM   690  C CG  . TYR A 1 94 ? -8.372  -17.883 7.985   1.00 43.55 ? 94   TYR A CG  1 
ATOM   691  C CD1 . TYR A 1 94 ? -9.155  -18.192 9.095   1.00 43.40 ? 94   TYR A CD1 1 
ATOM   692  C CD2 . TYR A 1 94 ? -7.378  -18.776 7.594   1.00 44.60 ? 94   TYR A CD2 1 
ATOM   693  C CE1 . TYR A 1 94 ? -8.961  -19.375 9.790   1.00 45.31 ? 94   TYR A CE1 1 
ATOM   694  C CE2 . TYR A 1 94 ? -7.172  -19.949 8.277   1.00 46.41 ? 94   TYR A CE2 1 
ATOM   695  C CZ  . TYR A 1 94 ? -7.966  -20.246 9.370   1.00 46.61 ? 94   TYR A CZ  1 
ATOM   696  O OH  . TYR A 1 94 ? -7.743  -21.428 10.020  1.00 48.16 ? 94   TYR A OH  1 
ATOM   697  N N   . GLU A 1 95 ? -6.129  -16.015 9.306   1.00 43.34 ? 95   GLU A N   1 
ATOM   698  C CA  . GLU A 1 95 ? -4.828  -16.426 9.788   1.00 46.68 ? 95   GLU A CA  1 
ATOM   699  C C   . GLU A 1 95 ? -5.060  -17.068 11.126  1.00 48.35 ? 95   GLU A C   1 
ATOM   700  O O   . GLU A 1 95 ? -6.194  -17.174 11.608  1.00 48.52 ? 95   GLU A O   1 
ATOM   701  C CB  . GLU A 1 95 ? -3.903  -15.224 9.972   1.00 47.36 ? 95   GLU A CB  1 
ATOM   702  C CG  . GLU A 1 95 ? -3.493  -14.568 8.662   1.00 49.02 ? 95   GLU A CG  1 
ATOM   703  C CD  . GLU A 1 95 ? -2.602  -13.363 8.862   1.00 49.27 ? 95   GLU A CD  1 
ATOM   704  O OE1 . GLU A 1 95 ? -2.194  -12.764 7.847   1.00 50.01 ? 95   GLU A OE1 1 
ATOM   705  O OE2 . GLU A 1 95 ? -2.314  -13.018 10.035  1.00 50.47 ? 95   GLU A OE2 1 
ATOM   706  N N   . GLU A 1 96 ? -3.985  -17.482 11.757  1.00 50.38 ? 96   GLU A N   1 
ATOM   707  C CA  . GLU A 1 96 ? -4.145  -18.107 13.049  1.00 52.17 ? 96   GLU A CA  1 
ATOM   708  C C   . GLU A 1 96 ? -2.761  -18.202 13.659  1.00 51.88 ? 96   GLU A C   1 
ATOM   709  O O   . GLU A 1 96 ? -2.624  -17.785 14.830  1.00 51.92 ? 96   GLU A O   1 
ATOM   710  C CB  . GLU A 1 96 ? -4.802  -19.479 12.859  1.00 52.85 ? 96   GLU A CB  1 
ATOM   711  C CG  . GLU A 1 96 ? -5.322  -20.113 14.133  1.00 55.06 ? 96   GLU A CG  1 
ATOM   712  C CD  . GLU A 1 96 ? -6.266  -19.224 14.913  1.00 55.68 ? 96   GLU A CD  1 
ATOM   713  O OE1 . GLU A 1 96 ? -7.297  -18.790 14.348  1.00 55.23 ? 96   GLU A OE1 1 
ATOM   714  O OE2 . GLU A 1 96 ? -5.973  -18.979 16.107  1.00 57.08 ? 96   GLU A OE2 1 
ATOM   715  N N   . LYS B 1 6  ? -2.770  0.102   -26.050 1.00 45.08 ? 1006 LYS B N   1 
ATOM   716  C CA  . LYS B 1 6  ? -2.704  -0.832  -24.877 1.00 45.27 ? 1006 LYS B CA  1 
ATOM   717  C C   . LYS B 1 6  ? -1.304  -0.778  -24.269 1.00 44.48 ? 1006 LYS B C   1 
ATOM   718  O O   . LYS B 1 6  ? -0.329  -1.179  -24.915 1.00 44.98 ? 1006 LYS B O   1 
ATOM   719  C CB  . LYS B 1 6  ? -3.003  -2.253  -25.324 1.00 46.25 ? 1006 LYS B CB  1 
ATOM   720  C CG  . LYS B 1 6  ? -3.815  -3.059  -24.322 1.00 48.48 ? 1006 LYS B CG  1 
ATOM   721  C CD  . LYS B 1 6  ? -5.167  -2.406  -24.062 1.00 49.48 ? 1006 LYS B CD  1 
ATOM   722  C CE  . LYS B 1 6  ? -6.196  -3.440  -23.642 1.00 50.92 ? 1006 LYS B CE  1 
ATOM   723  N NZ  . LYS B 1 6  ? -5.792  -4.178  -22.413 1.00 52.60 ? 1006 LYS B NZ  1 
ATOM   724  N N   . THR B 1 7  ? -1.206  -0.294  -23.035 1.00 42.27 ? 1007 THR B N   1 
ATOM   725  C CA  . THR B 1 7  ? 0.091   -0.172  -22.377 1.00 40.67 ? 1007 THR B CA  1 
ATOM   726  C C   . THR B 1 7  ? 0.118   -0.637  -20.930 1.00 38.87 ? 1007 THR B C   1 
ATOM   727  O O   . THR B 1 7  ? -0.909  -0.618  -20.228 1.00 37.66 ? 1007 THR B O   1 
ATOM   728  C CB  . THR B 1 7  ? 0.557   1.291   -22.359 1.00 41.61 ? 1007 THR B CB  1 
ATOM   729  O OG1 . THR B 1 7  ? 0.218   1.908   -23.610 1.00 43.80 ? 1007 THR B OG1 1 
ATOM   730  C CG2 . THR B 1 7  ? 2.064   1.362   -22.142 1.00 41.56 ? 1007 THR B CG2 1 
ATOM   731  N N   . TYR B 1 8  ? 1.306   -1.040  -20.477 1.00 35.80 ? 1008 TYR B N   1 
ATOM   732  C CA  . TYR B 1 8  ? 1.455   -1.433  -19.085 1.00 33.97 ? 1008 TYR B CA  1 
ATOM   733  C C   . TYR B 1 8  ? 1.769   -0.201  -18.274 1.00 31.20 ? 1008 TYR B C   1 
ATOM   734  O O   . TYR B 1 8  ? 2.656   0.571   -18.601 1.00 30.72 ? 1008 TYR B O   1 
ATOM   735  C CB  . TYR B 1 8  ? 2.582   -2.444  -18.885 1.00 33.60 ? 1008 TYR B CB  1 
ATOM   736  C CG  . TYR B 1 8  ? 2.211   -3.830  -19.346 1.00 33.77 ? 1008 TYR B CG  1 
ATOM   737  C CD1 . TYR B 1 8  ? 2.660   -4.313  -20.571 1.00 34.60 ? 1008 TYR B CD1 1 
ATOM   738  C CD2 . TYR B 1 8  ? 1.426   -4.662  -18.548 1.00 33.31 ? 1008 TYR B CD2 1 
ATOM   739  C CE1 . TYR B 1 8  ? 2.346   -5.585  -20.991 1.00 34.85 ? 1008 TYR B CE1 1 
ATOM   740  C CE2 . TYR B 1 8  ? 1.112   -5.932  -18.948 1.00 32.94 ? 1008 TYR B CE2 1 
ATOM   741  C CZ  . TYR B 1 8  ? 1.578   -6.388  -20.176 1.00 35.44 ? 1008 TYR B CZ  1 
ATOM   742  O OH  . TYR B 1 8  ? 1.289   -7.659  -20.602 1.00 36.95 ? 1008 TYR B OH  1 
ATOM   743  N N   . VAL B 1 9  ? 1.026   -0.021  -17.204 1.00 30.04 ? 1009 VAL B N   1 
ATOM   744  C CA  . VAL B 1 9  ? 1.240   1.118   -16.331 1.00 26.86 ? 1009 VAL B CA  1 
ATOM   745  C C   . VAL B 1 9  ? 1.864   0.526   -15.075 1.00 26.95 ? 1009 VAL B C   1 
ATOM   746  O O   . VAL B 1 9  ? 1.211   -0.224  -14.343 1.00 25.76 ? 1009 VAL B O   1 
ATOM   747  C CB  . VAL B 1 9  ? -0.080  1.769   -15.968 1.00 25.56 ? 1009 VAL B CB  1 
ATOM   748  C CG1 . VAL B 1 9  ? 0.177   2.954   -15.045 1.00 23.84 ? 1009 VAL B CG1 1 
ATOM   749  C CG2 . VAL B 1 9  ? -0.838  2.148   -17.261 1.00 25.32 ? 1009 VAL B CG2 1 
ATOM   750  N N   . LEU B 1 10 ? 3.129   0.853   -14.856 1.00 25.30 ? 1010 LEU B N   1 
ATOM   751  C CA  . LEU B 1 10 ? 3.863   0.386   -13.702 1.00 24.62 ? 1010 LEU B CA  1 
ATOM   752  C C   . LEU B 1 10 ? 3.717   1.429   -12.584 1.00 24.55 ? 1010 LEU B C   1 
ATOM   753  O O   . LEU B 1 10 ? 4.171   2.576   -12.721 1.00 23.36 ? 1010 LEU B O   1 
ATOM   754  C CB  . LEU B 1 10 ? 5.334   0.194   -14.081 1.00 23.40 ? 1010 LEU B CB  1 
ATOM   755  C CG  . LEU B 1 10 ? 6.286   -0.194  -12.942 1.00 24.70 ? 1010 LEU B CG  1 
ATOM   756  C CD1 . LEU B 1 10 ? 5.836   -1.528  -12.307 1.00 22.86 ? 1010 LEU B CD1 1 
ATOM   757  C CD2 . LEU B 1 10 ? 7.708   -0.326  -13.515 1.00 22.09 ? 1010 LEU B CD2 1 
ATOM   758  N N   . LYS B 1 11 ? 3.075   1.037   -11.480 1.00 24.63 ? 1011 LYS B N   1 
ATOM   759  C CA  . LYS B 1 11 ? 2.885   1.954   -10.370 1.00 25.21 ? 1011 LYS B CA  1 
ATOM   760  C C   . LYS B 1 11 ? 3.712   1.528   -9.171  1.00 24.76 ? 1011 LYS B C   1 
ATOM   761  O O   . LYS B 1 11 ? 3.640   0.362   -8.726  1.00 23.57 ? 1011 LYS B O   1 
ATOM   762  C CB  . LYS B 1 11 ? 1.402   2.001   -9.979  1.00 27.88 ? 1011 LYS B CB  1 
ATOM   763  C CG  . LYS B 1 11 ? 0.492   2.346   -11.136 1.00 30.23 ? 1011 LYS B CG  1 
ATOM   764  C CD  . LYS B 1 11 ? -0.993  2.099   -10.856 1.00 32.25 ? 1011 LYS B CD  1 
ATOM   765  C CE  . LYS B 1 11 ? -1.617  3.185   -10.016 1.00 35.33 ? 1011 LYS B CE  1 
ATOM   766  N NZ  . LYS B 1 11 ? -3.133  3.067   -9.959  1.00 37.27 ? 1011 LYS B NZ  1 
ATOM   767  N N   . LEU B 1 12 ? 4.485   2.478   -8.649  1.00 23.20 ? 1012 LEU B N   1 
ATOM   768  C CA  . LEU B 1 12 ? 5.327   2.260   -7.471  1.00 23.00 ? 1012 LEU B CA  1 
ATOM   769  C C   . LEU B 1 12 ? 4.755   3.080   -6.329  1.00 23.70 ? 1012 LEU B C   1 
ATOM   770  O O   . LEU B 1 12 ? 4.499   4.291   -6.499  1.00 22.22 ? 1012 LEU B O   1 
ATOM   771  C CB  . LEU B 1 12 ? 6.763   2.716   -7.739  1.00 21.57 ? 1012 LEU B CB  1 
ATOM   772  C CG  . LEU B 1 12 ? 7.692   1.705   -8.409  1.00 23.67 ? 1012 LEU B CG  1 
ATOM   773  C CD1 . LEU B 1 12 ? 7.155   1.290   -9.775  1.00 23.56 ? 1012 LEU B CD1 1 
ATOM   774  C CD2 . LEU B 1 12 ? 9.081   2.328   -8.521  1.00 23.30 ? 1012 LEU B CD2 1 
ATOM   775  N N   . TYR B 1 13 ? 4.494   2.421   -5.191  1.00 21.43 ? 1013 TYR B N   1 
ATOM   776  C CA  . TYR B 1 13 ? 3.985   3.123   -4.021  1.00 21.79 ? 1013 TYR B CA  1 
ATOM   777  C C   . TYR B 1 13 ? 5.150   3.227   -3.044  1.00 22.84 ? 1013 TYR B C   1 
ATOM   778  O O   . TYR B 1 13 ? 5.722   2.217   -2.583  1.00 22.71 ? 1013 TYR B O   1 
ATOM   779  C CB  . TYR B 1 13 ? 2.782   2.402   -3.389  1.00 20.84 ? 1013 TYR B CB  1 
ATOM   780  C CG  . TYR B 1 13 ? 1.550   2.398   -4.276  1.00 21.48 ? 1013 TYR B CG  1 
ATOM   781  C CD1 . TYR B 1 13 ? 1.457   1.538   -5.359  1.00 21.56 ? 1013 TYR B CD1 1 
ATOM   782  C CD2 . TYR B 1 13 ? 0.476   3.261   -4.019  1.00 22.25 ? 1013 TYR B CD2 1 
ATOM   783  C CE1 . TYR B 1 13 ? 0.305   1.506   -6.191  1.00 22.77 ? 1013 TYR B CE1 1 
ATOM   784  C CE2 . TYR B 1 13 ? -0.683  3.249   -4.846  1.00 24.51 ? 1013 TYR B CE2 1 
ATOM   785  C CZ  . TYR B 1 13 ? -0.757  2.361   -5.919  1.00 24.45 ? 1013 TYR B CZ  1 
ATOM   786  O OH  . TYR B 1 13 ? -1.913  2.261   -6.671  1.00 25.88 ? 1013 TYR B OH  1 
ATOM   787  N N   . VAL B 1 14 ? 5.523   4.458   -2.747  1.00 23.23 ? 1014 VAL B N   1 
ATOM   788  C CA  . VAL B 1 14 ? 6.661   4.681   -1.870  1.00 23.69 ? 1014 VAL B CA  1 
ATOM   789  C C   . VAL B 1 14 ? 6.289   5.444   -0.593  1.00 24.92 ? 1014 VAL B C   1 
ATOM   790  O O   . VAL B 1 14 ? 5.273   6.172   -0.531  1.00 21.20 ? 1014 VAL B O   1 
ATOM   791  C CB  . VAL B 1 14 ? 7.824   5.415   -2.634  1.00 23.48 ? 1014 VAL B CB  1 
ATOM   792  C CG1 . VAL B 1 14 ? 8.202   4.647   -3.885  1.00 21.15 ? 1014 VAL B CG1 1 
ATOM   793  C CG2 . VAL B 1 14 ? 7.437   6.821   -2.993  1.00 21.96 ? 1014 VAL B CG2 1 
ATOM   794  N N   . ALA B 1 15 ? 7.100   5.218   0.443   1.00 26.33 ? 1015 ALA B N   1 
ATOM   795  C CA  . ALA B 1 15 ? 6.911   5.862   1.745   1.00 28.59 ? 1015 ALA B CA  1 
ATOM   796  C C   . ALA B 1 15 ? 7.968   6.962   1.790   1.00 30.99 ? 1015 ALA B C   1 
ATOM   797  O O   . ALA B 1 15 ? 9.036   6.776   2.389   1.00 30.87 ? 1015 ALA B O   1 
ATOM   798  C CB  . ALA B 1 15 ? 7.146   4.852   2.871   1.00 28.89 ? 1015 ALA B CB  1 
ATOM   799  N N   . GLY B 1 16 ? 7.679   8.089   1.133   1.00 32.36 ? 1016 GLY B N   1 
ATOM   800  C CA  . GLY B 1 16 ? 8.641   9.177   1.092   1.00 36.29 ? 1016 GLY B CA  1 
ATOM   801  C C   . GLY B 1 16 ? 9.783   8.924   0.104   1.00 38.05 ? 1016 GLY B C   1 
ATOM   802  O O   . GLY B 1 16 ? 9.795   7.912   -0.610  1.00 38.22 ? 1016 GLY B O   1 
ATOM   803  N N   . ASN B 1 17 ? 10.751  9.843   0.078   1.00 39.56 ? 1017 ASN B N   1 
ATOM   804  C CA  . ASN B 1 17 ? 11.914  9.763   -0.811  1.00 40.30 ? 1017 ASN B CA  1 
ATOM   805  C C   . ASN B 1 17 ? 13.215  10.004  -0.069  1.00 40.51 ? 1017 ASN B C   1 
ATOM   806  O O   . ASN B 1 17 ? 13.241  10.751  0.902   1.00 41.66 ? 1017 ASN B O   1 
ATOM   807  C CB  . ASN B 1 17 ? 11.853  10.838  -1.902  1.00 41.24 ? 1017 ASN B CB  1 
ATOM   808  C CG  . ASN B 1 17 ? 10.496  10.935  -2.583  1.00 42.61 ? 1017 ASN B CG  1 
ATOM   809  O OD1 . ASN B 1 17 ? 9.679   11.803  -2.248  1.00 44.46 ? 1017 ASN B OD1 1 
ATOM   810  N ND2 . ASN B 1 17 ? 10.247  10.050  -3.557  1.00 42.47 ? 1017 ASN B ND2 1 
ATOM   811  N N   . THR B 1 18 ? 14.289  9.366   -0.517  1.00 40.14 ? 1018 THR B N   1 
ATOM   812  C CA  . THR B 1 18 ? 15.611  9.608   0.043   1.00 39.28 ? 1018 THR B CA  1 
ATOM   813  C C   . THR B 1 18 ? 16.394  10.046  -1.203  1.00 40.34 ? 1018 THR B C   1 
ATOM   814  O O   . THR B 1 18 ? 15.889  9.953   -2.326  1.00 39.71 ? 1018 THR B O   1 
ATOM   815  C CB  . THR B 1 18 ? 16.272  8.333   0.647   1.00 39.06 ? 1018 THR B CB  1 
ATOM   816  O OG1 . THR B 1 18 ? 16.590  7.408   -0.391  1.00 36.79 ? 1018 THR B OG1 1 
ATOM   817  C CG2 . THR B 1 18 ? 15.340  7.664   1.641   1.00 38.68 ? 1018 THR B CG2 1 
ATOM   818  N N   . PRO B 1 19 ? 17.629  10.546  -1.031  1.00 41.52 ? 1019 PRO B N   1 
ATOM   819  C CA  . PRO B 1 19 ? 18.401  10.971  -2.208  1.00 40.64 ? 1019 PRO B CA  1 
ATOM   820  C C   . PRO B 1 19 ? 18.654  9.833   -3.169  1.00 39.62 ? 1019 PRO B C   1 
ATOM   821  O O   . PRO B 1 19 ? 18.601  10.000  -4.380  1.00 38.97 ? 1019 PRO B O   1 
ATOM   822  C CB  . PRO B 1 19 ? 19.696  11.502  -1.595  1.00 40.76 ? 1019 PRO B CB  1 
ATOM   823  C CG  . PRO B 1 19 ? 19.190  12.127  -0.328  1.00 41.28 ? 1019 PRO B CG  1 
ATOM   824  C CD  . PRO B 1 19 ? 18.258  11.048  0.207   1.00 41.34 ? 1019 PRO B CD  1 
ATOM   825  N N   . ASN B 1 20 ? 18.950  8.664   -2.631  1.00 39.47 ? 1020 ASN B N   1 
ATOM   826  C CA  . ASN B 1 20 ? 19.204  7.546   -3.506  1.00 39.33 ? 1020 ASN B CA  1 
ATOM   827  C C   . ASN B 1 20 ? 17.918  7.082   -4.197  1.00 38.20 ? 1020 ASN B C   1 
ATOM   828  O O   . ASN B 1 20 ? 17.966  6.672   -5.340  1.00 39.09 ? 1020 ASN B O   1 
ATOM   829  C CB  . ASN B 1 20 ? 19.839  6.374   -2.733  1.00 41.09 ? 1020 ASN B CB  1 
ATOM   830  C CG  . ASN B 1 20 ? 21.290  6.645   -2.318  1.00 41.61 ? 1020 ASN B CG  1 
ATOM   831  O OD1 . ASN B 1 20 ? 21.962  7.481   -2.902  1.00 41.49 ? 1020 ASN B OD1 1 
ATOM   832  N ND2 . ASN B 1 20 ? 21.774  5.903   -1.318  1.00 42.87 ? 1020 ASN B ND2 1 
ATOM   833  N N   . SER B 1 21 ? 16.773  7.155   -3.523  1.00 36.93 ? 1021 SER B N   1 
ATOM   834  C CA  . SER B 1 21 ? 15.524  6.698   -4.148  1.00 35.45 ? 1021 SER B CA  1 
ATOM   835  C C   . SER B 1 21 ? 15.141  7.613   -5.284  1.00 34.03 ? 1021 SER B C   1 
ATOM   836  O O   . SER B 1 21 ? 14.658  7.148   -6.304  1.00 33.77 ? 1021 SER B O   1 
ATOM   837  C CB  . SER B 1 21 ? 14.366  6.610   -3.128  1.00 34.30 ? 1021 SER B CB  1 
ATOM   838  O OG  . SER B 1 21 ? 13.630  7.818   -3.007  1.00 33.09 ? 1021 SER B OG  1 
ATOM   839  N N   . VAL B 1 22 ? 15.358  8.918   -5.119  1.00 33.88 ? 1022 VAL B N   1 
ATOM   840  C CA  . VAL B 1 22 ? 15.034  9.841   -6.193  1.00 33.38 ? 1022 VAL B CA  1 
ATOM   841  C C   . VAL B 1 22 ? 15.955  9.540   -7.369  1.00 34.27 ? 1022 VAL B C   1 
ATOM   842  O O   . VAL B 1 22 ? 15.518  9.533   -8.519  1.00 33.57 ? 1022 VAL B O   1 
ATOM   843  C CB  . VAL B 1 22 ? 15.160  11.292  -5.727  1.00 34.29 ? 1022 VAL B CB  1 
ATOM   844  C CG1 . VAL B 1 22 ? 15.068  12.220  -6.898  1.00 32.99 ? 1022 VAL B CG1 1 
ATOM   845  C CG2 . VAL B 1 22 ? 14.002  11.610  -4.749  1.00 32.58 ? 1022 VAL B CG2 1 
ATOM   846  N N   . ARG B 1 23 ? 17.225  9.247   -7.086  1.00 35.03 ? 1023 ARG B N   1 
ATOM   847  C CA  . ARG B 1 23 ? 18.170  8.897   -8.145  1.00 35.53 ? 1023 ARG B CA  1 
ATOM   848  C C   . ARG B 1 23 ? 17.732  7.580   -8.818  1.00 35.65 ? 1023 ARG B C   1 
ATOM   849  O O   . ARG B 1 23 ? 17.693  7.472   -10.056 1.00 36.83 ? 1023 ARG B O   1 
ATOM   850  C CB  . ARG B 1 23 ? 19.584  8.689   -7.593  1.00 37.65 ? 1023 ARG B CB  1 
ATOM   851  C CG  . ARG B 1 23 ? 20.229  9.911   -6.961  1.00 41.81 ? 1023 ARG B CG  1 
ATOM   852  C CD  . ARG B 1 23 ? 21.746  9.783   -6.936  1.00 43.93 ? 1023 ARG B CD  1 
ATOM   853  N NE  . ARG B 1 23 ? 22.364  10.872  -6.186  1.00 46.47 ? 1023 ARG B NE  1 
ATOM   854  C CZ  . ARG B 1 23 ? 22.595  10.833  -4.873  1.00 47.84 ? 1023 ARG B CZ  1 
ATOM   855  N NH1 . ARG B 1 23 ? 22.261  9.755   -4.171  1.00 48.69 ? 1023 ARG B NH1 1 
ATOM   856  N NH2 . ARG B 1 23 ? 23.161  11.863  -4.262  1.00 48.24 ? 1023 ARG B NH2 1 
ATOM   857  N N   . ALA B 1 24 ? 17.437  6.559   -8.014  1.00 33.16 ? 1024 ALA B N   1 
ATOM   858  C CA  . ALA B 1 24 ? 17.005  5.284   -8.577  1.00 31.70 ? 1024 ALA B CA  1 
ATOM   859  C C   . ALA B 1 24 ? 15.752  5.472   -9.466  1.00 30.87 ? 1024 ALA B C   1 
ATOM   860  O O   . ALA B 1 24 ? 15.674  4.915   -10.576 1.00 30.92 ? 1024 ALA B O   1 
ATOM   861  C CB  . ALA B 1 24 ? 16.711  4.305   -7.463  1.00 31.63 ? 1024 ALA B CB  1 
ATOM   862  N N   . LEU B 1 25 ? 14.778  6.247   -8.992  1.00 29.71 ? 1025 LEU B N   1 
ATOM   863  C CA  . LEU B 1 25 ? 13.555  6.463   -9.791  1.00 30.32 ? 1025 LEU B CA  1 
ATOM   864  C C   . LEU B 1 25 ? 13.884  7.142   -11.135 1.00 30.84 ? 1025 LEU B C   1 
ATOM   865  O O   . LEU B 1 25 ? 13.361  6.741   -12.190 1.00 32.03 ? 1025 LEU B O   1 
ATOM   866  C CB  . LEU B 1 25 ? 12.499  7.261   -8.972  1.00 29.97 ? 1025 LEU B CB  1 
ATOM   867  C CG  . LEU B 1 25 ? 11.743  6.460   -7.866  1.00 28.38 ? 1025 LEU B CG  1 
ATOM   868  C CD1 . LEU B 1 25 ? 10.884  7.388   -7.010  1.00 28.31 ? 1025 LEU B CD1 1 
ATOM   869  C CD2 . LEU B 1 25 ? 10.869  5.364   -8.479  1.00 26.45 ? 1025 LEU B CD2 1 
ATOM   870  N N   . LYS B 1 26 ? 14.767  8.139   -11.118 1.00 31.27 ? 1026 LYS B N   1 
ATOM   871  C CA  . LYS B 1 26 ? 15.182  8.803   -12.356 1.00 32.24 ? 1026 LYS B CA  1 
ATOM   872  C C   . LYS B 1 26 ? 15.796  7.759   -13.307 1.00 32.06 ? 1026 LYS B C   1 
ATOM   873  O O   . LYS B 1 26 ? 15.516  7.747   -14.511 1.00 32.18 ? 1026 LYS B O   1 
ATOM   874  C CB  . LYS B 1 26 ? 16.230  9.887   -12.065 1.00 34.41 ? 1026 LYS B CB  1 
ATOM   875  C CG  . LYS B 1 26 ? 15.707  11.121  -11.354 1.00 38.14 ? 1026 LYS B CG  1 
ATOM   876  C CD  . LYS B 1 26 ? 16.821  12.176  -11.162 1.00 39.95 ? 1026 LYS B CD  1 
ATOM   877  C CE  . LYS B 1 26 ? 16.279  13.433  -10.476 1.00 42.85 ? 1026 LYS B CE  1 
ATOM   878  N NZ  . LYS B 1 26 ? 17.358  14.387  -10.084 1.00 43.69 ? 1026 LYS B NZ  1 
ATOM   879  N N   . THR B 1 27 ? 16.649  6.887   -12.758 1.00 31.59 ? 1027 THR B N   1 
ATOM   880  C CA  . THR B 1 27 ? 17.294  5.831   -13.539 1.00 30.43 ? 1027 THR B CA  1 
ATOM   881  C C   . THR B 1 27 ? 16.236  4.912   -14.117 1.00 29.91 ? 1027 THR B C   1 
ATOM   882  O O   . THR B 1 27 ? 16.313  4.524   -15.283 1.00 30.06 ? 1027 THR B O   1 
ATOM   883  C CB  . THR B 1 27 ? 18.221  4.978   -12.663 1.00 32.28 ? 1027 THR B CB  1 
ATOM   884  O OG1 . THR B 1 27 ? 19.188  5.822   -12.034 1.00 34.78 ? 1027 THR B OG1 1 
ATOM   885  C CG2 . THR B 1 27 ? 18.940  3.935   -13.500 1.00 32.76 ? 1027 THR B CG2 1 
ATOM   886  N N   . LEU B 1 28 ? 15.250  4.544   -13.296 1.00 29.72 ? 1028 LEU B N   1 
ATOM   887  C CA  . LEU B 1 28 ? 14.151  3.683   -13.766 1.00 28.51 ? 1028 LEU B CA  1 
ATOM   888  C C   . LEU B 1 28 ? 13.424  4.383   -14.934 1.00 28.92 ? 1028 LEU B C   1 
ATOM   889  O O   . LEU B 1 28 ? 13.141  3.791   -15.984 1.00 27.00 ? 1028 LEU B O   1 
ATOM   890  C CB  . LEU B 1 28 ? 13.146  3.424   -12.628 1.00 27.34 ? 1028 LEU B CB  1 
ATOM   891  C CG  . LEU B 1 28 ? 11.928  2.595   -13.067 1.00 27.51 ? 1028 LEU B CG  1 
ATOM   892  C CD1 . LEU B 1 28 ? 12.391  1.220   -13.580 1.00 25.92 ? 1028 LEU B CD1 1 
ATOM   893  C CD2 . LEU B 1 28 ? 10.952  2.423   -11.887 1.00 28.99 ? 1028 LEU B CD2 1 
ATOM   894  N N   . LYS B 1 29 ? 13.128  5.658   -14.747 1.00 30.71 ? 1029 LYS B N   1 
ATOM   895  C CA  . LYS B 1 29 ? 12.443  6.405   -15.797 1.00 33.50 ? 1029 LYS B CA  1 
ATOM   896  C C   . LYS B 1 29 ? 13.206  6.353   -17.133 1.00 34.20 ? 1029 LYS B C   1 
ATOM   897  O O   . LYS B 1 29 ? 12.644  5.951   -18.164 1.00 33.27 ? 1029 LYS B O   1 
ATOM   898  C CB  . LYS B 1 29 ? 12.255  7.865   -15.385 1.00 33.88 ? 1029 LYS B CB  1 
ATOM   899  C CG  . LYS B 1 29 ? 11.308  8.594   -16.313 1.00 37.04 ? 1029 LYS B CG  1 
ATOM   900  C CD  . LYS B 1 29 ? 10.061  7.742   -16.524 1.00 39.29 ? 1029 LYS B CD  1 
ATOM   901  C CE  . LYS B 1 29 ? 9.335   8.085   -17.820 1.00 41.69 ? 1029 LYS B CE  1 
ATOM   902  N NZ  . LYS B 1 29 ? 8.970   9.541   -17.878 1.00 43.61 ? 1029 LYS B NZ  1 
ATOM   903  N N   . ASN B 1 30 ? 14.479  6.755   -17.115 1.00 34.64 ? 1030 ASN B N   1 
ATOM   904  C CA  . ASN B 1 30 ? 15.265  6.731   -18.348 1.00 35.97 ? 1030 ASN B CA  1 
ATOM   905  C C   . ASN B 1 30 ? 15.292  5.329   -18.977 1.00 34.98 ? 1030 ASN B C   1 
ATOM   906  O O   . ASN B 1 30 ? 15.125  5.203   -20.194 1.00 33.60 ? 1030 ASN B O   1 
ATOM   907  C CB  . ASN B 1 30 ? 16.702  7.223   -18.109 1.00 38.57 ? 1030 ASN B CB  1 
ATOM   908  C CG  . ASN B 1 30 ? 16.768  8.706   -17.786 1.00 43.33 ? 1030 ASN B CG  1 
ATOM   909  O OD1 . ASN B 1 30 ? 15.990  9.530   -18.328 1.00 44.45 ? 1030 ASN B OD1 1 
ATOM   910  N ND2 . ASN B 1 30 ? 17.713  9.073   -16.906 1.00 45.00 ? 1030 ASN B ND2 1 
ATOM   911  N N   . ILE B 1 31 ? 15.498  4.288   -18.152 1.00 34.39 ? 1031 ILE B N   1 
ATOM   912  C CA  . ILE B 1 31 ? 15.526  2.906   -18.650 1.00 33.21 ? 1031 ILE B CA  1 
ATOM   913  C C   . ILE B 1 31 ? 14.254  2.601   -19.414 1.00 32.36 ? 1031 ILE B C   1 
ATOM   914  O O   . ILE B 1 31 ? 14.291  2.152   -20.565 1.00 30.87 ? 1031 ILE B O   1 
ATOM   915  C CB  . ILE B 1 31 ? 15.676  1.890   -17.505 1.00 34.55 ? 1031 ILE B CB  1 
ATOM   916  C CG1 . ILE B 1 31 ? 17.095  1.954   -16.946 1.00 34.39 ? 1031 ILE B CG1 1 
ATOM   917  C CG2 . ILE B 1 31 ? 15.362  0.475   -18.006 1.00 33.09 ? 1031 ILE B CG2 1 
ATOM   918  C CD1 . ILE B 1 31 ? 17.332  0.967   -15.792 1.00 36.90 ? 1031 ILE B CD1 1 
ATOM   919  N N   . LEU B 1 32 ? 13.112  2.847   -18.782 1.00 32.32 ? 1032 LEU B N   1 
ATOM   920  C CA  . LEU B 1 32 ? 11.846  2.626   -19.479 1.00 33.15 ? 1032 LEU B CA  1 
ATOM   921  C C   . LEU B 1 32 ? 11.778  3.476   -20.766 1.00 33.69 ? 1032 LEU B C   1 
ATOM   922  O O   . LEU B 1 32 ? 11.298  3.012   -21.807 1.00 32.75 ? 1032 LEU B O   1 
ATOM   923  C CB  . LEU B 1 32 ? 10.680  2.950   -18.548 1.00 31.79 ? 1032 LEU B CB  1 
ATOM   924  C CG  . LEU B 1 32 ? 10.690  2.047   -17.294 1.00 32.86 ? 1032 LEU B CG  1 
ATOM   925  C CD1 . LEU B 1 32 ? 9.733   2.585   -16.229 1.00 31.56 ? 1032 LEU B CD1 1 
ATOM   926  C CD2 . LEU B 1 32 ? 10.335  0.614   -17.693 1.00 28.54 ? 1032 LEU B CD2 1 
ATOM   927  N N   . GLU B 1 33 ? 12.284  4.706   -20.712 1.00 35.38 ? 1033 GLU B N   1 
ATOM   928  C CA  . GLU B 1 33 ? 12.238  5.588   -21.886 1.00 38.11 ? 1033 GLU B CA  1 
ATOM   929  C C   . GLU B 1 33 ? 13.174  5.136   -23.008 1.00 38.93 ? 1033 GLU B C   1 
ATOM   930  O O   . GLU B 1 33 ? 12.799  5.134   -24.184 1.00 39.10 ? 1033 GLU B O   1 
ATOM   931  C CB  . GLU B 1 33 ? 12.564  7.045   -21.484 1.00 39.53 ? 1033 GLU B CB  1 
ATOM   932  C CG  . GLU B 1 33 ? 11.396  7.786   -20.833 1.00 41.66 ? 1033 GLU B CG  1 
ATOM   933  C CD  . GLU B 1 33 ? 11.737  9.215   -20.319 1.00 43.95 ? 1033 GLU B CD  1 
ATOM   934  O OE1 . GLU B 1 33 ? 10.830  9.847   -19.734 1.00 44.58 ? 1033 GLU B OE1 1 
ATOM   935  O OE2 . GLU B 1 33 ? 12.881  9.710   -20.482 1.00 43.68 ? 1033 GLU B OE2 1 
ATOM   936  N N   . GLN B 1 34 ? 14.381  4.725   -22.642 1.00 39.86 ? 1034 GLN B N   1 
ATOM   937  C CA  . GLN B 1 34 ? 15.364  4.303   -23.630 1.00 40.52 ? 1034 GLN B CA  1 
ATOM   938  C C   . GLN B 1 34 ? 15.153  2.882   -24.154 1.00 39.82 ? 1034 GLN B C   1 
ATOM   939  O O   . GLN B 1 34 ? 15.076  2.670   -25.373 1.00 39.47 ? 1034 GLN B O   1 
ATOM   940  C CB  . GLN B 1 34 ? 16.777  4.436   -23.036 1.00 42.77 ? 1034 GLN B CB  1 
ATOM   941  C CG  . GLN B 1 34 ? 17.054  5.813   -22.395 1.00 47.48 ? 1034 GLN B CG  1 
ATOM   942  C CD  . GLN B 1 34 ? 18.354  5.847   -21.573 1.00 49.89 ? 1034 GLN B CD  1 
ATOM   943  O OE1 . GLN B 1 34 ? 18.435  6.518   -20.524 1.00 51.63 ? 1034 GLN B OE1 1 
ATOM   944  N NE2 . GLN B 1 34 ? 19.371  5.129   -22.046 1.00 51.37 ? 1034 GLN B NE2 1 
ATOM   945  N N   . GLU B 1 35 ? 15.040  1.915   -23.241 1.00 38.23 ? 1035 GLU B N   1 
ATOM   946  C CA  . GLU B 1 35 ? 14.898  0.504   -23.622 1.00 37.26 ? 1035 GLU B CA  1 
ATOM   947  C C   . GLU B 1 35 ? 13.487  -0.029  -23.878 1.00 35.51 ? 1035 GLU B C   1 
ATOM   948  O O   . GLU B 1 35 ? 13.334  -1.052  -24.549 1.00 34.69 ? 1035 GLU B O   1 
ATOM   949  C CB  . GLU B 1 35 ? 15.534  -0.391  -22.551 1.00 39.44 ? 1035 GLU B CB  1 
ATOM   950  C CG  . GLU B 1 35 ? 16.889  0.048   -22.040 1.00 42.54 ? 1035 GLU B CG  1 
ATOM   951  C CD  . GLU B 1 35 ? 17.930  0.192   -23.150 1.00 45.87 ? 1035 GLU B CD  1 
ATOM   952  O OE1 . GLU B 1 35 ? 18.015  -0.706  -24.016 1.00 46.11 ? 1035 GLU B OE1 1 
ATOM   953  O OE2 . GLU B 1 35 ? 18.676  1.199   -23.141 1.00 47.82 ? 1035 GLU B OE2 1 
ATOM   954  N N   . PHE B 1 36 ? 12.464  0.637   -23.343 1.00 32.89 ? 1036 PHE B N   1 
ATOM   955  C CA  . PHE B 1 36 ? 11.093  0.167   -23.504 1.00 32.14 ? 1036 PHE B CA  1 
ATOM   956  C C   . PHE B 1 36 ? 10.137  1.272   -23.914 1.00 32.62 ? 1036 PHE B C   1 
ATOM   957  O O   . PHE B 1 36 ? 8.981   1.290   -23.505 1.00 31.32 ? 1036 PHE B O   1 
ATOM   958  C CB  . PHE B 1 36 ? 10.597  -0.473  -22.188 1.00 30.53 ? 1036 PHE B CB  1 
ATOM   959  C CG  . PHE B 1 36 ? 11.437  -1.642  -21.736 1.00 29.60 ? 1036 PHE B CG  1 
ATOM   960  C CD1 . PHE B 1 36 ? 12.518  -1.446  -20.895 1.00 28.04 ? 1036 PHE B CD1 1 
ATOM   961  C CD2 . PHE B 1 36 ? 11.227  -2.914  -22.276 1.00 29.65 ? 1036 PHE B CD2 1 
ATOM   962  C CE1 . PHE B 1 36 ? 13.400  -2.481  -20.603 1.00 29.25 ? 1036 PHE B CE1 1 
ATOM   963  C CE2 . PHE B 1 36 ? 12.111  -3.965  -21.989 1.00 30.03 ? 1036 PHE B CE2 1 
ATOM   964  C CZ  . PHE B 1 36 ? 13.205  -3.734  -21.149 1.00 28.36 ? 1036 PHE B CZ  1 
ATOM   965  N N   . GLN B 1 37 ? 10.613  2.202   -24.725 1.00 35.19 ? 1037 GLN B N   1 
ATOM   966  C CA  . GLN B 1 37 ? 9.770   3.331   -25.143 1.00 36.96 ? 1037 GLN B CA  1 
ATOM   967  C C   . GLN B 1 37 ? 8.388   2.890   -25.607 1.00 36.56 ? 1037 GLN B C   1 
ATOM   968  O O   . GLN B 1 37 ? 8.260   2.073   -26.517 1.00 37.30 ? 1037 GLN B O   1 
ATOM   969  C CB  . GLN B 1 37 ? 10.470  4.114   -26.259 1.00 38.79 ? 1037 GLN B CB  1 
ATOM   970  C CG  . GLN B 1 37 ? 9.617   5.214   -26.900 1.00 42.35 ? 1037 GLN B CG  1 
ATOM   971  C CD  . GLN B 1 37 ? 10.326  5.882   -28.068 1.00 43.67 ? 1037 GLN B CD  1 
ATOM   972  O OE1 . GLN B 1 37 ? 11.291  6.619   -27.884 1.00 44.60 ? 1037 GLN B OE1 1 
ATOM   973  N NE2 . GLN B 1 37 ? 9.856   5.613   -29.278 1.00 44.78 ? 1037 GLN B NE2 1 
ATOM   974  N N   . GLY B 1 38 ? 7.353   3.411   -24.967 1.00 37.07 ? 1038 GLY B N   1 
ATOM   975  C CA  . GLY B 1 38 ? 5.995   3.072   -25.358 1.00 37.16 ? 1038 GLY B CA  1 
ATOM   976  C C   . GLY B 1 38 ? 5.454   1.759   -24.835 1.00 38.60 ? 1038 GLY B C   1 
ATOM   977  O O   . GLY B 1 38 ? 4.327   1.378   -25.171 1.00 39.27 ? 1038 GLY B O   1 
ATOM   978  N N   . ILE B 1 39 ? 6.227   1.048   -24.016 1.00 38.33 ? 1039 ILE B N   1 
ATOM   979  C CA  . ILE B 1 39 ? 5.751   -0.242  -23.502 1.00 37.67 ? 1039 ILE B CA  1 
ATOM   980  C C   . ILE B 1 39 ? 5.288   -0.149  -22.041 1.00 37.27 ? 1039 ILE B C   1 
ATOM   981  O O   . ILE B 1 39 ? 4.353   -0.834  -21.637 1.00 37.05 ? 1039 ILE B O   1 
ATOM   982  C CB  . ILE B 1 39 ? 6.835   -1.337  -23.690 1.00 37.92 ? 1039 ILE B CB  1 
ATOM   983  C CG1 . ILE B 1 39 ? 7.077   -1.525  -25.193 1.00 37.93 ? 1039 ILE B CG1 1 
ATOM   984  C CG2 . ILE B 1 39 ? 6.382   -2.678  -23.051 1.00 36.07 ? 1039 ILE B CG2 1 
ATOM   985  C CD1 . ILE B 1 39 ? 8.444   -2.073  -25.540 1.00 39.93 ? 1039 ILE B CD1 1 
ATOM   986  N N   . TYR B 1 40 ? 5.926   0.720   -21.266 1.00 36.85 ? 1040 TYR B N   1 
ATOM   987  C CA  . TYR B 1 40 ? 5.551   0.922   -19.877 1.00 36.13 ? 1040 TYR B CA  1 
ATOM   988  C C   . TYR B 1 40 ? 5.353   2.397   -19.534 1.00 36.41 ? 1040 TYR B C   1 
ATOM   989  O O   . TYR B 1 40 ? 6.166   3.239   -19.904 1.00 37.43 ? 1040 TYR B O   1 
ATOM   990  C CB  . TYR B 1 40 ? 6.625   0.387   -18.942 1.00 36.29 ? 1040 TYR B CB  1 
ATOM   991  C CG  . TYR B 1 40 ? 6.882   -1.094  -19.024 1.00 35.59 ? 1040 TYR B CG  1 
ATOM   992  C CD1 . TYR B 1 40 ? 7.983   -1.582  -19.715 1.00 35.68 ? 1040 TYR B CD1 1 
ATOM   993  C CD2 . TYR B 1 40 ? 6.059   -2.004  -18.355 1.00 35.15 ? 1040 TYR B CD2 1 
ATOM   994  C CE1 . TYR B 1 40 ? 8.273   -2.955  -19.735 1.00 35.84 ? 1040 TYR B CE1 1 
ATOM   995  C CE2 . TYR B 1 40 ? 6.333   -3.373  -18.364 1.00 35.09 ? 1040 TYR B CE2 1 
ATOM   996  C CZ  . TYR B 1 40 ? 7.444   -3.834  -19.055 1.00 35.77 ? 1040 TYR B CZ  1 
ATOM   997  O OH  . TYR B 1 40 ? 7.740   -5.160  -19.066 1.00 37.00 ? 1040 TYR B OH  1 
ATOM   998  N N   . ALA B 1 41 ? 4.272   2.723   -18.839 1.00 34.74 ? 1041 ALA B N   1 
ATOM   999  C CA  . ALA B 1 41 ? 4.091   4.091   -18.396 1.00 34.01 ? 1041 ALA B CA  1 
ATOM   1000 C C   . ALA B 1 41 ? 4.447   3.936   -16.914 1.00 33.88 ? 1041 ALA B C   1 
ATOM   1001 O O   . ALA B 1 41 ? 4.145   2.908   -16.297 1.00 33.10 ? 1041 ALA B O   1 
ATOM   1002 C CB  . ALA B 1 41 ? 2.648   4.547   -18.556 1.00 33.73 ? 1041 ALA B CB  1 
ATOM   1003 N N   . LEU B 1 42 ? 5.120   4.932   -16.347 1.00 33.23 ? 1042 LEU B N   1 
ATOM   1004 C CA  . LEU B 1 42 ? 5.509   4.852   -14.949 1.00 32.15 ? 1042 LEU B CA  1 
ATOM   1005 C C   . LEU B 1 42 ? 4.702   5.832   -14.114 1.00 32.10 ? 1042 LEU B C   1 
ATOM   1006 O O   . LEU B 1 42 ? 4.438   6.955   -14.535 1.00 31.76 ? 1042 LEU B O   1 
ATOM   1007 C CB  . LEU B 1 42 ? 7.019   5.132   -14.800 1.00 30.72 ? 1042 LEU B CB  1 
ATOM   1008 C CG  . LEU B 1 42 ? 7.619   5.231   -13.387 1.00 29.57 ? 1042 LEU B CG  1 
ATOM   1009 C CD1 . LEU B 1 42 ? 7.448   3.905   -12.647 1.00 28.01 ? 1042 LEU B CD1 1 
ATOM   1010 C CD2 . LEU B 1 42 ? 9.120   5.579   -13.495 1.00 29.84 ? 1042 LEU B CD2 1 
ATOM   1011 N N   . LYS B 1 43 ? 4.284   5.393   -12.938 1.00 31.44 ? 1043 LYS B N   1 
ATOM   1012 C CA  . LYS B 1 43 ? 3.556   6.267   -12.044 1.00 31.28 ? 1043 LYS B CA  1 
ATOM   1013 C C   . LYS B 1 43 ? 4.070   5.997   -10.636 1.00 30.54 ? 1043 LYS B C   1 
ATOM   1014 O O   . LYS B 1 43 ? 4.100   4.846   -10.176 1.00 29.74 ? 1043 LYS B O   1 
ATOM   1015 C CB  . LYS B 1 43 ? 2.048   6.000   -12.132 1.00 34.28 ? 1043 LYS B CB  1 
ATOM   1016 C CG  . LYS B 1 43 ? 1.234   6.927   -11.222 1.00 38.57 ? 1043 LYS B CG  1 
ATOM   1017 C CD  . LYS B 1 43 ? -0.280  6.692   -11.327 1.00 41.35 ? 1043 LYS B CD  1 
ATOM   1018 C CE  . LYS B 1 43 ? -0.801  6.964   -12.728 1.00 44.42 ? 1043 LYS B CE  1 
ATOM   1019 N NZ  . LYS B 1 43 ? -2.284  6.685   -12.879 1.00 46.80 ? 1043 LYS B NZ  1 
ATOM   1020 N N   . VAL B 1 44 ? 4.499   7.049   -9.956  1.00 28.18 ? 1044 VAL B N   1 
ATOM   1021 C CA  . VAL B 1 44 ? 4.999   6.913   -8.602  1.00 27.76 ? 1044 VAL B CA  1 
ATOM   1022 C C   . VAL B 1 44 ? 4.014   7.590   -7.672  1.00 27.80 ? 1044 VAL B C   1 
ATOM   1023 O O   . VAL B 1 44 ? 3.667   8.747   -7.894  1.00 26.13 ? 1044 VAL B O   1 
ATOM   1024 C CB  . VAL B 1 44 ? 6.395   7.580   -8.455  1.00 28.60 ? 1044 VAL B CB  1 
ATOM   1025 C CG1 . VAL B 1 44 ? 6.901   7.459   -7.010  1.00 26.39 ? 1044 VAL B CG1 1 
ATOM   1026 C CG2 . VAL B 1 44 ? 7.385   6.895   -9.406  1.00 27.31 ? 1044 VAL B CG2 1 
ATOM   1027 N N   . ILE B 1 45 ? 3.526   6.857   -6.670  1.00 26.37 ? 1045 ILE B N   1 
ATOM   1028 C CA  . ILE B 1 45 ? 2.588   7.403   -5.710  1.00 26.60 ? 1045 ILE B CA  1 
ATOM   1029 C C   . ILE B 1 45 ? 3.280   7.463   -4.356  1.00 28.44 ? 1045 ILE B C   1 
ATOM   1030 O O   . ILE B 1 45 ? 3.754   6.443   -3.844  1.00 28.82 ? 1045 ILE B O   1 
ATOM   1031 C CB  . ILE B 1 45 ? 1.315   6.535   -5.569  1.00 26.74 ? 1045 ILE B CB  1 
ATOM   1032 C CG1 . ILE B 1 45 ? 0.538   6.488   -6.897  1.00 26.98 ? 1045 ILE B CG1 1 
ATOM   1033 C CG2 . ILE B 1 45 ? 0.417   7.088   -4.442  1.00 25.82 ? 1045 ILE B CG2 1 
ATOM   1034 C CD1 . ILE B 1 45 ? 0.858   5.264   -7.790  1.00 27.95 ? 1045 ILE B CD1 1 
ATOM   1035 N N   . ASP B 1 46 ? 3.387   8.656   -3.784  1.00 29.66 ? 1046 ASP B N   1 
ATOM   1036 C CA  . ASP B 1 46 ? 4.020   8.788   -2.473  1.00 32.40 ? 1046 ASP B CA  1 
ATOM   1037 C C   . ASP B 1 46 ? 2.865   8.831   -1.473  1.00 32.74 ? 1046 ASP B C   1 
ATOM   1038 O O   . ASP B 1 46 ? 2.064   9.763   -1.485  1.00 32.99 ? 1046 ASP B O   1 
ATOM   1039 C CB  . ASP B 1 46 ? 4.853   10.073  -2.407  1.00 34.58 ? 1046 ASP B CB  1 
ATOM   1040 C CG  . ASP B 1 46 ? 5.603   10.222  -1.101  1.00 36.10 ? 1046 ASP B CG  1 
ATOM   1041 O OD1 . ASP B 1 46 ? 6.297   11.243  -0.955  1.00 36.94 ? 1046 ASP B OD1 1 
ATOM   1042 O OD2 . ASP B 1 46 ? 5.512   9.332   -0.225  1.00 36.75 ? 1046 ASP B OD2 1 
ATOM   1043 N N   . VAL B 1 47 ? 2.750   7.802   -0.639  1.00 32.53 ? 1047 VAL B N   1 
ATOM   1044 C CA  . VAL B 1 47 ? 1.659   7.753   0.334   1.00 34.14 ? 1047 VAL B CA  1 
ATOM   1045 C C   . VAL B 1 47 ? 1.742   8.886   1.353   1.00 35.01 ? 1047 VAL B C   1 
ATOM   1046 O O   . VAL B 1 47 ? 0.758   9.198   2.010   1.00 35.10 ? 1047 VAL B O   1 
ATOM   1047 C CB  . VAL B 1 47 ? 1.597   6.359   1.045   1.00 34.06 ? 1047 VAL B CB  1 
ATOM   1048 C CG1 . VAL B 1 47 ? 1.534   5.258   -0.012  1.00 32.12 ? 1047 VAL B CG1 1 
ATOM   1049 C CG2 . VAL B 1 47 ? 2.806   6.149   1.945   1.00 33.42 ? 1047 VAL B CG2 1 
ATOM   1050 N N   . LEU B 1 48 ? 2.921   9.505   1.479   1.00 36.83 ? 1048 LEU B N   1 
ATOM   1051 C CA  . LEU B 1 48 ? 3.095   10.636  2.397   1.00 38.28 ? 1048 LEU B CA  1 
ATOM   1052 C C   . LEU B 1 48 ? 2.395   11.870  1.821   1.00 38.52 ? 1048 LEU B C   1 
ATOM   1053 O O   . LEU B 1 48 ? 2.040   12.777  2.553   1.00 39.94 ? 1048 LEU B O   1 
ATOM   1054 C CB  . LEU B 1 48 ? 4.577   10.959  2.635   1.00 38.65 ? 1048 LEU B CB  1 
ATOM   1055 C CG  . LEU B 1 48 ? 5.454   9.892   3.306   1.00 40.10 ? 1048 LEU B CG  1 
ATOM   1056 C CD1 . LEU B 1 48 ? 6.689   10.598  3.837   1.00 41.45 ? 1048 LEU B CD1 1 
ATOM   1057 C CD2 . LEU B 1 48 ? 4.730   9.189   4.446   1.00 40.12 ? 1048 LEU B CD2 1 
ATOM   1058 N N   . LYS B 1 49 ? 2.193   11.895  0.513   1.00 38.73 ? 1049 LYS B N   1 
ATOM   1059 C CA  . LYS B 1 49 ? 1.516   13.007  -0.114  1.00 39.62 ? 1049 LYS B CA  1 
ATOM   1060 C C   . LYS B 1 49 ? 0.084   12.651  -0.485  1.00 39.75 ? 1049 LYS B C   1 
ATOM   1061 O O   . LYS B 1 49 ? -0.799  13.500  -0.457  1.00 40.30 ? 1049 LYS B O   1 
ATOM   1062 C CB  . LYS B 1 49 ? 2.272   13.458  -1.364  1.00 41.11 ? 1049 LYS B CB  1 
ATOM   1063 C CG  . LYS B 1 49 ? 3.591   14.171  -1.075  1.00 42.82 ? 1049 LYS B CG  1 
ATOM   1064 C CD  . LYS B 1 49 ? 4.160   14.833  -2.351  1.00 46.21 ? 1049 LYS B CD  1 
ATOM   1065 C CE  . LYS B 1 49 ? 5.540   15.511  -2.112  1.00 48.15 ? 1049 LYS B CE  1 
ATOM   1066 N NZ  . LYS B 1 49 ? 6.098   16.214  -3.326  1.00 48.15 ? 1049 LYS B NZ  1 
ATOM   1067 N N   . ASN B 1 50 ? -0.144  11.395  -0.839  1.00 39.55 ? 1050 ASN B N   1 
ATOM   1068 C CA  . ASN B 1 50 ? -1.476  10.927  -1.230  1.00 38.74 ? 1050 ASN B CA  1 
ATOM   1069 C C   . ASN B 1 50 ? -1.671  9.537   -0.611  1.00 37.27 ? 1050 ASN B C   1 
ATOM   1070 O O   . ASN B 1 50 ? -1.654  8.524   -1.314  1.00 35.26 ? 1050 ASN B O   1 
ATOM   1071 C CB  . ASN B 1 50 ? -1.566  10.842  -2.759  1.00 40.32 ? 1050 ASN B CB  1 
ATOM   1072 C CG  . ASN B 1 50 ? -1.076  12.111  -3.441  1.00 42.17 ? 1050 ASN B CG  1 
ATOM   1073 O OD1 . ASN B 1 50 ? 0.120   12.288  -3.696  1.00 43.64 ? 1050 ASN B OD1 1 
ATOM   1074 N ND2 . ASN B 1 50 ? -2.000  13.012  -3.716  1.00 42.54 ? 1050 ASN B ND2 1 
ATOM   1075 N N   . PRO B 1 51 ? -1.869  9.492   0.719   1.00 36.44 ? 1051 PRO B N   1 
ATOM   1076 C CA  . PRO B 1 51 ? -2.059  8.265   1.492   1.00 34.99 ? 1051 PRO B CA  1 
ATOM   1077 C C   . PRO B 1 51 ? -3.273  7.417   1.161   1.00 34.40 ? 1051 PRO B C   1 
ATOM   1078 O O   . PRO B 1 51 ? -3.162  6.197   1.105   1.00 33.43 ? 1051 PRO B O   1 
ATOM   1079 C CB  . PRO B 1 51 ? -2.058  8.770   2.931   1.00 35.51 ? 1051 PRO B CB  1 
ATOM   1080 C CG  . PRO B 1 51 ? -2.671  10.143  2.801   1.00 36.31 ? 1051 PRO B CG  1 
ATOM   1081 C CD  . PRO B 1 51 ? -1.988  10.684  1.585   1.00 36.33 ? 1051 PRO B CD  1 
ATOM   1082 N N   . GLN B 1 52 ? -4.424  8.033   0.917   1.00 33.23 ? 1052 GLN B N   1 
ATOM   1083 C CA  . GLN B 1 52 ? -5.624  7.247   0.636   1.00 32.94 ? 1052 GLN B CA  1 
ATOM   1084 C C   . GLN B 1 52 ? -5.721  6.614   -0.738  1.00 33.19 ? 1052 GLN B C   1 
ATOM   1085 O O   . GLN B 1 52 ? -5.714  7.301   -1.755  1.00 34.18 ? 1052 GLN B O   1 
ATOM   1086 C CB  . GLN B 1 52 ? -6.892  8.080   0.876   1.00 32.72 ? 1052 GLN B CB  1 
ATOM   1087 C CG  . GLN B 1 52 ? -7.334  8.201   2.325   1.00 33.33 ? 1052 GLN B CG  1 
ATOM   1088 C CD  . GLN B 1 52 ? -6.366  9.009   3.151   1.00 35.18 ? 1052 GLN B CD  1 
ATOM   1089 O OE1 . GLN B 1 52 ? -6.199  10.225  2.939   1.00 36.02 ? 1052 GLN B OE1 1 
ATOM   1090 N NE2 . GLN B 1 52 ? -5.704  8.348   4.094   1.00 34.25 ? 1052 GLN B NE2 1 
ATOM   1091 N N   . LEU B 1 53 ? -5.821  5.293   -0.775  1.00 32.83 ? 1053 LEU B N   1 
ATOM   1092 C CA  . LEU B 1 53 ? -5.966  4.610   -2.055  1.00 32.01 ? 1053 LEU B CA  1 
ATOM   1093 C C   . LEU B 1 53 ? -7.338  4.910   -2.606  1.00 32.76 ? 1053 LEU B C   1 
ATOM   1094 O O   . LEU B 1 53 ? -8.327  4.923   -1.857  1.00 31.82 ? 1053 LEU B O   1 
ATOM   1095 C CB  . LEU B 1 53 ? -5.873  3.089   -1.909  1.00 30.35 ? 1053 LEU B CB  1 
ATOM   1096 C CG  . LEU B 1 53 ? -4.486  2.480   -1.648  1.00 29.82 ? 1053 LEU B CG  1 
ATOM   1097 C CD1 . LEU B 1 53 ? -4.655  0.984   -1.473  1.00 27.60 ? 1053 LEU B CD1 1 
ATOM   1098 C CD2 . LEU B 1 53 ? -3.529  2.792   -2.833  1.00 26.96 ? 1053 LEU B CD2 1 
ATOM   1099 N N   . ALA B 1 54 ? -7.403  5.126   -3.916  1.00 33.11 ? 1054 ALA B N   1 
ATOM   1100 C CA  . ALA B 1 54 ? -8.675  5.374   -4.559  1.00 34.60 ? 1054 ALA B CA  1 
ATOM   1101 C C   . ALA B 1 54 ? -9.332  4.022   -4.685  1.00 35.72 ? 1054 ALA B C   1 
ATOM   1102 O O   . ALA B 1 54 ? -8.669  2.982   -4.668  1.00 33.77 ? 1054 ALA B O   1 
ATOM   1103 C CB  . ALA B 1 54 ? -8.484  6.000   -5.947  1.00 36.11 ? 1054 ALA B CB  1 
ATOM   1104 N N   . GLU B 1 55 ? -10.646 4.068   -4.822  1.00 36.42 ? 1055 GLU B N   1 
ATOM   1105 C CA  . GLU B 1 55 ? -11.492 2.907   -4.945  1.00 38.56 ? 1055 GLU B CA  1 
ATOM   1106 C C   . GLU B 1 55 ? -10.993 1.776   -5.827  1.00 38.80 ? 1055 GLU B C   1 
ATOM   1107 O O   . GLU B 1 55 ? -11.166 0.593   -5.502  1.00 40.23 ? 1055 GLU B O   1 
ATOM   1108 C CB  . GLU B 1 55 ? -12.847 3.371   -5.447  1.00 41.09 ? 1055 GLU B CB  1 
ATOM   1109 C CG  . GLU B 1 55 ? -13.854 2.290   -5.560  1.00 45.46 ? 1055 GLU B CG  1 
ATOM   1110 C CD  . GLU B 1 55 ? -15.225 2.873   -5.753  1.00 48.49 ? 1055 GLU B CD  1 
ATOM   1111 O OE1 . GLU B 1 55 ? -15.382 3.694   -6.693  1.00 49.78 ? 1055 GLU B OE1 1 
ATOM   1112 O OE2 . GLU B 1 55 ? -16.132 2.523   -4.966  1.00 50.01 ? 1055 GLU B OE2 1 
ATOM   1113 N N   . GLU B 1 56 ? -10.376 2.100   -6.949  1.00 37.96 ? 1056 GLU B N   1 
ATOM   1114 C CA  . GLU B 1 56 ? -9.947  1.025   -7.805  1.00 37.49 ? 1056 GLU B CA  1 
ATOM   1115 C C   . GLU B 1 56 ? -8.450  0.740   -7.724  1.00 35.72 ? 1056 GLU B C   1 
ATOM   1116 O O   . GLU B 1 56 ? -7.927  -0.051  -8.513  1.00 34.83 ? 1056 GLU B O   1 
ATOM   1117 C CB  . GLU B 1 56 ? -10.363 1.314   -9.249  1.00 40.93 ? 1056 GLU B CB  1 
ATOM   1118 C CG  . GLU B 1 56 ? -9.562  2.397   -9.958  1.00 45.29 ? 1056 GLU B CG  1 
ATOM   1119 C CD  . GLU B 1 56 ? -9.537  3.727   -9.225  1.00 49.05 ? 1056 GLU B CD  1 
ATOM   1120 O OE1 . GLU B 1 56 ? -10.606 4.176   -8.730  1.00 50.43 ? 1056 GLU B OE1 1 
ATOM   1121 O OE2 . GLU B 1 56 ? -8.437  4.337   -9.164  1.00 52.15 ? 1056 GLU B OE2 1 
ATOM   1122 N N   . ASP B 1 57 ? -7.772  1.360   -6.764  1.00 33.03 ? 1057 ASP B N   1 
ATOM   1123 C CA  . ASP B 1 57 ? -6.342  1.147   -6.617  1.00 31.95 ? 1057 ASP B CA  1 
ATOM   1124 C C   . ASP B 1 57 ? -6.030  0.026   -5.621  1.00 30.15 ? 1057 ASP B C   1 
ATOM   1125 O O   . ASP B 1 57 ? -6.856  -0.306  -4.763  1.00 29.74 ? 1057 ASP B O   1 
ATOM   1126 C CB  . ASP B 1 57 ? -5.649  2.437   -6.170  1.00 33.93 ? 1057 ASP B CB  1 
ATOM   1127 C CG  . ASP B 1 57 ? -5.929  3.613   -7.102  1.00 36.39 ? 1057 ASP B CG  1 
ATOM   1128 O OD1 . ASP B 1 57 ? -6.071  3.399   -8.326  1.00 37.18 ? 1057 ASP B OD1 1 
ATOM   1129 O OD2 . ASP B 1 57 ? -5.992  4.768   -6.616  1.00 39.17 ? 1057 ASP B OD2 1 
ATOM   1130 N N   . LYS B 1 58 ? -4.839  -0.561  -5.745  1.00 28.05 ? 1058 LYS B N   1 
ATOM   1131 C CA  . LYS B 1 58 ? -4.400  -1.616  -4.831  1.00 25.35 ? 1058 LYS B CA  1 
ATOM   1132 C C   . LYS B 1 58 ? -2.878  -1.633  -4.833  1.00 24.83 ? 1058 LYS B C   1 
ATOM   1133 O O   . LYS B 1 58 ? -2.224  -1.247  -5.818  1.00 24.20 ? 1058 LYS B O   1 
ATOM   1134 C CB  . LYS B 1 58 ? -4.926  -2.993  -5.262  1.00 23.48 ? 1058 LYS B CB  1 
ATOM   1135 C CG  . LYS B 1 58 ? -4.310  -3.501  -6.559  1.00 24.08 ? 1058 LYS B CG  1 
ATOM   1136 C CD  . LYS B 1 58 ? -4.925  -4.822  -7.012  1.00 23.93 ? 1058 LYS B CD  1 
ATOM   1137 C CE  . LYS B 1 58 ? -4.574  -5.174  -8.473  1.00 24.45 ? 1058 LYS B CE  1 
ATOM   1138 N NZ  . LYS B 1 58 ? -4.845  -4.065  -9.477  1.00 24.25 ? 1058 LYS B NZ  1 
ATOM   1139 N N   . ILE B 1 59 ? -2.304  -2.038  -3.706  1.00 23.03 ? 1059 ILE B N   1 
ATOM   1140 C CA  . ILE B 1 59 ? -0.853  -2.136  -3.646  1.00 21.93 ? 1059 ILE B CA  1 
ATOM   1141 C C   . ILE B 1 59 ? -0.550  -3.594  -3.370  1.00 21.49 ? 1059 ILE B C   1 
ATOM   1142 O O   . ILE B 1 59 ? -1.016  -4.125  -2.361  1.00 20.61 ? 1059 ILE B O   1 
ATOM   1143 C CB  . ILE B 1 59 ? -0.258  -1.263  -2.529  1.00 21.30 ? 1059 ILE B CB  1 
ATOM   1144 C CG1 . ILE B 1 59 ? -0.777  0.186   -2.672  1.00 21.80 ? 1059 ILE B CG1 1 
ATOM   1145 C CG2 . ILE B 1 59 ? 1.292   -1.306  -2.606  1.00 19.21 ? 1059 ILE B CG2 1 
ATOM   1146 C CD1 . ILE B 1 59 ? -0.329  1.101   -1.539  1.00 21.34 ? 1059 ILE B CD1 1 
ATOM   1147 N N   . LEU B 1 60 ? 0.186   -4.231  -4.285  1.00 20.95 ? 1060 LEU B N   1 
ATOM   1148 C CA  . LEU B 1 60 ? 0.569   -5.632  -4.127  1.00 23.11 ? 1060 LEU B CA  1 
ATOM   1149 C C   . LEU B 1 60 ? 2.075   -5.738  -3.787  1.00 23.16 ? 1060 LEU B C   1 
ATOM   1150 O O   . LEU B 1 60 ? 2.831   -4.791  -3.959  1.00 20.93 ? 1060 LEU B O   1 
ATOM   1151 C CB  . LEU B 1 60 ? 0.238   -6.415  -5.408  1.00 23.44 ? 1060 LEU B CB  1 
ATOM   1152 C CG  . LEU B 1 60 ? -1.250  -6.407  -5.816  1.00 24.03 ? 1060 LEU B CG  1 
ATOM   1153 C CD1 . LEU B 1 60 ? -1.394  -7.123  -7.176  1.00 23.90 ? 1060 LEU B CD1 1 
ATOM   1154 C CD2 . LEU B 1 60 ? -2.105  -7.095  -4.726  1.00 23.25 ? 1060 LEU B CD2 1 
ATOM   1155 N N   . ALA B 1 61 ? 2.494   -6.906  -3.311  1.00 23.39 ? 1061 ALA B N   1 
ATOM   1156 C CA  . ALA B 1 61 ? 3.859   -7.115  -2.874  1.00 23.49 ? 1061 ALA B CA  1 
ATOM   1157 C C   . ALA B 1 61 ? 4.836   -7.054  -4.029  1.00 24.33 ? 1061 ALA B C   1 
ATOM   1158 O O   . ALA B 1 61 ? 4.602   -7.623  -5.083  1.00 24.30 ? 1061 ALA B O   1 
ATOM   1159 C CB  . ALA B 1 61 ? 3.961   -8.470  -2.119  1.00 24.91 ? 1061 ALA B CB  1 
ATOM   1160 N N   . THR B 1 62 ? 5.941   -6.344  -3.827  1.00 24.94 ? 1062 THR B N   1 
ATOM   1161 C CA  . THR B 1 62 ? 6.943   -6.197  -4.877  1.00 27.11 ? 1062 THR B CA  1 
ATOM   1162 C C   . THR B 1 62 ? 7.479   -7.524  -5.474  1.00 28.55 ? 1062 THR B C   1 
ATOM   1163 O O   . THR B 1 62 ? 7.619   -7.659  -6.706  1.00 28.99 ? 1062 THR B O   1 
ATOM   1164 C CB  . THR B 1 62 ? 8.139   -5.398  -4.342  1.00 28.44 ? 1062 THR B CB  1 
ATOM   1165 O OG1 . THR B 1 62 ? 7.724   -4.061  -4.023  1.00 28.30 ? 1062 THR B OG1 1 
ATOM   1166 C CG2 . THR B 1 62 ? 9.269   -5.412  -5.341  1.00 27.25 ? 1062 THR B CG2 1 
ATOM   1167 N N   . PRO B 1 63 ? 7.775   -8.516  -4.613  1.00 28.32 ? 1063 PRO B N   1 
ATOM   1168 C CA  . PRO B 1 63 ? 8.291   -9.811  -5.071  1.00 30.06 ? 1063 PRO B CA  1 
ATOM   1169 C C   . PRO B 1 63 ? 7.449   -10.438 -6.192  1.00 31.59 ? 1063 PRO B C   1 
ATOM   1170 O O   . PRO B 1 63 ? 7.937   -10.789 -7.263  1.00 32.82 ? 1063 PRO B O   1 
ATOM   1171 C CB  . PRO B 1 63 ? 8.266   -10.652 -3.794  1.00 29.29 ? 1063 PRO B CB  1 
ATOM   1172 C CG  . PRO B 1 63 ? 8.509   -9.666  -2.724  1.00 28.60 ? 1063 PRO B CG  1 
ATOM   1173 C CD  . PRO B 1 63 ? 7.669   -8.486  -3.141  1.00 27.84 ? 1063 PRO B CD  1 
ATOM   1174 N N   . THR B 1 64 ? 6.164   -10.557 -5.929  1.00 33.40 ? 1064 THR B N   1 
ATOM   1175 C CA  . THR B 1 64 ? 5.229   -11.136 -6.862  1.00 35.41 ? 1064 THR B CA  1 
ATOM   1176 C C   . THR B 1 64 ? 5.128   -10.401 -8.194  1.00 35.32 ? 1064 THR B C   1 
ATOM   1177 O O   . THR B 1 64 ? 5.277   -11.011 -9.251  1.00 36.47 ? 1064 THR B O   1 
ATOM   1178 C CB  . THR B 1 64 ? 3.852   -11.186 -6.220  1.00 36.60 ? 1064 THR B CB  1 
ATOM   1179 O OG1 . THR B 1 64 ? 3.962   -11.876 -4.966  1.00 37.52 ? 1064 THR B OG1 1 
ATOM   1180 C CG2 . THR B 1 64 ? 2.852   -11.906 -7.136  1.00 37.69 ? 1064 THR B CG2 1 
ATOM   1181 N N   . LEU B 1 65 ? 4.872   -9.099  -8.153  1.00 33.83 ? 1065 LEU B N   1 
ATOM   1182 C CA  . LEU B 1 65 ? 4.742   -8.358  -9.389  1.00 32.86 ? 1065 LEU B CA  1 
ATOM   1183 C C   . LEU B 1 65 ? 6.038   -8.108  -10.156 1.00 33.26 ? 1065 LEU B C   1 
ATOM   1184 O O   . LEU B 1 65 ? 6.036   -8.077  -11.381 1.00 30.79 ? 1065 LEU B O   1 
ATOM   1185 C CB  . LEU B 1 65 ? 4.048   -7.008  -9.134  1.00 33.74 ? 1065 LEU B CB  1 
ATOM   1186 C CG  . LEU B 1 65 ? 2.567   -7.014  -9.539  1.00 33.16 ? 1065 LEU B CG  1 
ATOM   1187 C CD1 . LEU B 1 65 ? 1.833   -7.930  -8.570  1.00 34.40 ? 1065 LEU B CD1 1 
ATOM   1188 C CD2 . LEU B 1 65 ? 1.969   -5.624  -9.532  1.00 32.78 ? 1065 LEU B CD2 1 
ATOM   1189 N N   . SER B 1 66 ? 7.156   -7.942  -9.459  1.00 33.62 ? 1066 SER B N   1 
ATOM   1190 C CA  . SER B 1 66 ? 8.369   -7.633  -10.192 1.00 35.18 ? 1066 SER B CA  1 
ATOM   1191 C C   . SER B 1 66 ? 8.888   -8.805  -11.007 1.00 35.56 ? 1066 SER B C   1 
ATOM   1192 O O   . SER B 1 66 ? 9.708   -8.626  -11.897 1.00 35.12 ? 1066 SER B O   1 
ATOM   1193 C CB  . SER B 1 66 ? 9.458   -7.110  -9.241  1.00 35.51 ? 1066 SER B CB  1 
ATOM   1194 O OG  . SER B 1 66 ? 9.833   -8.095  -8.298  1.00 37.79 ? 1066 SER B OG  1 
ATOM   1195 N N   . LYS B 1 67 ? 8.374   -9.998  -10.747 1.00 36.10 ? 1067 LYS B N   1 
ATOM   1196 C CA  . LYS B 1 67 ? 8.853   -11.159 -11.475 1.00 36.94 ? 1067 LYS B CA  1 
ATOM   1197 C C   . LYS B 1 67 ? 8.665   -11.083 -12.998 1.00 36.39 ? 1067 LYS B C   1 
ATOM   1198 O O   . LYS B 1 67 ? 9.453   -11.675 -13.748 1.00 36.79 ? 1067 LYS B O   1 
ATOM   1199 C CB  . LYS B 1 67 ? 8.208   -12.435 -10.921 1.00 38.21 ? 1067 LYS B CB  1 
ATOM   1200 C CG  . LYS B 1 67 ? 6.756   -12.566 -11.256 1.00 41.02 ? 1067 LYS B CG  1 
ATOM   1201 C CD  . LYS B 1 67 ? 6.131   -13.754 -10.564 1.00 43.21 ? 1067 LYS B CD  1 
ATOM   1202 C CE  . LYS B 1 67 ? 4.701   -13.975 -11.055 1.00 45.83 ? 1067 LYS B CE  1 
ATOM   1203 N NZ  . LYS B 1 67 ? 4.063   -15.131 -10.357 1.00 47.93 ? 1067 LYS B NZ  1 
ATOM   1204 N N   . ILE B 1 68 ? 7.647   -10.375 -13.484 1.00 35.04 ? 1068 ILE B N   1 
ATOM   1205 C CA  . ILE B 1 68 ? 7.501   -10.309 -14.925 1.00 33.92 ? 1068 ILE B CA  1 
ATOM   1206 C C   . ILE B 1 68 ? 8.055   -9.015  -15.549 1.00 33.09 ? 1068 ILE B C   1 
ATOM   1207 O O   . ILE B 1 68 ? 7.904   -8.772  -16.748 1.00 32.37 ? 1068 ILE B O   1 
ATOM   1208 C CB  . ILE B 1 68 ? 6.047   -10.502 -15.382 1.00 35.04 ? 1068 ILE B CB  1 
ATOM   1209 C CG1 . ILE B 1 68 ? 5.197   -9.333  -14.953 1.00 35.84 ? 1068 ILE B CG1 1 
ATOM   1210 C CG2 . ILE B 1 68 ? 5.479   -11.819 -14.838 1.00 36.08 ? 1068 ILE B CG2 1 
ATOM   1211 C CD1 . ILE B 1 68 ? 3.922   -9.287  -15.784 1.00 38.52 ? 1068 ILE B CD1 1 
ATOM   1212 N N   . LEU B 1 69 ? 8.689   -8.186  -14.735 1.00 30.73 ? 1069 LEU B N   1 
ATOM   1213 C CA  . LEU B 1 69 ? 9.291   -6.961  -15.235 1.00 29.67 ? 1069 LEU B CA  1 
ATOM   1214 C C   . LEU B 1 69 ? 10.677  -7.261  -15.843 1.00 29.96 ? 1069 LEU B C   1 
ATOM   1215 O O   . LEU B 1 69 ? 11.278  -8.293  -15.557 1.00 28.09 ? 1069 LEU B O   1 
ATOM   1216 C CB  . LEU B 1 69 ? 9.425   -5.980  -14.089 1.00 28.24 ? 1069 LEU B CB  1 
ATOM   1217 C CG  . LEU B 1 69 ? 8.073   -5.607  -13.481 1.00 28.46 ? 1069 LEU B CG  1 
ATOM   1218 C CD1 . LEU B 1 69 ? 8.286   -4.613  -12.377 1.00 26.38 ? 1069 LEU B CD1 1 
ATOM   1219 C CD2 . LEU B 1 69 ? 7.145   -5.050  -14.597 1.00 24.78 ? 1069 LEU B CD2 1 
ATOM   1220 N N   . PRO B 1 70 ? 11.212  -6.348  -16.676 1.00 31.81 ? 1070 PRO B N   1 
ATOM   1221 C CA  . PRO B 1 70 ? 12.534  -6.620  -17.274 1.00 31.29 ? 1070 PRO B CA  1 
ATOM   1222 C C   . PRO B 1 70 ? 13.631  -6.607  -16.210 1.00 32.22 ? 1070 PRO B C   1 
ATOM   1223 O O   . PRO B 1 70 ? 13.524  -5.893  -15.202 1.00 32.29 ? 1070 PRO B O   1 
ATOM   1224 C CB  . PRO B 1 70 ? 12.708  -5.487  -18.288 1.00 32.59 ? 1070 PRO B CB  1 
ATOM   1225 C CG  . PRO B 1 70 ? 11.259  -4.991  -18.566 1.00 32.05 ? 1070 PRO B CG  1 
ATOM   1226 C CD  . PRO B 1 70 ? 10.643  -5.078  -17.178 1.00 31.69 ? 1070 PRO B CD  1 
ATOM   1227 N N   . PRO B 1 71 ? 14.711  -7.387  -16.419 1.00 32.90 ? 1071 PRO B N   1 
ATOM   1228 C CA  . PRO B 1 71 ? 15.842  -7.475  -15.477 1.00 32.69 ? 1071 PRO B CA  1 
ATOM   1229 C C   . PRO B 1 71 ? 16.358  -6.142  -14.947 1.00 31.88 ? 1071 PRO B C   1 
ATOM   1230 O O   . PRO B 1 71 ? 16.473  -5.933  -13.737 1.00 32.63 ? 1071 PRO B O   1 
ATOM   1231 C CB  . PRO B 1 71 ? 16.915  -8.211  -16.296 1.00 33.98 ? 1071 PRO B CB  1 
ATOM   1232 C CG  . PRO B 1 71 ? 16.065  -9.162  -17.153 1.00 33.76 ? 1071 PRO B CG  1 
ATOM   1233 C CD  . PRO B 1 71 ? 14.938  -8.240  -17.605 1.00 33.18 ? 1071 PRO B CD  1 
ATOM   1234 N N   . PRO B 1 72 ? 16.685  -5.213  -15.852 1.00 31.59 ? 1072 PRO B N   1 
ATOM   1235 C CA  . PRO B 1 72 ? 17.184  -3.941  -15.328 1.00 30.67 ? 1072 PRO B CA  1 
ATOM   1236 C C   . PRO B 1 72 ? 16.126  -3.183  -14.533 1.00 30.01 ? 1072 PRO B C   1 
ATOM   1237 O O   . PRO B 1 72 ? 16.449  -2.414  -13.642 1.00 28.99 ? 1072 PRO B O   1 
ATOM   1238 C CB  . PRO B 1 72 ? 17.672  -3.220  -16.580 1.00 31.09 ? 1072 PRO B CB  1 
ATOM   1239 C CG  . PRO B 1 72 ? 16.755  -3.778  -17.679 1.00 31.23 ? 1072 PRO B CG  1 
ATOM   1240 C CD  . PRO B 1 72 ? 16.611  -5.227  -17.326 1.00 30.00 ? 1072 PRO B CD  1 
ATOM   1241 N N   . VAL B 1 73 ? 14.853  -3.424  -14.829 1.00 30.58 ? 1073 VAL B N   1 
ATOM   1242 C CA  . VAL B 1 73 ? 13.785  -2.758  -14.076 1.00 30.94 ? 1073 VAL B CA  1 
ATOM   1243 C C   . VAL B 1 73 ? 13.655  -3.448  -12.705 1.00 30.76 ? 1073 VAL B C   1 
ATOM   1244 O O   . VAL B 1 73 ? 13.573  -2.791  -11.676 1.00 30.03 ? 1073 VAL B O   1 
ATOM   1245 C CB  . VAL B 1 73 ? 12.431  -2.793  -14.864 1.00 30.86 ? 1073 VAL B CB  1 
ATOM   1246 C CG1 . VAL B 1 73 ? 11.265  -2.321  -13.967 1.00 29.95 ? 1073 VAL B CG1 1 
ATOM   1247 C CG2 . VAL B 1 73 ? 12.556  -1.894  -16.096 1.00 30.51 ? 1073 VAL B CG2 1 
ATOM   1248 N N   . ARG B 1 74 ? 13.666  -4.778  -12.707 1.00 32.13 ? 1074 ARG B N   1 
ATOM   1249 C CA  . ARG B 1 74 ? 13.598  -5.545  -11.475 1.00 32.26 ? 1074 ARG B CA  1 
ATOM   1250 C C   . ARG B 1 74 ? 14.736  -5.175  -10.543 1.00 32.07 ? 1074 ARG B C   1 
ATOM   1251 O O   . ARG B 1 74 ? 14.562  -5.124  -9.321  1.00 32.33 ? 1074 ARG B O   1 
ATOM   1252 C CB  . ARG B 1 74 ? 13.673  -7.047  -11.766 1.00 33.98 ? 1074 ARG B CB  1 
ATOM   1253 C CG  . ARG B 1 74 ? 12.484  -7.614  -12.471 1.00 37.81 ? 1074 ARG B CG  1 
ATOM   1254 C CD  . ARG B 1 74 ? 12.315  -9.096  -12.092 1.00 41.34 ? 1074 ARG B CD  1 
ATOM   1255 N NE  . ARG B 1 74 ? 13.478  -9.918  -12.416 1.00 43.06 ? 1074 ARG B NE  1 
ATOM   1256 C CZ  . ARG B 1 74 ? 13.714  -10.480 -13.602 1.00 45.03 ? 1074 ARG B CZ  1 
ATOM   1257 N NH1 . ARG B 1 74 ? 12.862  -10.327 -14.617 1.00 45.45 ? 1074 ARG B NH1 1 
ATOM   1258 N NH2 . ARG B 1 74 ? 14.818  -11.201 -13.773 1.00 45.42 ? 1074 ARG B NH2 1 
ATOM   1259 N N   . LYS B 1 75 ? 15.909  -4.898  -11.102 1.00 32.50 ? 1075 LYS B N   1 
ATOM   1260 C CA  . LYS B 1 75 ? 17.056  -4.566  -10.245 1.00 33.10 ? 1075 LYS B CA  1 
ATOM   1261 C C   . LYS B 1 75 ? 16.904  -3.212  -9.534  1.00 32.55 ? 1075 LYS B C   1 
ATOM   1262 O O   . LYS B 1 75 ? 17.198  -3.080  -8.332  1.00 32.23 ? 1075 LYS B O   1 
ATOM   1263 C CB  . LYS B 1 75 ? 18.359  -4.705  -11.074 1.00 34.50 ? 1075 LYS B CB  1 
ATOM   1264 C CG  . LYS B 1 75 ? 19.302  -3.531  -11.144 1.00 38.32 ? 1075 LYS B CG  1 
ATOM   1265 C CD  . LYS B 1 75 ? 20.254  -3.450  -9.966  1.00 39.82 ? 1075 LYS B CD  1 
ATOM   1266 C CE  . LYS B 1 75 ? 21.128  -2.184  -10.094 1.00 41.37 ? 1075 LYS B CE  1 
ATOM   1267 N NZ  . LYS B 1 75 ? 21.765  -1.792  -8.808  1.00 42.36 ? 1075 LYS B NZ  1 
ATOM   1268 N N   . ILE B 1 76 ? 16.378  -2.216  -10.233 1.00 31.59 ? 1076 ILE B N   1 
ATOM   1269 C CA  . ILE B 1 76 ? 16.195  -0.929  -9.581  1.00 29.95 ? 1076 ILE B CA  1 
ATOM   1270 C C   . ILE B 1 76 ? 15.083  -1.048  -8.548  1.00 29.43 ? 1076 ILE B C   1 
ATOM   1271 O O   . ILE B 1 76 ? 15.136  -0.454  -7.466  1.00 29.58 ? 1076 ILE B O   1 
ATOM   1272 C CB  . ILE B 1 76 ? 15.870  0.180   -10.613 1.00 30.65 ? 1076 ILE B CB  1 
ATOM   1273 C CG1 . ILE B 1 76 ? 17.130  0.562   -11.397 1.00 30.71 ? 1076 ILE B CG1 1 
ATOM   1274 C CG2 . ILE B 1 76 ? 15.378  1.438   -9.897  1.00 31.19 ? 1076 ILE B CG2 1 
ATOM   1275 C CD1 . ILE B 1 76 ? 16.849  1.599   -12.514 1.00 33.71 ? 1076 ILE B CD1 1 
ATOM   1276 N N   . ILE B 1 77 ? 14.061  -1.822  -8.880  1.00 30.27 ? 1077 ILE B N   1 
ATOM   1277 C CA  . ILE B 1 77 ? 12.959  -2.020  -7.945  1.00 30.37 ? 1077 ILE B CA  1 
ATOM   1278 C C   . ILE B 1 77 ? 13.506  -2.721  -6.674  1.00 30.64 ? 1077 ILE B C   1 
ATOM   1279 O O   . ILE B 1 77 ? 13.128  -2.372  -5.559  1.00 29.28 ? 1077 ILE B O   1 
ATOM   1280 C CB  . ILE B 1 77 ? 11.793  -2.801  -8.668  1.00 30.39 ? 1077 ILE B CB  1 
ATOM   1281 C CG1 . ILE B 1 77 ? 11.028  -1.811  -9.581  1.00 31.40 ? 1077 ILE B CG1 1 
ATOM   1282 C CG2 . ILE B 1 77 ? 10.810  -3.380  -7.662  1.00 30.73 ? 1077 ILE B CG2 1 
ATOM   1283 C CD1 . ILE B 1 77 ? 9.889   -2.424  -10.396 1.00 32.28 ? 1077 ILE B CD1 1 
ATOM   1284 N N   . GLY B 1 78 ? 14.443  -3.659  -6.848  1.00 31.89 ? 1078 GLY B N   1 
ATOM   1285 C CA  . GLY B 1 78 ? 15.045  -4.348  -5.709  1.00 31.60 ? 1078 GLY B CA  1 
ATOM   1286 C C   . GLY B 1 78 ? 15.755  -3.376  -4.783  1.00 32.44 ? 1078 GLY B C   1 
ATOM   1287 O O   . GLY B 1 78 ? 15.634  -3.476  -3.544  1.00 32.38 ? 1078 GLY B O   1 
ATOM   1288 N N   . ASP B 1 79 ? 16.472  -2.418  -5.370  1.00 32.49 ? 1079 ASP B N   1 
ATOM   1289 C CA  . ASP B 1 79 ? 17.181  -1.395  -4.597  1.00 33.73 ? 1079 ASP B CA  1 
ATOM   1290 C C   . ASP B 1 79 ? 16.195  -0.504  -3.852  1.00 33.35 ? 1079 ASP B C   1 
ATOM   1291 O O   . ASP B 1 79 ? 16.422  -0.135  -2.706  1.00 33.59 ? 1079 ASP B O   1 
ATOM   1292 C CB  . ASP B 1 79 ? 18.039  -0.466  -5.500  1.00 35.54 ? 1079 ASP B CB  1 
ATOM   1293 C CG  . ASP B 1 79 ? 19.250  -1.185  -6.135  1.00 38.54 ? 1079 ASP B CG  1 
ATOM   1294 O OD1 . ASP B 1 79 ? 19.589  -2.324  -5.704  1.00 39.15 ? 1079 ASP B OD1 1 
ATOM   1295 O OD2 . ASP B 1 79 ? 19.869  -0.601  -7.065  1.00 36.84 ? 1079 ASP B OD2 1 
ATOM   1296 N N   . LEU B 1 80 ? 15.111  -0.111  -4.516  1.00 32.16 ? 1080 LEU B N   1 
ATOM   1297 C CA  . LEU B 1 80 ? 14.141  0.760   -3.855  1.00 31.27 ? 1080 LEU B CA  1 
ATOM   1298 C C   . LEU B 1 80 ? 13.566  0.008   -2.683  1.00 30.86 ? 1080 LEU B C   1 
ATOM   1299 O O   . LEU B 1 80 ? 13.288  0.569   -1.627  1.00 31.58 ? 1080 LEU B O   1 
ATOM   1300 C CB  . LEU B 1 80 ? 13.001  1.134   -4.811  1.00 29.73 ? 1080 LEU B CB  1 
ATOM   1301 C CG  . LEU B 1 80 ? 13.460  2.132   -5.859  1.00 30.05 ? 1080 LEU B CG  1 
ATOM   1302 C CD1 . LEU B 1 80 ? 12.424  2.263   -6.975  1.00 29.99 ? 1080 LEU B CD1 1 
ATOM   1303 C CD2 . LEU B 1 80 ? 13.698  3.459   -5.164  1.00 28.74 ? 1080 LEU B CD2 1 
ATOM   1304 N N   . SER B 1 81 ? 13.392  -1.282  -2.893  1.00 31.20 ? 1081 SER B N   1 
ATOM   1305 C CA  . SER B 1 81 ? 12.811  -2.132  -1.887  1.00 32.76 ? 1081 SER B CA  1 
ATOM   1306 C C   . SER B 1 81 ? 13.762  -2.593  -0.760  1.00 33.33 ? 1081 SER B C   1 
ATOM   1307 O O   . SER B 1 81 ? 13.550  -2.237  0.398   1.00 32.06 ? 1081 SER B O   1 
ATOM   1308 C CB  . SER B 1 81 ? 12.200  -3.345  -2.570  1.00 31.95 ? 1081 SER B CB  1 
ATOM   1309 O OG  . SER B 1 81 ? 11.624  -4.165  -1.585  1.00 36.14 ? 1081 SER B OG  1 
ATOM   1310 N N   . ASP B 1 82 ? 14.793  -3.374  -1.106  1.00 35.01 ? 1082 ASP B N   1 
ATOM   1311 C CA  . ASP B 1 82 ? 15.732  -3.927  -0.117  1.00 37.98 ? 1082 ASP B CA  1 
ATOM   1312 C C   . ASP B 1 82 ? 16.838  -3.021  0.423   1.00 39.27 ? 1082 ASP B C   1 
ATOM   1313 O O   . ASP B 1 82 ? 17.362  -3.275  1.507   1.00 40.89 ? 1082 ASP B O   1 
ATOM   1314 C CB  . ASP B 1 82 ? 16.412  -5.184  -0.668  1.00 39.82 ? 1082 ASP B CB  1 
ATOM   1315 C CG  . ASP B 1 82 ? 15.428  -6.264  -1.086  1.00 42.05 ? 1082 ASP B CG  1 
ATOM   1316 O OD1 . ASP B 1 82 ? 14.413  -6.464  -0.376  1.00 42.96 ? 1082 ASP B OD1 1 
ATOM   1317 O OD2 . ASP B 1 82 ? 15.686  -6.919  -2.127  1.00 42.84 ? 1082 ASP B OD2 1 
ATOM   1318 N N   . ARG B 1 83 ? 17.238  -2.004  -0.333  1.00 39.99 ? 1083 ARG B N   1 
ATOM   1319 C CA  . ARG B 1 83 ? 18.289  -1.111  0.131   1.00 41.00 ? 1083 ARG B CA  1 
ATOM   1320 C C   . ARG B 1 83 ? 17.724  0.183   0.710   1.00 40.24 ? 1083 ARG B C   1 
ATOM   1321 O O   . ARG B 1 83 ? 17.879  0.467   1.908   1.00 40.79 ? 1083 ARG B O   1 
ATOM   1322 C CB  . ARG B 1 83 ? 19.249  -0.761  -1.008  1.00 43.85 ? 1083 ARG B CB  1 
ATOM   1323 C CG  . ARG B 1 83 ? 19.982  -1.934  -1.649  1.00 47.55 ? 1083 ARG B CG  1 
ATOM   1324 C CD  . ARG B 1 83 ? 21.162  -1.413  -2.495  1.00 50.91 ? 1083 ARG B CD  1 
ATOM   1325 N NE  . ARG B 1 83 ? 21.689  -2.432  -3.407  1.00 53.98 ? 1083 ARG B NE  1 
ATOM   1326 C CZ  . ARG B 1 83 ? 22.648  -2.216  -4.311  1.00 55.60 ? 1083 ARG B CZ  1 
ATOM   1327 N NH1 . ARG B 1 83 ? 23.202  -1.011  -4.427  1.00 56.23 ? 1083 ARG B NH1 1 
ATOM   1328 N NH2 . ARG B 1 83 ? 23.040  -3.198  -5.126  1.00 56.77 ? 1083 ARG B NH2 1 
ATOM   1329 N N   . GLU B 1 84 ? 17.073  0.964   -0.142  1.00 38.11 ? 1084 GLU B N   1 
ATOM   1330 C CA  . GLU B 1 84 ? 16.499  2.238   0.267   1.00 37.93 ? 1084 GLU B CA  1 
ATOM   1331 C C   . GLU B 1 84 ? 15.299  2.131   1.201   1.00 37.13 ? 1084 GLU B C   1 
ATOM   1332 O O   . GLU B 1 84 ? 14.962  3.101   1.904   1.00 36.97 ? 1084 GLU B O   1 
ATOM   1333 C CB  . GLU B 1 84 ? 16.084  3.053   -0.960  1.00 38.50 ? 1084 GLU B CB  1 
ATOM   1334 C CG  . GLU B 1 84 ? 17.249  3.575   -1.757  1.00 40.88 ? 1084 GLU B CG  1 
ATOM   1335 C CD  . GLU B 1 84 ? 18.250  4.304   -0.883  1.00 42.73 ? 1084 GLU B CD  1 
ATOM   1336 O OE1 . GLU B 1 84 ? 17.869  5.279   -0.190  1.00 42.64 ? 1084 GLU B OE1 1 
ATOM   1337 O OE2 . GLU B 1 84 ? 19.429  3.889   -0.883  1.00 44.94 ? 1084 GLU B OE2 1 
ATOM   1338 N N   . ARG B 1 85 ? 14.640  0.977   1.195   1.00 34.54 ? 1085 ARG B N   1 
ATOM   1339 C CA  . ARG B 1 85 ? 13.469  0.802   2.040   1.00 33.98 ? 1085 ARG B CA  1 
ATOM   1340 C C   . ARG B 1 85 ? 12.392  1.902   1.913   1.00 31.18 ? 1085 ARG B C   1 
ATOM   1341 O O   . ARG B 1 85 ? 11.869  2.371   2.910   1.00 31.73 ? 1085 ARG B O   1 
ATOM   1342 C CB  . ARG B 1 85 ? 13.907  0.660   3.503   1.00 36.56 ? 1085 ARG B CB  1 
ATOM   1343 C CG  . ARG B 1 85 ? 14.896  -0.503  3.712   1.00 40.22 ? 1085 ARG B CG  1 
ATOM   1344 C CD  . ARG B 1 85 ? 14.789  -1.081  5.110   1.00 45.02 ? 1085 ARG B CD  1 
ATOM   1345 N NE  . ARG B 1 85 ? 15.631  -2.269  5.317   1.00 49.41 ? 1085 ARG B NE  1 
ATOM   1346 C CZ  . ARG B 1 85 ? 15.727  -3.312  4.481   1.00 52.27 ? 1085 ARG B CZ  1 
ATOM   1347 N NH1 . ARG B 1 85 ? 15.034  -3.353  3.347   1.00 52.85 ? 1085 ARG B NH1 1 
ATOM   1348 N NH2 . ARG B 1 85 ? 16.537  -4.330  4.776   1.00 54.14 ? 1085 ARG B NH2 1 
ATOM   1349 N N   . VAL B 1 86 ? 12.067  2.323   0.692   1.00 28.26 ? 1086 VAL B N   1 
ATOM   1350 C CA  . VAL B 1 86 ? 11.012  3.322   0.500   1.00 26.03 ? 1086 VAL B CA  1 
ATOM   1351 C C   . VAL B 1 86 ? 9.842   2.701   -0.282  1.00 25.68 ? 1086 VAL B C   1 
ATOM   1352 O O   . VAL B 1 86 ? 8.715   3.200   -0.221  1.00 26.06 ? 1086 VAL B O   1 
ATOM   1353 C CB  . VAL B 1 86 ? 11.505  4.584   -0.263  1.00 25.91 ? 1086 VAL B CB  1 
ATOM   1354 C CG1 . VAL B 1 86 ? 12.660  5.235   0.516   1.00 27.19 ? 1086 VAL B CG1 1 
ATOM   1355 C CG2 . VAL B 1 86 ? 11.923  4.215   -1.702  1.00 24.87 ? 1086 VAL B CG2 1 
ATOM   1356 N N   . LEU B 1 87 ? 10.115  1.600   -0.984  1.00 24.00 ? 1087 LEU B N   1 
ATOM   1357 C CA  . LEU B 1 87 ? 9.114   0.896   -1.794  1.00 24.25 ? 1087 LEU B CA  1 
ATOM   1358 C C   . LEU B 1 87 ? 8.228   -0.052  -0.999  1.00 24.37 ? 1087 LEU B C   1 
ATOM   1359 O O   . LEU B 1 87 ? 8.675   -1.107  -0.518  1.00 23.54 ? 1087 LEU B O   1 
ATOM   1360 C CB  . LEU B 1 87 ? 9.778   0.116   -2.938  1.00 23.53 ? 1087 LEU B CB  1 
ATOM   1361 C CG  . LEU B 1 87 ? 8.757   -0.329  -3.990  1.00 24.60 ? 1087 LEU B CG  1 
ATOM   1362 C CD1 . LEU B 1 87 ? 8.157   0.927   -4.647  1.00 22.19 ? 1087 LEU B CD1 1 
ATOM   1363 C CD2 . LEU B 1 87 ? 9.409   -1.263  -5.039  1.00 21.60 ? 1087 LEU B CD2 1 
ATOM   1364 N N   . ILE B 1 88 ? 6.965   0.355   -0.848  1.00 23.49 ? 1088 ILE B N   1 
ATOM   1365 C CA  . ILE B 1 88 ? 5.962   -0.419  -0.149  1.00 21.97 ? 1088 ILE B CA  1 
ATOM   1366 C C   . ILE B 1 88 ? 5.515   -1.555  -1.045  1.00 21.68 ? 1088 ILE B C   1 
ATOM   1367 O O   . ILE B 1 88 ? 5.482   -2.743  -0.646  1.00 22.39 ? 1088 ILE B O   1 
ATOM   1368 C CB  . ILE B 1 88 ? 4.735   0.463   0.169   1.00 23.58 ? 1088 ILE B CB  1 
ATOM   1369 C CG1 . ILE B 1 88 ? 5.163   1.631   1.076   1.00 22.60 ? 1088 ILE B CG1 1 
ATOM   1370 C CG2 . ILE B 1 88 ? 3.650   -0.361  0.889   1.00 22.05 ? 1088 ILE B CG2 1 
ATOM   1371 C CD1 . ILE B 1 88 ? 4.071   2.780   1.144   1.00 23.03 ? 1088 ILE B CD1 1 
ATOM   1372 N N   . GLY B 1 89 ? 5.174   -1.194  -2.281  1.00 20.88 ? 1089 GLY B N   1 
ATOM   1373 C CA  . GLY B 1 89 ? 4.706   -2.186  -3.215  1.00 16.98 ? 1089 GLY B CA  1 
ATOM   1374 C C   . GLY B 1 89 ? 4.478   -1.614  -4.598  1.00 19.29 ? 1089 GLY B C   1 
ATOM   1375 O O   . GLY B 1 89 ? 4.851   -0.452  -4.874  1.00 17.95 ? 1089 GLY B O   1 
ATOM   1376 N N   . LEU B 1 90 ? 3.782   -2.410  -5.420  1.00 16.93 ? 1090 LEU B N   1 
ATOM   1377 C CA  . LEU B 1 90 ? 3.513   -2.112  -6.808  1.00 20.73 ? 1090 LEU B CA  1 
ATOM   1378 C C   . LEU B 1 90 ? 2.106   -2.489  -7.244  1.00 20.73 ? 1090 LEU B C   1 
ATOM   1379 O O   . LEU B 1 90 ? 1.370   -3.190  -6.544  1.00 19.95 ? 1090 LEU B O   1 
ATOM   1380 C CB  . LEU B 1 90 ? 4.438   -2.937  -7.729  1.00 21.07 ? 1090 LEU B CB  1 
ATOM   1381 C CG  . LEU B 1 90 ? 5.935   -3.000  -7.386  1.00 25.18 ? 1090 LEU B CG  1 
ATOM   1382 C CD1 . LEU B 1 90 ? 6.679   -4.194  -8.074  1.00 23.21 ? 1090 LEU B CD1 1 
ATOM   1383 C CD2 . LEU B 1 90 ? 6.500   -1.660  -7.804  1.00 24.21 ? 1090 LEU B CD2 1 
ATOM   1384 N N   . ASP B 1 91 ? 1.770   -1.985  -8.420  1.00 21.10 ? 1091 ASP B N   1 
ATOM   1385 C CA  . ASP B 1 91 ? 0.554   -2.398  -9.091  1.00 24.28 ? 1091 ASP B CA  1 
ATOM   1386 C C   . ASP B 1 91 ? 0.949   -2.361  -10.552 1.00 24.84 ? 1091 ASP B C   1 
ATOM   1387 O O   . ASP B 1 91 ? 1.824   -1.587  -10.957 1.00 25.09 ? 1091 ASP B O   1 
ATOM   1388 C CB  . ASP B 1 91 ? -0.657  -1.517  -8.842  1.00 24.87 ? 1091 ASP B CB  1 
ATOM   1389 C CG  . ASP B 1 91 ? -1.958  -2.201  -9.317  1.00 27.00 ? 1091 ASP B CG  1 
ATOM   1390 O OD1 . ASP B 1 91 ? -1.939  -3.428  -9.622  1.00 26.35 ? 1091 ASP B OD1 1 
ATOM   1391 O OD2 . ASP B 1 91 ? -2.986  -1.526  -9.368  1.00 27.87 ? 1091 ASP B OD2 1 
ATOM   1392 N N   . LEU B 1 92 ? 0.369   -3.249  -11.339 1.00 25.77 ? 1092 LEU B N   1 
ATOM   1393 C CA  . LEU B 1 92 ? 0.697   -3.272  -12.745 1.00 27.83 ? 1092 LEU B CA  1 
ATOM   1394 C C   . LEU B 1 92 ? -0.626  -3.293  -13.500 1.00 29.69 ? 1092 LEU B C   1 
ATOM   1395 O O   . LEU B 1 92 ? -1.473  -4.139  -13.246 1.00 29.68 ? 1092 LEU B O   1 
ATOM   1396 C CB  . LEU B 1 92 ? 1.541   -4.512  -13.066 1.00 28.11 ? 1092 LEU B CB  1 
ATOM   1397 C CG  . LEU B 1 92 ? 1.907   -4.621  -14.536 1.00 29.06 ? 1092 LEU B CG  1 
ATOM   1398 C CD1 . LEU B 1 92 ? 2.691   -3.356  -14.922 1.00 29.08 ? 1092 LEU B CD1 1 
ATOM   1399 C CD2 . LEU B 1 92 ? 2.679   -5.927  -14.789 1.00 28.36 ? 1092 LEU B CD2 1 
ATOM   1400 N N   . LEU B 1 93 ? -0.809  -2.353  -14.415 1.00 30.06 ? 1093 LEU B N   1 
ATOM   1401 C CA  . LEU B 1 93 ? -2.055  -2.301  -15.158 1.00 32.07 ? 1093 LEU B CA  1 
ATOM   1402 C C   . LEU B 1 93 ? -1.777  -2.541  -16.623 1.00 32.92 ? 1093 LEU B C   1 
ATOM   1403 O O   . LEU B 1 93 ? -0.691  -2.253  -17.101 1.00 31.82 ? 1093 LEU B O   1 
ATOM   1404 C CB  . LEU B 1 93 ? -2.722  -0.924  -14.990 1.00 31.82 ? 1093 LEU B CB  1 
ATOM   1405 C CG  . LEU B 1 93 ? -2.854  -0.273  -13.608 1.00 31.23 ? 1093 LEU B CG  1 
ATOM   1406 C CD1 . LEU B 1 93 ? -3.596  1.044   -13.782 1.00 30.96 ? 1093 LEU B CD1 1 
ATOM   1407 C CD2 . LEU B 1 93 ? -3.623  -1.187  -12.641 1.00 31.90 ? 1093 LEU B CD2 1 
ATOM   1408 N N   . TYR B 1 94 ? -2.742  -3.102  -17.335 1.00 35.39 ? 1094 TYR B N   1 
ATOM   1409 C CA  . TYR B 1 94 ? -2.555  -3.301  -18.773 1.00 39.30 ? 1094 TYR B CA  1 
ATOM   1410 C C   . TYR B 1 94 ? -3.827  -2.733  -19.365 1.00 41.14 ? 1094 TYR B C   1 
ATOM   1411 O O   . TYR B 1 94 ? -4.858  -3.395  -19.394 1.00 40.97 ? 1094 TYR B O   1 
ATOM   1412 C CB  . TYR B 1 94 ? -2.398  -4.777  -19.146 1.00 39.39 ? 1094 TYR B CB  1 
ATOM   1413 C CG  . TYR B 1 94 ? -1.966  -4.949  -20.582 1.00 42.05 ? 1094 TYR B CG  1 
ATOM   1414 C CD1 . TYR B 1 94 ? -2.728  -5.698  -21.486 1.00 42.30 ? 1094 TYR B CD1 1 
ATOM   1415 C CD2 . TYR B 1 94 ? -0.811  -4.321  -21.052 1.00 43.47 ? 1094 TYR B CD2 1 
ATOM   1416 C CE1 . TYR B 1 94 ? -2.353  -5.816  -22.830 1.00 43.75 ? 1094 TYR B CE1 1 
ATOM   1417 C CE2 . TYR B 1 94 ? -0.421  -4.426  -22.395 1.00 44.54 ? 1094 TYR B CE2 1 
ATOM   1418 C CZ  . TYR B 1 94 ? -1.195  -5.174  -23.281 1.00 44.99 ? 1094 TYR B CZ  1 
ATOM   1419 O OH  . TYR B 1 94 ? -0.810  -5.260  -24.613 1.00 45.60 ? 1094 TYR B OH  1 
ATOM   1420 N N   . GLU B 1 95 ? -3.752  -1.494  -19.827 1.00 43.98 ? 1095 GLU B N   1 
ATOM   1421 C CA  . GLU B 1 95 ? -4.947  -0.837  -20.334 1.00 47.06 ? 1095 GLU B CA  1 
ATOM   1422 C C   . GLU B 1 95 ? -4.696  0.184   -21.449 1.00 48.62 ? 1095 GLU B C   1 
ATOM   1423 O O   . GLU B 1 95 ? -3.559  0.570   -21.730 1.00 48.65 ? 1095 GLU B O   1 
ATOM   1424 C CB  . GLU B 1 95 ? -5.647  -0.156  -19.161 1.00 46.87 ? 1095 GLU B CB  1 
ATOM   1425 C CG  . GLU B 1 95 ? -4.868  1.030   -18.641 1.00 48.96 ? 1095 GLU B CG  1 
ATOM   1426 C CD  . GLU B 1 95 ? -5.398  1.577   -17.321 1.00 50.54 ? 1095 GLU B CD  1 
ATOM   1427 O OE1 . GLU B 1 95 ? -4.935  2.682   -16.917 1.00 51.27 ? 1095 GLU B OE1 1 
ATOM   1428 O OE2 . GLU B 1 95 ? -6.258  0.905   -16.693 1.00 50.69 ? 1095 GLU B OE2 1 
ATOM   1429 N N   . GLU B 1 96 ? -5.776  0.625   -22.079 1.00 51.34 ? 1096 GLU B N   1 
ATOM   1430 C CA  . GLU B 1 96 ? -5.665  1.600   -23.162 1.00 54.09 ? 1096 GLU B CA  1 
ATOM   1431 C C   . GLU B 1 96 ? -5.349  2.978   -22.606 1.00 54.91 ? 1096 GLU B C   1 
ATOM   1432 O O   . GLU B 1 96 ? -5.996  3.435   -21.666 1.00 55.44 ? 1096 GLU B O   1 
ATOM   1433 C CB  . GLU B 1 96 ? -6.967  1.665   -23.953 1.00 55.06 ? 1096 GLU B CB  1 
ATOM   1434 C CG  . GLU B 1 96 ? -7.507  0.306   -24.370 1.00 57.59 ? 1096 GLU B CG  1 
ATOM   1435 C CD  . GLU B 1 96 ? -8.516  0.425   -25.496 1.00 59.72 ? 1096 GLU B CD  1 
ATOM   1436 O OE1 . GLU B 1 96 ? -9.499  1.201   -25.333 1.00 60.43 ? 1096 GLU B OE1 1 
ATOM   1437 O OE2 . GLU B 1 96 ? -8.320  -0.248  -26.543 1.00 60.29 ? 1096 GLU B OE2 1 
ATOM   1438 N N   . LEU B 1 97 ? -4.347  3.630   -23.188 1.00 56.01 ? 1097 LEU B N   1 
ATOM   1439 C CA  . LEU B 1 97 ? -3.932  4.965   -22.764 1.00 56.73 ? 1097 LEU B CA  1 
ATOM   1440 C C   . LEU B 1 97 ? -3.910  5.909   -23.955 1.00 57.28 ? 1097 LEU B C   1 
ATOM   1441 O O   . LEU B 1 97 ? -3.580  5.509   -25.081 1.00 56.72 ? 1097 LEU B O   1 
ATOM   1442 C CB  . LEU B 1 97 ? -2.535  4.911   -22.126 1.00 57.01 ? 1097 LEU B CB  1 
ATOM   1443 C CG  . LEU B 1 97 ? -2.407  4.733   -20.601 1.00 57.17 ? 1097 LEU B CG  1 
ATOM   1444 C CD1 . LEU B 1 97 ? -3.460  3.781   -20.069 1.00 57.38 ? 1097 LEU B CD1 1 
ATOM   1445 C CD2 . LEU B 1 97 ? -1.012  4.227   -20.280 1.00 56.60 ? 1097 LEU B CD2 1 
ATOM   1446 N N   . THR B 1 98 ? -4.262  7.165   -23.706 1.00 57.94 ? 1098 THR B N   1 
ATOM   1447 C CA  . THR B 1 98 ? -4.269  8.169   -24.767 1.00 58.95 ? 1098 THR B CA  1 
ATOM   1448 C C   . THR B 1 98 ? -2.943  8.927   -24.755 1.00 59.31 ? 1098 THR B C   1 
ATOM   1449 O O   . THR B 1 98 ? -2.461  9.288   -25.852 1.00 59.53 ? 1098 THR B O   1 
ATOM   1450 C CB  . THR B 1 98 ? -5.420  9.176   -24.579 1.00 58.88 ? 1098 THR B CB  1 
ATOM   1451 O OG1 . THR B 1 98 ? -5.222  9.911   -23.361 1.00 58.51 ? 1098 THR B OG1 1 
ATOM   1452 C CG2 . THR B 1 98 ? -6.760  8.445   -24.521 1.00 58.77 ? 1098 THR B CG2 1 
HETATM 1453 O O   . HOH C 2 .  ? -8.107  3.698   0.732   1.00 25.37 ? 109  HOH A O   1 
HETATM 1454 O O   . HOH C 2 .  ? -2.786  -8.381  3.400   1.00 25.44 ? 110  HOH A O   1 
HETATM 1455 O O   . HOH C 2 .  ? -13.239 -10.594 17.712  1.00 35.23 ? 111  HOH A O   1 
HETATM 1456 O O   . HOH C 2 .  ? 6.466   -5.465  -1.215  1.00 30.58 ? 112  HOH A O   1 
HETATM 1457 O O   . HOH C 2 .  ? -8.118  4.942   3.564   1.00 33.82 ? 113  HOH A O   1 
HETATM 1458 O O   . HOH C 2 .  ? 4.315   -1.626  11.701  1.00 34.27 ? 114  HOH A O   1 
HETATM 1459 O O   . HOH C 2 .  ? -0.922  -4.298  15.432  1.00 39.95 ? 115  HOH A O   1 
HETATM 1460 O O   . HOH C 2 .  ? -3.369  -11.930 0.088   1.00 27.17 ? 116  HOH A O   1 
HETATM 1461 O O   . HOH C 2 .  ? 5.642   6.158   12.465  1.00 38.49 ? 117  HOH A O   1 
HETATM 1462 O O   . HOH C 2 .  ? -6.271  -7.762  17.688  1.00 42.45 ? 118  HOH A O   1 
HETATM 1463 O O   . HOH C 2 .  ? -3.129  8.609   21.548  1.00 41.64 ? 119  HOH A O   1 
HETATM 1464 O O   . HOH C 2 .  ? 4.099   8.428   12.749  1.00 36.32 ? 120  HOH A O   1 
HETATM 1465 O O   . HOH C 2 .  ? -2.752  11.132  23.369  1.00 35.95 ? 121  HOH A O   1 
HETATM 1466 O O   . HOH C 2 .  ? -3.058  -14.727 0.981   1.00 34.77 ? 122  HOH A O   1 
HETATM 1467 O O   . HOH C 2 .  ? -8.246  -11.047 0.736   0.50 46.36 ? 123  HOH A O   1 
HETATM 1468 O O   . HOH C 2 .  ? -2.037  5.412   12.947  1.00 25.41 ? 124  HOH A O   1 
HETATM 1469 O O   . HOH C 2 .  ? 0.770   -10.051 -1.455  1.00 34.49 ? 125  HOH A O   1 
HETATM 1470 O O   . HOH C 2 .  ? -7.960  -12.708 18.518  1.00 52.92 ? 126  HOH A O   1 
HETATM 1471 O O   . HOH C 2 .  ? 4.092   -3.385  4.331   1.00 62.19 ? 127  HOH A O   1 
HETATM 1472 O O   . HOH C 2 .  ? -14.610 -3.886  26.658  1.00 56.99 ? 128  HOH A O   1 
HETATM 1473 O O   . HOH C 2 .  ? -2.664  0.164   17.709  1.00 42.98 ? 129  HOH A O   1 
HETATM 1474 O O   . HOH C 2 .  ? -20.456 -6.064  25.603  1.00 48.44 ? 130  HOH A O   1 
HETATM 1475 O O   . HOH C 2 .  ? 1.755   1.003   15.033  1.00 48.72 ? 131  HOH A O   1 
HETATM 1476 O O   . HOH C 2 .  ? 2.065   10.983  10.118  1.00 52.67 ? 132  HOH A O   1 
HETATM 1477 O O   . HOH C 2 .  ? -17.409 4.061   20.276  1.00 61.61 ? 133  HOH A O   1 
HETATM 1478 O O   . HOH C 2 .  ? -21.699 3.262   14.071  1.00 43.76 ? 134  HOH A O   1 
HETATM 1479 O O   . HOH C 2 .  ? -3.859  -16.067 2.911   0.50 44.54 ? 135  HOH A O   1 
HETATM 1480 O O   . HOH C 2 .  ? 2.353   -13.318 4.236   1.00 48.59 ? 136  HOH A O   1 
HETATM 1481 O O   . HOH C 2 .  ? -0.354  12.245  9.361   1.00 51.26 ? 137  HOH A O   1 
HETATM 1482 O O   . HOH D 2 .  ? 8.783   -3.272  -1.763  1.00 28.15 ? 1    HOH B O   1 
HETATM 1483 O O   . HOH D 2 .  ? -5.419  -3.655  -15.840 1.00 26.82 ? 5    HOH B O   1 
HETATM 1484 O O   . HOH D 2 .  ? -3.510  0.647   -8.207  1.00 33.64 ? 6    HOH B O   1 
HETATM 1485 O O   . HOH D 2 .  ? 2.085   11.117  -4.593  1.00 24.84 ? 7    HOH B O   1 
HETATM 1486 O O   . HOH D 2 .  ? 11.149  7.548   -3.257  1.00 26.89 ? 11   HOH B O   1 
HETATM 1487 O O   . HOH D 2 .  ? -2.900  5.862   -8.951  1.00 42.54 ? 17   HOH B O   1 
HETATM 1488 O O   . HOH D 2 .  ? -8.803  -1.797  -3.910  1.00 41.62 ? 18   HOH B O   1 
HETATM 1489 O O   . HOH D 2 .  ? 17.890  3.142   -26.633 1.00 45.15 ? 21   HOH B O   1 
HETATM 1490 O O   . HOH D 2 .  ? 14.725  -3.242  -25.031 1.00 39.74 ? 22   HOH B O   1 
HETATM 1491 O O   . HOH D 2 .  ? 5.722   7.339   -18.221 1.00 45.95 ? 28   HOH B O   1 
HETATM 1492 O O   . HOH D 2 .  ? -3.438  -5.314  -12.023 1.00 44.60 ? 31   HOH B O   1 
HETATM 1493 O O   . HOH D 2 .  ? 3.519   -15.831 -7.993  1.00 36.37 ? 35   HOH B O   1 
HETATM 1494 O O   . HOH D 2 .  ? -6.028  -5.482  -19.043 1.00 44.37 ? 36   HOH B O   1 
HETATM 1495 O O   . HOH D 2 .  ? 15.787  -10.852 -11.268 1.00 50.48 ? 37   HOH B O   1 
HETATM 1496 O O   . HOH D 2 .  ? -8.406  -0.828  -21.422 1.00 42.95 ? 38   HOH B O   1 
HETATM 1497 O O   . HOH D 2 .  ? -2.377  2.013   -24.585 1.00 43.47 ? 40   HOH B O   1 
HETATM 1498 O O   . HOH D 2 .  ? -12.555 6.144   -4.314  1.00 37.78 ? 41   HOH B O   1 
HETATM 1499 O O   . HOH D 2 .  ? 17.632  -8.002  -12.490 1.00 46.73 ? 42   HOH B O   1 
HETATM 1500 O O   . HOH D 2 .  ? -3.014  4.528   -6.511  1.00 42.82 ? 43   HOH B O   1 
HETATM 1501 O O   . HOH D 2 .  ? -2.194  5.869   -1.715  1.00 33.66 ? 44   HOH B O   1 
HETATM 1502 O O   . HOH D 2 .  ? -5.477  2.059   -10.406 1.00 46.16 ? 45   HOH B O   1 
HETATM 1503 O O   . HOH D 2 .  ? -3.413  7.011   -3.622  1.00 51.19 ? 49   HOH B O   1 
HETATM 1504 O O   . HOH D 2 .  ? -6.125  -1.622  -9.949  1.00 44.48 ? 50   HOH B O   1 
HETATM 1505 O O   . HOH D 2 .  ? 10.000  12.080  1.683   1.00 54.69 ? 51   HOH B O   1 
HETATM 1506 O O   . HOH D 2 .  ? 4.515   5.188   -22.244 1.00 42.04 ? 54   HOH B O   1 
HETATM 1507 O O   . HOH D 2 .  ? 16.360  13.232  -1.852  1.00 57.48 ? 60   HOH B O   1 
HETATM 1508 O O   . HOH D 2 .  ? 1.484   11.555  -15.889 1.00 51.47 ? 63   HOH B O   1 
HETATM 1509 O O   . HOH D 2 .  ? -4.695  10.550  -0.417  1.00 42.88 ? 67   HOH B O   1 
HETATM 1510 O O   . HOH D 2 .  ? 17.457  -4.592  -27.154 1.00 57.87 ? 68   HOH B O   1 
HETATM 1511 O O   . HOH D 2 .  ? 7.124   9.547   -12.976 1.00 53.22 ? 70   HOH B O   1 
HETATM 1512 O O   . HOH D 2 .  ? 9.301   3.671   -30.325 1.00 54.13 ? 71   HOH B O   1 
HETATM 1513 O O   . HOH D 2 .  ? -0.198  6.970   -16.594 1.00 52.20 ? 73   HOH B O   1 
HETATM 1514 O O   . HOH D 2 .  ? 11.990  -6.947  -3.214  1.00 54.89 ? 75   HOH B O   1 
HETATM 1515 O O   . HOH D 2 .  ? -18.958 3.310   -2.294  1.00 63.35 ? 76   HOH B O   1 
HETATM 1516 O O   . HOH D 2 .  ? 10.261  13.325  -5.651  1.00 64.11 ? 77   HOH B O   1 
HETATM 1517 O O   . HOH D 2 .  ? 11.782  7.003   -30.888 1.00 39.97 ? 79   HOH B O   1 
HETATM 1518 O O   . HOH D 2 .  ? 2.893   7.056   -22.291 1.00 52.50 ? 80   HOH B O   1 
HETATM 1519 O O   . HOH D 2 .  ? 21.634  13.297  -7.970  1.00 54.74 ? 81   HOH B O   1 
# 
